data_9DYJ
#
_entry.id   9DYJ
#
_cell.length_a   1.00
_cell.length_b   1.00
_cell.length_c   1.00
_cell.angle_alpha   90.00
_cell.angle_beta   90.00
_cell.angle_gamma   90.00
#
_symmetry.space_group_name_H-M   'P 1'
#
loop_
_entity.id
_entity.type
_entity.pdbx_description
1 polymer Bestrophin-2a
2 non-polymer 'CALCIUM ION'
3 non-polymer 'GAMMA-AMINO-BUTANOIC ACID'
4 non-polymer 'CHLORIDE ION'
#
_entity_poly.entity_id   1
_entity_poly.type   'polypeptide(L)'
_entity_poly.pdbx_seq_one_letter_code
;MTVTYTARVANARFGGFSQLLLLWRGSIYKLLWRELLCFLGFYMALSAAYRFVLTEGQKRYFEKLVIYCDQYASLIPVSF
VLGFYVTLVVNRWWSQYLCMPLPDALMCVVAGTVHGRDDRGRLYRRTLMRYAGLSAVLILRSVSTAVFKRFPTIDHVVEA
GFMTREERKKFENLNSSYNKYWVPCVWFSNLAAQARREGRIRDNSALKLLLEELNVFRGKCGMLFHYDWISVPLVYTQVV
TIALYSYFLACLIGRQFLDPAQGYKDHDLDLCVPIFTLLQFFFYAGWLKVAEQLINPFGEDDDDFETNFLIDRNFQVSML
AVDEMYDDLAVLEKDLYWDAAEARAPYTAATVFQLRQPSFQGSTFDITLAKEDMQFQRLDGLDGPMGEAPGDFLQRLLPA
GAGMVAGGPLGRRLSFLLRKNSCVSEASTGASCSCAVVPEGAAPECSCGDPLLDPGLPEPEAPPPAGPEPLTLIPGPVEP
FSIVTMPGPRGPAPPWLPSPIGEEEENLA
;
_entity_poly.pdbx_strand_id   E,B,C,D,A
#
# COMPACT_ATOMS: atom_id res chain seq x y z
N THR A 2 23.28 5.25 -9.81
CA THR A 2 23.07 4.46 -8.60
C THR A 2 24.34 4.36 -7.77
N VAL A 3 24.30 4.87 -6.55
CA VAL A 3 25.40 4.76 -5.61
C VAL A 3 25.02 3.70 -4.59
N THR A 4 25.68 2.54 -4.67
CA THR A 4 25.38 1.40 -3.82
C THR A 4 26.28 1.41 -2.61
N TYR A 5 25.69 1.27 -1.42
CA TYR A 5 26.44 1.18 -0.18
C TYR A 5 25.89 0.08 0.72
N THR A 6 25.24 -0.92 0.12
CA THR A 6 24.60 -1.98 0.91
C THR A 6 25.62 -2.72 1.76
N ALA A 7 26.78 -3.04 1.19
CA ALA A 7 27.79 -3.80 1.92
C ALA A 7 28.30 -3.04 3.14
N ARG A 8 28.43 -1.71 3.03
CA ARG A 8 28.94 -0.92 4.14
C ARG A 8 28.00 -0.97 5.34
N VAL A 9 26.71 -1.23 5.10
CA VAL A 9 25.71 -1.19 6.15
C VAL A 9 25.13 -2.57 6.43
N ALA A 10 25.92 -3.62 6.18
CA ALA A 10 25.42 -4.98 6.42
C ALA A 10 25.07 -5.20 7.89
N ASN A 11 25.90 -4.67 8.79
CA ASN A 11 25.70 -4.81 10.22
C ASN A 11 25.59 -3.43 10.85
N ALA A 12 24.82 -3.35 11.93
CA ALA A 12 24.72 -2.12 12.72
C ALA A 12 25.95 -2.04 13.62
N ARG A 13 26.86 -1.14 13.30
CA ARG A 13 28.11 -0.98 14.01
C ARG A 13 28.10 0.32 14.80
N PHE A 14 29.15 0.51 15.61
CA PHE A 14 29.24 1.71 16.44
C PHE A 14 29.31 2.97 15.59
N GLY A 15 30.24 3.01 14.64
CA GLY A 15 30.28 4.08 13.66
C GLY A 15 29.59 3.72 12.37
N GLY A 16 28.34 3.27 12.47
CA GLY A 16 27.64 2.70 11.33
C GLY A 16 27.39 3.68 10.20
N PHE A 17 26.50 4.64 10.42
CA PHE A 17 26.17 5.63 9.40
C PHE A 17 27.14 6.80 9.37
N SER A 18 28.03 6.91 10.36
CA SER A 18 29.01 7.99 10.37
C SER A 18 29.97 7.88 9.20
N GLN A 19 30.38 6.66 8.87
CA GLN A 19 31.31 6.46 7.76
C GLN A 19 30.73 6.96 6.45
N LEU A 20 29.41 6.82 6.26
CA LEU A 20 28.77 7.23 5.02
C LEU A 20 28.76 8.73 4.83
N LEU A 21 29.05 9.51 5.86
CA LEU A 21 29.08 10.96 5.73
C LEU A 21 30.29 11.45 4.94
N LEU A 22 31.28 10.59 4.70
CA LEU A 22 32.49 10.97 3.99
C LEU A 22 32.42 10.68 2.50
N LEU A 23 31.26 10.28 2.00
CA LEU A 23 31.09 10.00 0.58
C LEU A 23 30.63 11.26 -0.14
N TRP A 24 31.23 11.50 -1.31
CA TRP A 24 30.92 12.67 -2.11
C TRP A 24 29.98 12.37 -3.27
N ARG A 25 30.33 11.40 -4.11
CA ARG A 25 29.47 11.02 -5.23
C ARG A 25 28.10 10.58 -4.70
N GLY A 26 27.05 11.12 -5.29
CA GLY A 26 25.70 10.81 -4.84
C GLY A 26 25.43 11.21 -3.41
N SER A 27 25.97 12.34 -2.97
CA SER A 27 25.84 12.81 -1.61
C SER A 27 24.94 14.04 -1.55
N ILE A 28 24.55 14.40 -0.34
CA ILE A 28 23.74 15.59 -0.14
C ILE A 28 24.58 16.85 -0.31
N TYR A 29 25.84 16.82 0.13
CA TYR A 29 26.72 17.96 -0.05
C TYR A 29 26.85 18.34 -1.51
N LYS A 30 27.09 17.34 -2.37
CA LYS A 30 27.20 17.59 -3.80
C LYS A 30 25.94 18.25 -4.35
N LEU A 31 24.77 17.81 -3.89
CA LEU A 31 23.52 18.33 -4.42
C LEU A 31 23.20 19.72 -3.89
N LEU A 32 23.70 20.08 -2.71
CA LEU A 32 23.17 21.25 -2.01
C LEU A 32 24.18 22.33 -1.65
N TRP A 33 25.47 22.16 -1.95
CA TRP A 33 26.45 23.14 -1.48
C TRP A 33 26.26 24.50 -2.15
N ARG A 34 25.88 24.52 -3.43
CA ARG A 34 25.66 25.78 -4.12
C ARG A 34 24.51 26.56 -3.48
N GLU A 35 23.40 25.89 -3.22
CA GLU A 35 22.25 26.56 -2.61
C GLU A 35 22.56 27.02 -1.19
N LEU A 36 23.27 26.18 -0.42
CA LEU A 36 23.65 26.60 0.93
C LEU A 36 24.55 27.82 0.89
N LEU A 37 25.48 27.86 -0.07
CA LEU A 37 26.36 29.01 -0.21
C LEU A 37 25.58 30.26 -0.58
N CYS A 38 24.60 30.14 -1.48
CA CYS A 38 23.79 31.30 -1.84
C CYS A 38 23.00 31.81 -0.64
N PHE A 39 22.38 30.91 0.11
CA PHE A 39 21.62 31.32 1.28
C PHE A 39 22.52 32.03 2.29
N LEU A 40 23.70 31.45 2.56
CA LEU A 40 24.62 32.06 3.50
C LEU A 40 25.10 33.42 3.02
N GLY A 41 25.36 33.55 1.73
CA GLY A 41 25.79 34.83 1.19
C GLY A 41 24.73 35.90 1.32
N PHE A 42 23.48 35.57 1.02
CA PHE A 42 22.40 36.54 1.18
C PHE A 42 22.23 36.93 2.64
N TYR A 43 22.27 35.95 3.54
CA TYR A 43 22.14 36.25 4.96
C TYR A 43 23.28 37.16 5.41
N MET A 44 24.50 36.88 4.97
CA MET A 44 25.65 37.69 5.37
C MET A 44 25.56 39.10 4.82
N ALA A 45 25.08 39.24 3.58
CA ALA A 45 24.88 40.57 3.02
C ALA A 45 23.88 41.37 3.84
N LEU A 46 22.75 40.75 4.19
CA LEU A 46 21.76 41.44 5.01
C LEU A 46 22.34 41.80 6.38
N SER A 47 23.09 40.89 6.99
CA SER A 47 23.68 41.15 8.29
C SER A 47 24.67 42.31 8.22
N ALA A 48 25.51 42.33 7.19
CA ALA A 48 26.48 43.42 7.05
C ALA A 48 25.78 44.74 6.82
N ALA A 49 24.71 44.75 6.02
CA ALA A 49 23.94 45.97 5.82
C ALA A 49 23.35 46.48 7.12
N TYR A 50 22.78 45.57 7.92
CA TYR A 50 22.22 45.97 9.20
C TYR A 50 23.29 46.51 10.14
N ARG A 51 24.47 45.88 10.13
CA ARG A 51 25.51 46.23 11.09
C ARG A 51 26.23 47.53 10.73
N PHE A 52 26.46 47.78 9.44
CA PHE A 52 27.35 48.85 9.03
C PHE A 52 26.73 49.91 8.13
N VAL A 53 25.53 49.70 7.62
CA VAL A 53 24.90 50.62 6.68
C VAL A 53 23.74 51.38 7.31
N LEU A 54 22.78 50.66 7.89
CA LEU A 54 21.57 51.29 8.39
C LEU A 54 21.89 52.27 9.51
N THR A 55 21.10 53.35 9.57
CA THR A 55 21.20 54.29 10.67
C THR A 55 20.47 53.74 11.89
N GLU A 56 20.53 54.48 13.00
CA GLU A 56 19.93 54.00 14.24
C GLU A 56 18.44 53.78 14.09
N GLY A 57 17.72 54.76 13.51
CA GLY A 57 16.30 54.59 13.30
C GLY A 57 15.97 53.49 12.31
N GLN A 58 16.75 53.43 11.23
CA GLN A 58 16.60 52.32 10.29
C GLN A 58 16.86 50.99 10.97
N LYS A 59 17.85 50.94 11.86
CA LYS A 59 18.11 49.71 12.60
C LYS A 59 16.95 49.34 13.51
N ARG A 60 16.33 50.32 14.16
CA ARG A 60 15.17 50.02 15.00
C ARG A 60 14.03 49.45 14.18
N TYR A 61 13.75 50.07 13.02
CA TYR A 61 12.70 49.53 12.15
C TYR A 61 13.06 48.14 11.65
N PHE A 62 14.32 47.92 11.30
CA PHE A 62 14.77 46.61 10.83
C PHE A 62 14.61 45.57 11.93
N GLU A 63 14.89 45.93 13.18
CA GLU A 63 14.72 45.01 14.29
C GLU A 63 13.25 44.64 14.47
N LYS A 64 12.37 45.64 14.37
CA LYS A 64 10.93 45.33 14.41
C LYS A 64 10.54 44.37 13.30
N LEU A 65 11.04 44.61 12.09
CA LEU A 65 10.71 43.74 10.96
C LEU A 65 11.27 42.33 11.16
N VAL A 66 12.46 42.22 11.73
CA VAL A 66 13.05 40.92 12.00
C VAL A 66 12.21 40.15 12.99
N ILE A 67 11.79 40.81 14.07
CA ILE A 67 10.94 40.16 15.05
C ILE A 67 9.62 39.72 14.42
N TYR A 68 9.03 40.58 13.59
CA TYR A 68 7.77 40.24 12.92
C TYR A 68 7.94 39.01 12.04
N CYS A 69 8.99 39.00 11.21
CA CYS A 69 9.23 37.86 10.33
C CYS A 69 9.49 36.59 11.12
N ASP A 70 10.29 36.68 12.19
CA ASP A 70 10.56 35.51 13.01
C ASP A 70 9.28 34.92 13.58
N GLN A 71 8.39 35.79 14.07
CA GLN A 71 7.18 35.28 14.68
C GLN A 71 6.16 34.77 13.67
N TYR A 72 6.10 35.33 12.47
CA TYR A 72 5.05 34.94 11.53
C TYR A 72 5.52 34.01 10.42
N ALA A 73 6.81 33.66 10.36
CA ALA A 73 7.25 32.74 9.32
C ALA A 73 6.76 31.32 9.57
N SER A 74 6.36 31.00 10.80
CA SER A 74 5.83 29.67 11.10
C SER A 74 4.51 29.39 10.40
N LEU A 75 3.83 30.43 9.89
CA LEU A 75 2.56 30.24 9.21
C LEU A 75 2.71 29.46 7.90
N ILE A 76 3.91 29.36 7.35
CA ILE A 76 4.15 28.64 6.12
C ILE A 76 4.32 27.15 6.45
N PRO A 77 3.44 26.28 5.97
CA PRO A 77 3.52 24.85 6.30
C PRO A 77 4.57 24.10 5.48
N VAL A 78 5.84 24.38 5.77
CA VAL A 78 6.92 23.81 4.97
C VAL A 78 6.94 22.29 5.07
N SER A 79 6.91 21.77 6.31
CA SER A 79 6.99 20.32 6.48
C SER A 79 5.73 19.64 6.00
N PHE A 80 4.57 20.26 6.22
CA PHE A 80 3.31 19.65 5.81
C PHE A 80 3.32 19.31 4.32
N VAL A 81 3.67 20.29 3.47
CA VAL A 81 3.69 20.05 2.03
C VAL A 81 4.90 19.20 1.63
N LEU A 82 6.05 19.46 2.27
CA LEU A 82 7.28 18.78 1.89
C LEU A 82 7.19 17.28 2.11
N GLY A 83 6.63 16.86 3.24
CA GLY A 83 6.54 15.43 3.53
C GLY A 83 5.68 14.69 2.52
N PHE A 84 4.50 15.25 2.22
CA PHE A 84 3.61 14.61 1.25
C PHE A 84 4.29 14.53 -0.12
N TYR A 85 4.92 15.63 -0.53
CA TYR A 85 5.58 15.64 -1.84
C TYR A 85 6.68 14.59 -1.90
N VAL A 86 7.52 14.51 -0.87
CA VAL A 86 8.63 13.59 -0.89
C VAL A 86 8.13 12.14 -0.87
N THR A 87 7.09 11.88 -0.10
CA THR A 87 6.52 10.53 -0.07
C THR A 87 6.02 10.13 -1.46
N LEU A 88 5.29 11.02 -2.11
CA LEU A 88 4.80 10.73 -3.46
C LEU A 88 5.96 10.45 -4.41
N VAL A 89 6.98 11.30 -4.36
CA VAL A 89 8.12 11.15 -5.27
C VAL A 89 8.83 9.82 -5.03
N VAL A 90 9.05 9.46 -3.76
CA VAL A 90 9.79 8.24 -3.45
C VAL A 90 9.01 7.01 -3.88
N ASN A 91 7.70 7.00 -3.63
CA ASN A 91 6.88 5.88 -4.08
C ASN A 91 6.94 5.74 -5.59
N ARG A 92 6.79 6.85 -6.31
CA ARG A 92 6.90 6.81 -7.76
C ARG A 92 8.27 6.30 -8.20
N TRP A 93 9.31 6.69 -7.47
CA TRP A 93 10.67 6.28 -7.82
C TRP A 93 10.84 4.77 -7.76
N TRP A 94 10.44 4.17 -6.64
CA TRP A 94 10.57 2.72 -6.56
C TRP A 94 9.67 2.02 -7.57
N SER A 95 8.44 2.52 -7.76
CA SER A 95 7.56 1.91 -8.76
C SER A 95 8.18 1.96 -10.14
N GLN A 96 8.79 3.10 -10.50
CA GLN A 96 9.42 3.23 -11.81
C GLN A 96 10.58 2.25 -11.96
N TYR A 97 11.38 2.07 -10.90
CA TYR A 97 12.44 1.08 -11.01
C TYR A 97 11.86 -0.31 -11.25
N LEU A 98 10.78 -0.65 -10.55
CA LEU A 98 10.18 -1.96 -10.72
C LEU A 98 9.58 -2.15 -12.11
N CYS A 99 9.39 -1.08 -12.87
CA CYS A 99 8.77 -1.17 -14.19
C CYS A 99 9.77 -1.30 -15.33
N MET A 100 11.06 -1.25 -15.05
CA MET A 100 12.05 -1.42 -16.11
C MET A 100 11.99 -2.84 -16.64
N PRO A 101 11.79 -3.05 -17.94
CA PRO A 101 11.64 -4.41 -18.45
C PRO A 101 12.94 -5.20 -18.33
N LEU A 102 12.79 -6.49 -18.03
CA LEU A 102 13.90 -7.42 -17.96
C LEU A 102 13.57 -8.66 -18.78
N PRO A 103 14.54 -9.20 -19.51
CA PRO A 103 14.29 -10.35 -20.38
C PRO A 103 14.48 -11.72 -19.75
N ASP A 104 14.67 -11.79 -18.43
CA ASP A 104 15.04 -13.04 -17.78
C ASP A 104 13.94 -14.09 -17.94
N ALA A 105 12.71 -13.73 -17.59
CA ALA A 105 11.60 -14.67 -17.73
C ALA A 105 11.42 -15.09 -19.18
N LEU A 106 11.47 -14.11 -20.09
CA LEU A 106 11.32 -14.41 -21.51
C LEU A 106 12.45 -15.30 -22.01
N MET A 107 13.68 -15.04 -21.56
CA MET A 107 14.80 -15.86 -22.04
C MET A 107 14.71 -17.29 -21.51
N CYS A 108 14.29 -17.46 -20.26
CA CYS A 108 14.07 -18.82 -19.76
C CYS A 108 13.00 -19.54 -20.55
N VAL A 109 11.89 -18.86 -20.82
CA VAL A 109 10.81 -19.49 -21.57
C VAL A 109 11.27 -19.83 -22.98
N VAL A 110 12.00 -18.92 -23.63
CA VAL A 110 12.44 -19.14 -25.00
C VAL A 110 13.43 -20.30 -25.05
N ALA A 111 14.36 -20.35 -24.11
CA ALA A 111 15.30 -21.46 -24.08
C ALA A 111 14.60 -22.79 -23.82
N GLY A 112 13.50 -22.76 -23.08
CA GLY A 112 12.76 -23.99 -22.83
C GLY A 112 11.75 -24.39 -23.89
N THR A 113 11.35 -23.47 -24.75
CA THR A 113 10.22 -23.70 -25.65
C THR A 113 10.56 -23.62 -27.13
N VAL A 114 11.50 -22.77 -27.54
CA VAL A 114 11.87 -22.62 -28.94
C VAL A 114 13.07 -23.53 -29.20
N HIS A 115 12.90 -24.49 -30.11
CA HIS A 115 13.81 -25.60 -30.22
C HIS A 115 14.49 -25.65 -31.58
N GLY A 116 15.60 -26.38 -31.62
CA GLY A 116 16.40 -26.52 -32.81
C GLY A 116 17.84 -26.10 -32.60
N ARG A 117 18.76 -27.04 -32.78
CA ARG A 117 20.19 -26.77 -32.63
C ARG A 117 20.83 -26.26 -33.91
N ASP A 118 20.07 -26.20 -35.01
CA ASP A 118 20.59 -25.73 -36.28
C ASP A 118 20.54 -24.20 -36.34
N ASP A 119 20.82 -23.65 -37.52
CA ASP A 119 20.88 -22.21 -37.67
C ASP A 119 19.50 -21.57 -37.54
N ARG A 120 18.46 -22.25 -38.02
CA ARG A 120 17.12 -21.67 -37.96
C ARG A 120 16.62 -21.52 -36.53
N GLY A 121 16.86 -22.54 -35.68
CA GLY A 121 16.46 -22.42 -34.29
C GLY A 121 17.22 -21.33 -33.55
N ARG A 122 18.53 -21.25 -33.79
CA ARG A 122 19.30 -20.14 -33.23
C ARG A 122 18.72 -18.81 -33.68
N LEU A 123 18.38 -18.69 -34.97
CA LEU A 123 17.80 -17.46 -35.48
C LEU A 123 16.52 -17.13 -34.76
N TYR A 124 15.64 -18.12 -34.57
CA TYR A 124 14.38 -17.89 -33.89
C TYR A 124 14.60 -17.36 -32.48
N ARG A 125 15.42 -18.06 -31.69
CA ARG A 125 15.62 -17.67 -30.29
C ARG A 125 16.28 -16.30 -30.19
N ARG A 126 17.34 -16.08 -30.98
CA ARG A 126 18.05 -14.82 -30.94
C ARG A 126 17.16 -13.67 -31.39
N THR A 127 16.33 -13.88 -32.41
CA THR A 127 15.47 -12.82 -32.90
C THR A 127 14.38 -12.48 -31.89
N LEU A 128 13.82 -13.50 -31.21
CA LEU A 128 12.81 -13.20 -30.20
C LEU A 128 13.41 -12.37 -29.06
N MET A 129 14.58 -12.79 -28.56
CA MET A 129 15.20 -12.02 -27.48
C MET A 129 15.62 -10.63 -27.96
N ARG A 130 16.05 -10.51 -29.21
CA ARG A 130 16.43 -9.21 -29.74
C ARG A 130 15.22 -8.30 -29.92
N TYR A 131 14.07 -8.86 -30.28
CA TYR A 131 12.85 -8.05 -30.35
C TYR A 131 12.49 -7.51 -28.98
N ALA A 132 12.56 -8.35 -27.94
CA ALA A 132 12.31 -7.86 -26.59
C ALA A 132 13.29 -6.75 -26.22
N GLY A 133 14.58 -6.97 -26.46
CA GLY A 133 15.58 -5.96 -26.14
C GLY A 133 15.40 -4.67 -26.92
N LEU A 134 15.00 -4.79 -28.19
CA LEU A 134 14.76 -3.61 -29.01
C LEU A 134 13.59 -2.80 -28.50
N SER A 135 12.51 -3.46 -28.10
CA SER A 135 11.38 -2.73 -27.52
C SER A 135 11.80 -2.00 -26.25
N ALA A 136 12.59 -2.67 -25.41
CA ALA A 136 13.09 -2.01 -24.20
C ALA A 136 13.97 -0.81 -24.55
N VAL A 137 14.84 -0.95 -25.54
CA VAL A 137 15.72 0.15 -25.95
C VAL A 137 14.90 1.32 -26.45
N LEU A 138 13.87 1.05 -27.26
CA LEU A 138 13.04 2.12 -27.80
C LEU A 138 12.36 2.90 -26.67
N ILE A 139 11.72 2.18 -25.74
CA ILE A 139 11.05 2.88 -24.66
C ILE A 139 12.05 3.66 -23.80
N LEU A 140 13.20 3.05 -23.52
CA LEU A 140 14.19 3.71 -22.66
C LEU A 140 14.73 4.97 -23.29
N ARG A 141 15.06 4.93 -24.58
CA ARG A 141 15.49 6.14 -25.26
C ARG A 141 14.38 7.16 -25.34
N SER A 142 13.12 6.72 -25.30
CA SER A 142 12.01 7.67 -25.20
C SER A 142 11.98 8.36 -23.84
N VAL A 143 12.26 7.63 -22.76
CA VAL A 143 12.04 8.18 -21.42
C VAL A 143 13.32 8.55 -20.68
N SER A 144 14.49 8.11 -21.14
CA SER A 144 15.73 8.33 -20.42
C SER A 144 16.65 9.21 -21.24
N THR A 145 17.23 10.23 -20.60
CA THR A 145 18.15 11.13 -21.29
C THR A 145 19.49 10.45 -21.56
N ALA A 146 19.94 9.60 -20.64
CA ALA A 146 21.21 8.89 -20.87
C ALA A 146 21.10 7.95 -22.06
N VAL A 147 20.02 7.17 -22.11
CA VAL A 147 19.82 6.26 -23.24
C VAL A 147 19.64 7.04 -24.54
N PHE A 148 18.90 8.15 -24.48
CA PHE A 148 18.73 8.96 -25.69
C PHE A 148 20.06 9.50 -26.18
N LYS A 149 20.91 9.96 -25.26
CA LYS A 149 22.24 10.41 -25.67
C LYS A 149 23.02 9.26 -26.31
N ARG A 150 22.87 8.05 -25.76
CA ARG A 150 23.52 6.89 -26.38
C ARG A 150 22.91 6.58 -27.74
N PHE A 151 21.60 6.74 -27.89
CA PHE A 151 20.88 6.44 -29.13
C PHE A 151 20.08 7.67 -29.56
N PRO A 152 20.76 8.71 -30.03
CA PRO A 152 20.03 9.93 -30.43
C PRO A 152 19.18 9.77 -31.68
N THR A 153 19.42 8.72 -32.49
CA THR A 153 18.63 8.47 -33.68
C THR A 153 18.41 6.97 -33.81
N ILE A 154 17.44 6.60 -34.65
CA ILE A 154 17.19 5.18 -34.90
C ILE A 154 18.35 4.56 -35.67
N ASP A 155 19.12 5.38 -36.39
CA ASP A 155 20.34 4.90 -37.01
C ASP A 155 21.30 4.36 -35.96
N HIS A 156 21.39 5.03 -34.81
CA HIS A 156 22.24 4.54 -33.73
C HIS A 156 21.75 3.19 -33.23
N VAL A 157 20.43 3.01 -33.13
CA VAL A 157 19.89 1.72 -32.71
C VAL A 157 20.24 0.64 -33.73
N VAL A 158 20.15 0.96 -35.02
CA VAL A 158 20.50 -0.02 -36.04
C VAL A 158 21.98 -0.38 -35.97
N GLU A 159 22.85 0.61 -35.80
CA GLU A 159 24.29 0.35 -35.68
C GLU A 159 24.65 -0.40 -34.40
N ALA A 160 23.88 -0.22 -33.32
CA ALA A 160 24.14 -0.98 -32.10
C ALA A 160 23.76 -2.45 -32.24
N GLY A 161 23.10 -2.84 -33.33
CA GLY A 161 22.72 -4.22 -33.56
C GLY A 161 21.35 -4.60 -33.03
N PHE A 162 20.64 -3.70 -32.37
CA PHE A 162 19.31 -4.02 -31.85
C PHE A 162 18.28 -4.11 -32.96
N MET A 163 18.47 -3.38 -34.05
CA MET A 163 17.59 -3.41 -35.20
C MET A 163 18.42 -3.68 -36.45
N THR A 164 17.81 -4.36 -37.41
CA THR A 164 18.43 -4.60 -38.70
C THR A 164 17.96 -3.53 -39.70
N ARG A 165 18.60 -3.53 -40.87
CA ARG A 165 18.23 -2.56 -41.89
C ARG A 165 16.84 -2.83 -42.45
N GLU A 166 16.52 -4.10 -42.70
CA GLU A 166 15.18 -4.45 -43.18
C GLU A 166 14.11 -4.15 -42.14
N GLU A 167 14.38 -4.52 -40.88
CA GLU A 167 13.48 -4.16 -39.81
C GLU A 167 13.35 -2.65 -39.69
N ARG A 168 14.44 -1.93 -39.94
CA ARG A 168 14.38 -0.47 -39.91
C ARG A 168 13.46 0.05 -41.01
N LYS A 169 13.54 -0.52 -42.20
CA LYS A 169 12.64 -0.12 -43.28
C LYS A 169 11.18 -0.35 -42.91
N LYS A 170 10.89 -1.54 -42.37
CA LYS A 170 9.51 -1.82 -41.95
C LYS A 170 9.07 -0.86 -40.84
N PHE A 171 9.96 -0.58 -39.89
CA PHE A 171 9.65 0.28 -38.76
C PHE A 171 9.33 1.70 -39.22
N GLU A 172 10.14 2.23 -40.14
CA GLU A 172 9.92 3.60 -40.60
C GLU A 172 8.75 3.70 -41.56
N ASN A 173 8.45 2.64 -42.31
CA ASN A 173 7.32 2.68 -43.23
C ASN A 173 5.98 2.62 -42.50
N LEU A 174 5.96 2.22 -41.24
CA LEU A 174 4.72 2.21 -40.48
C LEU A 174 4.21 3.62 -40.28
N ASN A 175 2.96 3.86 -40.66
CA ASN A 175 2.37 5.20 -40.62
C ASN A 175 1.70 5.39 -39.26
N SER A 176 2.42 6.02 -38.34
CA SER A 176 1.91 6.26 -37.00
C SER A 176 2.63 7.45 -36.40
N SER A 177 1.88 8.35 -35.79
CA SER A 177 2.43 9.54 -35.17
C SER A 177 2.75 9.35 -33.69
N TYR A 178 2.54 8.15 -33.16
CA TYR A 178 2.78 7.88 -31.75
C TYR A 178 4.04 7.04 -31.58
N ASN A 179 4.50 6.94 -30.34
CA ASN A 179 5.69 6.17 -30.04
C ASN A 179 5.52 4.74 -30.51
N LYS A 180 6.56 4.21 -31.16
CA LYS A 180 6.52 2.90 -31.80
C LYS A 180 7.25 1.83 -30.98
N TYR A 181 7.43 2.08 -29.67
CA TYR A 181 8.16 1.12 -28.85
C TYR A 181 7.50 -0.26 -28.87
N TRP A 182 6.20 -0.32 -29.14
CA TRP A 182 5.43 -1.57 -29.12
C TRP A 182 5.64 -2.42 -30.36
N VAL A 183 6.17 -1.85 -31.44
CA VAL A 183 6.26 -2.59 -32.71
C VAL A 183 7.06 -3.89 -32.56
N PRO A 184 8.21 -3.91 -31.89
CA PRO A 184 8.92 -5.18 -31.73
C PRO A 184 8.12 -6.22 -30.98
N CYS A 185 7.19 -5.82 -30.11
CA CYS A 185 6.37 -6.80 -29.41
C CYS A 185 5.39 -7.49 -30.36
N VAL A 186 4.83 -6.73 -31.30
CA VAL A 186 3.97 -7.33 -32.33
C VAL A 186 4.80 -8.22 -33.25
N TRP A 187 6.03 -7.79 -33.55
CA TRP A 187 6.93 -8.66 -34.31
C TRP A 187 7.19 -9.96 -33.55
N PHE A 188 7.37 -9.86 -32.23
CA PHE A 188 7.57 -11.04 -31.40
C PHE A 188 6.37 -11.97 -31.47
N SER A 189 5.17 -11.42 -31.37
CA SER A 189 3.97 -12.25 -31.45
C SER A 189 3.89 -12.96 -32.79
N ASN A 190 4.12 -12.22 -33.88
CA ASN A 190 4.06 -12.83 -35.21
C ASN A 190 5.13 -13.91 -35.38
N LEU A 191 6.34 -13.66 -34.90
CA LEU A 191 7.42 -14.63 -35.04
C LEU A 191 7.17 -15.87 -34.20
N ALA A 192 6.63 -15.69 -32.98
CA ALA A 192 6.28 -16.84 -32.16
C ALA A 192 5.19 -17.67 -32.82
N ALA A 193 4.19 -17.02 -33.40
CA ALA A 193 3.16 -17.75 -34.13
C ALA A 193 3.76 -18.53 -35.30
N GLN A 194 4.68 -17.90 -36.03
CA GLN A 194 5.32 -18.59 -37.15
C GLN A 194 6.13 -19.79 -36.66
N ALA A 195 6.85 -19.64 -35.55
CA ALA A 195 7.63 -20.75 -35.01
C ALA A 195 6.74 -21.89 -34.58
N ARG A 196 5.61 -21.58 -33.92
CA ARG A 196 4.67 -22.63 -33.54
C ARG A 196 4.11 -23.33 -34.76
N ARG A 197 3.76 -22.57 -35.81
CA ARG A 197 3.25 -23.19 -37.02
C ARG A 197 4.30 -24.04 -37.71
N GLU A 198 5.58 -23.68 -37.55
CA GLU A 198 6.68 -24.40 -38.17
C GLU A 198 7.07 -25.65 -37.40
N GLY A 199 6.64 -25.79 -36.15
CA GLY A 199 7.01 -26.91 -35.31
C GLY A 199 8.16 -26.63 -34.36
N ARG A 200 8.81 -25.47 -34.47
CA ARG A 200 9.89 -25.13 -33.55
C ARG A 200 9.38 -25.02 -32.13
N ILE A 201 8.21 -24.41 -31.94
CA ILE A 201 7.47 -24.48 -30.69
C ILE A 201 6.54 -25.69 -30.80
N ARG A 202 6.67 -26.62 -29.85
CA ARG A 202 6.10 -27.95 -30.01
C ARG A 202 4.66 -28.07 -29.54
N ASP A 203 4.16 -27.13 -28.74
CA ASP A 203 2.80 -27.26 -28.24
C ASP A 203 2.17 -25.88 -28.09
N ASN A 204 0.84 -25.87 -28.03
CA ASN A 204 0.10 -24.62 -27.90
C ASN A 204 0.29 -24.00 -26.53
N SER A 205 0.50 -24.81 -25.50
CA SER A 205 0.74 -24.27 -24.17
CA SER A 205 0.76 -24.28 -24.16
C SER A 205 2.06 -23.49 -24.13
N ALA A 206 3.07 -23.97 -24.84
CA ALA A 206 4.34 -23.25 -24.90
C ALA A 206 4.17 -21.90 -25.57
N LEU A 207 3.41 -21.84 -26.65
CA LEU A 207 3.12 -20.57 -27.31
C LEU A 207 2.35 -19.64 -26.38
N LYS A 208 1.39 -20.18 -25.64
CA LYS A 208 0.64 -19.36 -24.70
C LYS A 208 1.54 -18.78 -23.62
N LEU A 209 2.46 -19.58 -23.09
CA LEU A 209 3.38 -19.09 -22.08
C LEU A 209 4.30 -18.01 -22.66
N LEU A 210 4.78 -18.22 -23.89
CA LEU A 210 5.59 -17.21 -24.55
C LEU A 210 4.83 -15.89 -24.68
N LEU A 211 3.56 -15.96 -25.10
CA LEU A 211 2.77 -14.75 -25.28
C LEU A 211 2.48 -14.07 -23.94
N GLU A 212 2.27 -14.85 -22.89
CA GLU A 212 2.06 -14.26 -21.57
C GLU A 212 3.31 -13.53 -21.08
N GLU A 213 4.47 -14.14 -21.25
CA GLU A 213 5.71 -13.46 -20.87
C GLU A 213 5.92 -12.21 -21.70
N LEU A 214 5.60 -12.27 -22.99
CA LEU A 214 5.71 -11.09 -23.85
C LEU A 214 4.79 -9.99 -23.37
N ASN A 215 3.58 -10.34 -22.95
CA ASN A 215 2.64 -9.33 -22.46
C ASN A 215 3.15 -8.69 -21.18
N VAL A 216 3.75 -9.48 -20.29
CA VAL A 216 4.33 -8.89 -19.07
C VAL A 216 5.43 -7.90 -19.43
N PHE A 217 6.32 -8.30 -20.35
CA PHE A 217 7.41 -7.42 -20.76
C PHE A 217 6.88 -6.12 -21.39
N ARG A 218 5.93 -6.26 -22.32
CA ARG A 218 5.35 -5.09 -22.97
C ARG A 218 4.61 -4.21 -21.98
N GLY A 219 3.98 -4.81 -20.97
CA GLY A 219 3.31 -4.03 -19.95
C GLY A 219 4.27 -3.20 -19.14
N LYS A 220 5.44 -3.76 -18.82
CA LYS A 220 6.45 -2.95 -18.14
C LYS A 220 6.94 -1.81 -19.01
N CYS A 221 7.14 -2.06 -20.31
CA CYS A 221 7.50 -0.96 -21.21
C CYS A 221 6.43 0.13 -21.21
N GLY A 222 5.16 -0.26 -21.30
CA GLY A 222 4.08 0.71 -21.29
C GLY A 222 3.99 1.46 -19.99
N MET A 223 4.27 0.79 -18.88
CA MET A 223 4.28 1.48 -17.58
C MET A 223 5.38 2.52 -17.53
N LEU A 224 6.54 2.20 -18.10
CA LEU A 224 7.60 3.21 -18.20
C LEU A 224 7.12 4.42 -18.99
N PHE A 225 6.45 4.17 -20.12
CA PHE A 225 5.91 5.27 -20.91
C PHE A 225 4.91 6.10 -20.10
N HIS A 226 4.02 5.44 -19.37
CA HIS A 226 2.99 6.15 -18.60
C HIS A 226 3.61 6.99 -17.50
N TYR A 227 4.61 6.45 -16.80
CA TYR A 227 5.28 7.23 -15.77
C TYR A 227 5.99 8.44 -16.36
N ASP A 228 6.61 8.28 -17.53
CA ASP A 228 7.23 9.42 -18.18
C ASP A 228 6.19 10.47 -18.56
N TRP A 229 5.03 10.04 -19.05
CA TRP A 229 4.03 10.99 -19.51
C TRP A 229 3.35 11.70 -18.35
N ILE A 230 2.77 10.94 -17.42
CA ILE A 230 2.01 11.52 -16.31
C ILE A 230 3.02 11.88 -15.23
N SER A 231 3.51 13.11 -15.28
CA SER A 231 4.41 13.62 -14.27
C SER A 231 3.67 13.81 -12.95
N VAL A 232 4.44 14.01 -11.89
CA VAL A 232 3.81 14.48 -10.65
C VAL A 232 3.12 15.80 -10.95
N PRO A 233 1.89 16.02 -10.47
CA PRO A 233 1.18 17.26 -10.83
C PRO A 233 2.05 18.49 -10.64
N LEU A 234 2.11 19.32 -11.68
CA LEU A 234 2.94 20.52 -11.64
C LEU A 234 2.53 21.44 -10.50
N VAL A 235 1.25 21.41 -10.12
CA VAL A 235 0.78 22.24 -9.02
C VAL A 235 1.52 21.89 -7.74
N TYR A 236 1.70 20.59 -7.46
CA TYR A 236 2.41 20.17 -6.26
C TYR A 236 3.85 20.65 -6.27
N THR A 237 4.53 20.48 -7.40
CA THR A 237 5.92 20.91 -7.50
C THR A 237 6.04 22.40 -7.26
N GLN A 238 5.20 23.19 -7.93
CA GLN A 238 5.24 24.63 -7.75
C GLN A 238 4.95 25.01 -6.31
N VAL A 239 3.98 24.35 -5.69
CA VAL A 239 3.59 24.70 -4.33
C VAL A 239 4.72 24.41 -3.36
N VAL A 240 5.35 23.24 -3.47
CA VAL A 240 6.46 22.92 -2.56
CA VAL A 240 6.46 22.91 -2.57
C VAL A 240 7.64 23.86 -2.79
N THR A 241 7.96 24.14 -4.05
CA THR A 241 9.07 25.05 -4.33
C THR A 241 8.80 26.43 -3.74
N ILE A 242 7.59 26.93 -3.92
CA ILE A 242 7.24 28.24 -3.38
C ILE A 242 7.26 28.24 -1.86
N ALA A 243 6.75 27.17 -1.24
CA ALA A 243 6.77 27.10 0.21
C ALA A 243 8.18 27.17 0.75
N LEU A 244 9.08 26.35 0.20
CA LEU A 244 10.46 26.36 0.66
C LEU A 244 11.11 27.72 0.43
N TYR A 245 10.96 28.27 -0.78
CA TYR A 245 11.60 29.53 -1.11
C TYR A 245 11.09 30.66 -0.21
N SER A 246 9.78 30.76 -0.04
CA SER A 246 9.21 31.82 0.77
C SER A 246 9.58 31.66 2.24
N TYR A 247 9.57 30.43 2.75
CA TYR A 247 9.95 30.23 4.14
C TYR A 247 11.39 30.68 4.38
N PHE A 248 12.32 30.32 3.51
CA PHE A 248 13.69 30.68 3.78
C PHE A 248 14.02 32.13 3.39
N LEU A 249 13.28 32.72 2.45
CA LEU A 249 13.37 34.16 2.26
C LEU A 249 12.91 34.90 3.50
N ALA A 250 11.85 34.43 4.16
CA ALA A 250 11.44 35.02 5.43
C ALA A 250 12.49 34.81 6.50
N CYS A 251 13.09 33.62 6.56
CA CYS A 251 14.14 33.36 7.54
C CYS A 251 15.38 34.22 7.30
N LEU A 252 15.62 34.65 6.07
CA LEU A 252 16.73 35.56 5.81
C LEU A 252 16.62 36.82 6.67
N ILE A 253 15.40 37.27 6.94
CA ILE A 253 15.20 38.45 7.78
C ILE A 253 14.94 38.07 9.23
N GLY A 254 14.04 37.11 9.46
CA GLY A 254 13.63 36.77 10.80
C GLY A 254 14.70 36.10 11.63
N ARG A 255 15.69 35.48 10.99
CA ARG A 255 16.76 34.78 11.69
C ARG A 255 18.00 35.65 11.86
N GLN A 256 17.89 36.94 11.58
CA GLN A 256 19.02 37.84 11.73
C GLN A 256 19.36 38.04 13.21
N PHE A 257 20.65 38.20 13.48
CA PHE A 257 21.13 38.49 14.83
C PHE A 257 20.91 39.97 15.11
N LEU A 258 20.07 40.27 16.09
CA LEU A 258 19.79 41.64 16.48
C LEU A 258 20.76 42.08 17.57
N ASP A 259 20.90 43.39 17.69
CA ASP A 259 21.86 43.94 18.64
C ASP A 259 21.48 43.55 20.07
N PRO A 260 22.35 42.85 20.80
CA PRO A 260 21.99 42.44 22.16
C PRO A 260 21.77 43.60 23.11
N ALA A 261 22.31 44.78 22.80
CA ALA A 261 22.13 45.95 23.66
C ALA A 261 20.71 46.49 23.62
N GLN A 262 19.87 46.01 22.71
CA GLN A 262 18.49 46.47 22.62
C GLN A 262 17.55 45.69 23.51
N GLY A 263 18.03 44.66 24.20
CA GLY A 263 17.21 43.96 25.17
C GLY A 263 16.05 43.20 24.59
N TYR A 264 16.04 42.94 23.29
CA TYR A 264 14.95 42.19 22.70
C TYR A 264 14.90 40.78 23.26
N LYS A 265 13.69 40.33 23.59
CA LYS A 265 13.53 38.96 24.06
C LYS A 265 14.10 37.99 23.04
N ASP A 266 14.89 37.05 23.54
CA ASP A 266 15.44 35.93 22.78
C ASP A 266 16.61 36.37 21.89
N HIS A 267 16.91 37.65 21.79
CA HIS A 267 18.09 38.15 21.10
C HIS A 267 19.10 38.65 22.13
N ASP A 268 19.87 37.71 22.67
CA ASP A 268 20.85 38.01 23.70
C ASP A 268 22.27 37.61 23.35
N LEU A 269 22.46 36.72 22.38
CA LEU A 269 23.78 36.23 22.00
C LEU A 269 23.97 36.45 20.52
N ASP A 270 25.02 37.20 20.16
CA ASP A 270 25.33 37.50 18.77
C ASP A 270 26.41 36.53 18.29
N LEU A 271 25.98 35.46 17.62
CA LEU A 271 26.91 34.48 17.08
C LEU A 271 27.32 34.77 15.65
N CYS A 272 26.77 35.82 15.04
CA CYS A 272 27.11 36.17 13.67
C CYS A 272 26.62 35.13 12.68
N VAL A 273 27.15 33.92 12.76
CA VAL A 273 26.76 32.83 11.85
C VAL A 273 25.50 32.16 12.39
N PRO A 274 24.43 32.08 11.60
CA PRO A 274 23.20 31.39 12.03
C PRO A 274 23.28 29.88 11.88
N ILE A 275 23.88 29.23 12.88
CA ILE A 275 24.18 27.81 12.79
C ILE A 275 22.91 27.00 12.62
N PHE A 276 21.91 27.26 13.47
CA PHE A 276 20.70 26.44 13.43
C PHE A 276 19.83 26.79 12.23
N THR A 277 19.80 28.06 11.83
CA THR A 277 19.10 28.41 10.60
C THR A 277 19.74 27.72 9.41
N LEU A 278 21.07 27.70 9.36
CA LEU A 278 21.77 26.99 8.30
C LEU A 278 21.48 25.49 8.33
N LEU A 279 21.43 24.90 9.51
CA LEU A 279 21.11 23.48 9.62
C LEU A 279 19.69 23.18 9.16
N GLN A 280 18.73 24.04 9.55
CA GLN A 280 17.35 23.85 9.10
C GLN A 280 17.24 23.99 7.59
N PHE A 281 17.91 24.98 7.01
CA PHE A 281 17.93 25.09 5.56
C PHE A 281 18.55 23.84 4.94
N PHE A 282 19.66 23.39 5.50
CA PHE A 282 20.30 22.18 4.99
C PHE A 282 19.31 21.03 4.93
N PHE A 283 18.59 20.79 6.03
CA PHE A 283 17.68 19.65 6.08
C PHE A 283 16.50 19.81 5.12
N TYR A 284 15.83 20.97 5.14
CA TYR A 284 14.64 21.13 4.31
C TYR A 284 14.97 21.19 2.82
N ALA A 285 15.96 22.02 2.46
CA ALA A 285 16.40 22.08 1.08
C ALA A 285 16.96 20.75 0.62
N GLY A 286 17.62 19.99 1.50
CA GLY A 286 18.10 18.69 1.12
C GLY A 286 16.98 17.70 0.87
N TRP A 287 15.93 17.77 1.67
CA TRP A 287 14.75 16.94 1.41
C TRP A 287 14.18 17.25 0.03
N LEU A 288 14.02 18.54 -0.26
CA LEU A 288 13.51 18.92 -1.58
C LEU A 288 14.47 18.52 -2.70
N LYS A 289 15.78 18.55 -2.44
CA LYS A 289 16.75 18.18 -3.47
C LYS A 289 16.73 16.68 -3.73
N VAL A 290 16.52 15.87 -2.70
CA VAL A 290 16.32 14.44 -2.92
C VAL A 290 15.08 14.22 -3.76
N ALA A 291 14.00 14.95 -3.46
CA ALA A 291 12.82 14.86 -4.31
C ALA A 291 13.14 15.24 -5.75
N GLU A 292 13.92 16.30 -5.93
CA GLU A 292 14.28 16.76 -7.27
C GLU A 292 15.07 15.71 -8.03
N GLN A 293 16.03 15.06 -7.36
CA GLN A 293 16.84 14.06 -8.01
C GLN A 293 16.03 12.80 -8.33
N LEU A 294 15.13 12.40 -7.43
CA LEU A 294 14.39 11.17 -7.62
C LEU A 294 13.17 11.35 -8.51
N ILE A 295 12.73 12.58 -8.77
CA ILE A 295 11.47 12.79 -9.49
C ILE A 295 11.56 12.21 -10.90
N ASN A 296 12.70 12.37 -11.55
CA ASN A 296 12.98 11.73 -12.84
C ASN A 296 14.21 10.85 -12.66
N PRO A 297 14.04 9.57 -12.33
CA PRO A 297 15.17 8.70 -12.04
C PRO A 297 15.92 8.21 -13.28
N PHE A 298 15.55 8.68 -14.47
CA PHE A 298 16.21 8.29 -15.71
C PHE A 298 17.09 9.40 -16.27
N GLY A 299 17.42 10.39 -15.45
CA GLY A 299 18.35 11.43 -15.83
C GLY A 299 19.79 10.97 -15.73
N GLU A 300 20.67 11.91 -15.37
CA GLU A 300 22.09 11.62 -15.26
C GLU A 300 22.63 11.98 -13.88
N ASP A 301 21.77 11.94 -12.87
CA ASP A 301 22.22 12.12 -11.50
C ASP A 301 23.01 10.89 -11.06
N ASP A 302 23.78 11.07 -9.98
CA ASP A 302 24.59 9.97 -9.48
C ASP A 302 23.71 8.81 -9.02
N ASP A 303 22.58 9.11 -8.38
CA ASP A 303 21.67 8.10 -7.87
C ASP A 303 20.59 7.71 -8.86
N ASP A 304 20.64 8.21 -10.08
CA ASP A 304 19.69 7.78 -11.10
C ASP A 304 20.02 6.36 -11.57
N PHE A 305 19.00 5.69 -12.11
CA PHE A 305 19.17 4.31 -12.55
C PHE A 305 20.19 4.22 -13.67
N GLU A 306 20.96 3.13 -13.67
CA GLU A 306 21.97 2.88 -14.69
C GLU A 306 21.32 2.16 -15.86
N THR A 307 20.65 2.95 -16.71
CA THR A 307 19.86 2.37 -17.79
C THR A 307 20.75 1.78 -18.89
N ASN A 308 21.86 2.43 -19.21
CA ASN A 308 22.75 1.91 -20.25
C ASN A 308 23.41 0.60 -19.80
N PHE A 309 23.85 0.55 -18.55
CA PHE A 309 24.39 -0.70 -18.01
C PHE A 309 23.34 -1.80 -18.06
N LEU A 310 22.10 -1.48 -17.71
CA LEU A 310 21.04 -2.49 -17.74
C LEU A 310 20.76 -2.95 -19.16
N ILE A 311 20.76 -2.04 -20.13
CA ILE A 311 20.58 -2.44 -21.52
C ILE A 311 21.66 -3.42 -21.93
N ASP A 312 22.92 -3.09 -21.66
CA ASP A 312 24.03 -3.95 -22.05
C ASP A 312 23.92 -5.31 -21.38
N ARG A 313 23.68 -5.31 -20.07
CA ARG A 313 23.59 -6.55 -19.32
C ARG A 313 22.46 -7.42 -19.83
N ASN A 314 21.29 -6.82 -20.07
CA ASN A 314 20.14 -7.59 -20.51
C ASN A 314 20.39 -8.21 -21.87
N PHE A 315 20.93 -7.43 -22.81
CA PHE A 315 21.19 -7.99 -24.13
C PHE A 315 22.20 -9.14 -24.05
N GLN A 316 23.30 -8.92 -23.33
CA GLN A 316 24.33 -9.95 -23.24
C GLN A 316 23.78 -11.23 -22.61
N VAL A 317 23.07 -11.09 -21.49
CA VAL A 317 22.55 -12.25 -20.79
C VAL A 317 21.51 -12.98 -21.63
N SER A 318 20.61 -12.25 -22.30
CA SER A 318 19.59 -12.89 -23.10
C SER A 318 20.21 -13.67 -24.25
N MET A 319 21.17 -13.05 -24.96
CA MET A 319 21.80 -13.75 -26.07
C MET A 319 22.52 -15.00 -25.57
N LEU A 320 23.26 -14.88 -24.46
CA LEU A 320 23.95 -16.03 -23.90
C LEU A 320 22.97 -17.14 -23.57
N ALA A 321 21.90 -16.82 -22.82
CA ALA A 321 20.96 -17.81 -22.35
C ALA A 321 20.26 -18.53 -23.51
N VAL A 322 19.86 -17.79 -24.54
CA VAL A 322 19.09 -18.43 -25.60
C VAL A 322 19.95 -19.03 -26.72
N ASP A 323 21.22 -18.67 -26.80
CA ASP A 323 22.07 -19.21 -27.87
C ASP A 323 23.13 -20.17 -27.34
N GLU A 324 23.99 -19.72 -26.42
CA GLU A 324 25.07 -20.59 -25.97
C GLU A 324 24.59 -21.66 -25.02
N MET A 325 23.59 -21.33 -24.20
CA MET A 325 23.12 -22.22 -23.15
C MET A 325 21.97 -23.12 -23.60
N TYR A 326 21.54 -23.04 -24.86
CA TYR A 326 20.42 -23.85 -25.30
C TYR A 326 20.83 -25.31 -25.44
N ASP A 327 20.08 -26.20 -24.80
CA ASP A 327 20.31 -27.64 -24.89
C ASP A 327 21.77 -27.98 -24.62
N ASP A 328 22.35 -27.29 -23.65
CA ASP A 328 23.76 -27.41 -23.30
C ASP A 328 23.91 -27.78 -21.83
N LEU A 329 23.19 -28.82 -21.41
CA LEU A 329 23.24 -29.26 -20.03
C LEU A 329 24.38 -30.25 -19.82
N ALA A 330 24.87 -30.28 -18.59
CA ALA A 330 25.77 -31.36 -18.18
C ALA A 330 24.96 -32.64 -17.99
N VAL A 331 25.60 -33.78 -18.27
CA VAL A 331 24.91 -35.06 -18.16
C VAL A 331 24.29 -35.18 -16.77
N LEU A 332 23.19 -35.91 -16.68
CA LEU A 332 22.56 -36.15 -15.39
C LEU A 332 23.48 -37.00 -14.51
N GLU A 333 24.08 -36.38 -13.50
CA GLU A 333 24.93 -37.08 -12.55
C GLU A 333 24.28 -37.10 -11.18
N LYS A 334 24.47 -38.20 -10.46
CA LYS A 334 24.04 -38.26 -9.06
C LYS A 334 24.80 -37.21 -8.24
N ASP A 335 24.07 -36.52 -7.37
CA ASP A 335 24.66 -35.43 -6.60
C ASP A 335 25.37 -35.97 -5.36
N LEU A 336 25.85 -35.05 -4.53
CA LEU A 336 26.61 -35.43 -3.35
C LEU A 336 25.76 -36.26 -2.39
N TYR A 337 24.50 -35.86 -2.17
CA TYR A 337 23.64 -36.44 -1.15
C TYR A 337 22.71 -37.50 -1.72
N TRP A 338 23.12 -38.19 -2.78
CA TRP A 338 22.27 -39.19 -3.40
C TRP A 338 21.89 -40.28 -2.40
N ASP A 339 22.85 -40.74 -1.60
CA ASP A 339 22.63 -41.81 -0.65
C ASP A 339 22.25 -41.32 0.75
N ALA A 340 22.36 -40.02 1.01
CA ALA A 340 22.04 -39.49 2.33
C ALA A 340 20.58 -39.75 2.68
N TYR A 347 29.28 -25.46 6.22
CA TYR A 347 29.62 -24.25 6.95
C TYR A 347 31.13 -24.07 7.07
N THR A 348 31.58 -22.82 7.05
CA THR A 348 33.00 -22.50 7.20
C THR A 348 33.33 -22.23 8.66
N PHE A 360 14.11 -23.79 14.37
CA PHE A 360 12.82 -23.18 14.70
C PHE A 360 11.66 -23.96 14.08
N GLN A 361 10.68 -24.32 14.91
CA GLN A 361 9.52 -25.07 14.48
C GLN A 361 8.22 -24.28 14.55
N GLY A 362 8.17 -23.27 15.39
CA GLY A 362 6.95 -22.51 15.60
C GLY A 362 6.97 -21.83 16.95
N SER A 363 5.96 -20.99 17.17
CA SER A 363 5.87 -20.28 18.43
C SER A 363 5.41 -21.19 19.56
N THR A 364 4.53 -22.14 19.24
CA THR A 364 3.97 -23.03 20.26
C THR A 364 4.84 -24.24 20.56
N PHE A 365 5.99 -24.37 19.90
CA PHE A 365 6.87 -25.50 20.12
C PHE A 365 8.13 -25.08 20.87
N THR B 2 -12.41 -13.17 18.39
CA THR B 2 -13.03 -12.16 17.55
C THR B 2 -14.35 -11.69 18.15
N VAL B 3 -14.44 -10.40 18.45
CA VAL B 3 -15.65 -9.77 18.94
C VAL B 3 -16.25 -8.98 17.78
N THR B 4 -17.35 -9.48 17.22
CA THR B 4 -17.98 -8.87 16.07
C THR B 4 -19.09 -7.93 16.51
N TYR B 5 -19.06 -6.71 15.96
CA TYR B 5 -20.09 -5.72 16.25
C TYR B 5 -20.52 -5.00 14.97
N THR B 6 -20.37 -5.66 13.83
CA THR B 6 -20.67 -5.02 12.55
C THR B 6 -22.14 -4.62 12.47
N ALA B 7 -23.03 -5.50 12.93
CA ALA B 7 -24.46 -5.21 12.84
C ALA B 7 -24.84 -3.99 13.66
N ARG B 8 -24.20 -3.81 14.82
CA ARG B 8 -24.54 -2.68 15.68
C ARG B 8 -24.20 -1.36 15.01
N VAL B 9 -23.25 -1.34 14.08
CA VAL B 9 -22.77 -0.12 13.47
C VAL B 9 -23.15 -0.06 11.99
N ALA B 10 -24.24 -0.71 11.60
CA ALA B 10 -24.66 -0.71 10.20
C ALA B 10 -24.96 0.71 9.73
N ASN B 11 -25.61 1.51 10.56
CA ASN B 11 -25.98 2.87 10.24
C ASN B 11 -25.36 3.82 11.25
N ALA B 12 -25.05 5.03 10.80
CA ALA B 12 -24.56 6.08 11.68
C ALA B 12 -25.77 6.68 12.40
N ARG B 13 -25.91 6.40 13.69
CA ARG B 13 -27.04 6.83 14.49
C ARG B 13 -26.59 7.89 15.49
N PHE B 14 -27.56 8.47 16.19
CA PHE B 14 -27.26 9.52 17.15
C PHE B 14 -26.37 8.99 18.27
N GLY B 15 -26.79 7.90 18.91
CA GLY B 15 -25.94 7.23 19.88
C GLY B 15 -25.18 6.08 19.27
N GLY B 16 -24.47 6.33 18.17
CA GLY B 16 -23.86 5.27 17.40
C GLY B 16 -22.78 4.48 18.11
N PHE B 17 -21.64 5.12 18.37
CA PHE B 17 -20.54 4.45 19.05
C PHE B 17 -20.68 4.50 20.57
N SER B 18 -21.63 5.27 21.10
CA SER B 18 -21.82 5.31 22.55
C SER B 18 -22.28 3.97 23.09
N GLN B 19 -23.14 3.27 22.36
CA GLN B 19 -23.63 1.98 22.82
C GLN B 19 -22.49 0.97 22.97
N LEU B 20 -21.47 1.05 22.11
CA LEU B 20 -20.36 0.12 22.15
C LEU B 20 -19.48 0.29 23.39
N LEU B 21 -19.62 1.40 24.11
CA LEU B 21 -18.85 1.61 25.33
C LEU B 21 -19.28 0.71 26.48
N LEU B 22 -20.43 0.06 26.36
CA LEU B 22 -20.96 -0.78 27.42
C LEU B 22 -20.60 -2.25 27.24
N LEU B 23 -19.74 -2.57 26.29
CA LEU B 23 -19.30 -3.93 26.06
C LEU B 23 -18.05 -4.23 26.86
N TRP B 24 -18.01 -5.40 27.49
CA TRP B 24 -16.89 -5.82 28.32
C TRP B 24 -15.95 -6.78 27.60
N ARG B 25 -16.47 -7.88 27.08
CA ARG B 25 -15.64 -8.83 26.35
C ARG B 25 -14.97 -8.14 25.17
N GLY B 26 -13.67 -8.34 25.03
CA GLY B 26 -12.92 -7.69 23.97
C GLY B 26 -12.94 -6.18 24.04
N SER B 27 -12.91 -5.62 25.25
CA SER B 27 -12.98 -4.18 25.46
C SER B 27 -11.65 -3.65 25.93
N ILE B 28 -11.53 -2.32 25.91
CA ILE B 28 -10.32 -1.67 26.41
C ILE B 28 -10.26 -1.73 27.93
N TYR B 29 -11.40 -1.60 28.60
CA TYR B 29 -11.44 -1.69 30.05
C TYR B 29 -10.87 -3.02 30.54
N LYS B 30 -11.31 -4.11 29.92
CA LYS B 30 -10.82 -5.43 30.28
C LYS B 30 -9.31 -5.52 30.13
N LEU B 31 -8.77 -4.92 29.07
CA LEU B 31 -7.34 -5.03 28.80
C LEU B 31 -6.52 -4.13 29.71
N LEU B 32 -7.10 -3.03 30.22
CA LEU B 32 -6.28 -1.99 30.81
C LEU B 32 -6.62 -1.61 32.25
N TRP B 33 -7.62 -2.23 32.88
CA TRP B 33 -8.02 -1.76 34.21
C TRP B 33 -6.93 -2.03 35.24
N ARG B 34 -6.22 -3.16 35.13
CA ARG B 34 -5.16 -3.45 36.08
C ARG B 34 -4.05 -2.41 36.02
N GLU B 35 -3.61 -2.08 34.79
CA GLU B 35 -2.55 -1.08 34.63
C GLU B 35 -2.99 0.29 35.09
N LEU B 36 -4.24 0.67 34.77
CA LEU B 36 -4.75 1.96 35.23
C LEU B 36 -4.79 2.01 36.76
N LEU B 37 -5.21 0.91 37.39
CA LEU B 37 -5.23 0.85 38.84
C LEU B 37 -3.83 0.98 39.43
N CYS B 38 -2.85 0.31 38.82
CA CYS B 38 -1.48 0.41 39.33
C CYS B 38 -0.96 1.85 39.21
N PHE B 39 -1.19 2.48 38.06
CA PHE B 39 -0.75 3.86 37.89
C PHE B 39 -1.40 4.78 38.91
N LEU B 40 -2.72 4.64 39.10
CA LEU B 40 -3.42 5.48 40.06
C LEU B 40 -2.91 5.23 41.47
N GLY B 41 -2.64 3.98 41.82
CA GLY B 41 -2.13 3.68 43.15
C GLY B 41 -0.76 4.29 43.40
N PHE B 42 0.14 4.20 42.43
CA PHE B 42 1.44 4.82 42.58
C PHE B 42 1.33 6.33 42.70
N TYR B 43 0.49 6.95 41.86
CA TYR B 43 0.29 8.39 41.94
C TYR B 43 -0.25 8.78 43.30
N MET B 44 -1.23 8.03 43.81
CA MET B 44 -1.82 8.35 45.10
C MET B 44 -0.82 8.17 46.24
N ALA B 45 0.02 7.14 46.16
CA ALA B 45 1.06 6.97 47.17
C ALA B 45 2.01 8.15 47.18
N LEU B 46 2.46 8.59 46.01
CA LEU B 46 3.34 9.75 45.93
C LEU B 46 2.66 11.00 46.47
N SER B 47 1.38 11.20 46.12
CA SER B 47 0.64 12.36 46.58
C SER B 47 0.50 12.35 48.10
N ALA B 48 0.18 11.20 48.68
CA ALA B 48 0.04 11.11 50.13
C ALA B 48 1.38 11.36 50.82
N ALA B 49 2.47 10.84 50.25
CA ALA B 49 3.78 11.10 50.82
C ALA B 49 4.10 12.59 50.80
N TYR B 50 3.82 13.25 49.69
CA TYR B 50 4.07 14.69 49.59
C TYR B 50 3.22 15.47 50.58
N ARG B 51 1.96 15.05 50.75
CA ARG B 51 1.02 15.81 51.58
C ARG B 51 1.26 15.62 53.07
N PHE B 52 1.62 14.41 53.50
CA PHE B 52 1.62 14.07 54.92
C PHE B 52 2.95 13.61 55.48
N VAL B 53 3.96 13.34 54.65
CA VAL B 53 5.23 12.81 55.10
C VAL B 53 6.34 13.84 55.01
N LEU B 54 6.53 14.43 53.83
CA LEU B 54 7.66 15.31 53.60
C LEU B 54 7.58 16.54 54.51
N THR B 55 8.74 17.02 54.93
CA THR B 55 8.84 18.27 55.67
C THR B 55 8.72 19.45 54.72
N GLU B 56 8.72 20.66 55.29
CA GLU B 56 8.53 21.85 54.46
C GLU B 56 9.65 22.00 53.43
N GLY B 57 10.91 21.83 53.85
CA GLY B 57 12.01 21.91 52.90
C GLY B 57 11.99 20.78 51.90
N GLN B 58 11.68 19.57 52.37
CA GLN B 58 11.52 18.45 51.44
C GLN B 58 10.39 18.72 50.46
N LYS B 59 9.30 19.35 50.93
CA LYS B 59 8.21 19.69 50.03
C LYS B 59 8.64 20.72 49.00
N ARG B 60 9.44 21.70 49.39
CA ARG B 60 9.93 22.68 48.42
C ARG B 60 10.79 22.02 47.35
N TYR B 61 11.70 21.13 47.77
CA TYR B 61 12.51 20.41 46.80
C TYR B 61 11.65 19.53 45.90
N PHE B 62 10.65 18.87 46.48
CA PHE B 62 9.74 18.03 45.70
C PHE B 62 8.97 18.85 44.69
N GLU B 63 8.55 20.06 45.06
CA GLU B 63 7.85 20.93 44.13
C GLU B 63 8.75 21.33 42.97
N LYS B 64 10.01 21.67 43.27
CA LYS B 64 10.95 21.95 42.20
C LYS B 64 11.09 20.76 41.26
N LEU B 65 11.22 19.55 41.84
CA LEU B 65 11.37 18.35 41.02
C LEU B 65 10.12 18.09 40.18
N VAL B 66 8.94 18.35 40.74
CA VAL B 66 7.70 18.15 40.00
C VAL B 66 7.63 19.10 38.82
N ILE B 67 7.98 20.37 39.05
CA ILE B 67 7.99 21.34 37.95
C ILE B 67 8.99 20.92 36.87
N TYR B 68 10.18 20.48 37.30
CA TYR B 68 11.20 20.04 36.34
C TYR B 68 10.70 18.86 35.50
N CYS B 69 10.12 17.85 36.15
CA CYS B 69 9.61 16.70 35.42
C CYS B 69 8.48 17.09 34.49
N ASP B 70 7.56 17.95 34.94
CA ASP B 70 6.46 18.38 34.09
C ASP B 70 6.97 19.07 32.83
N GLN B 71 7.98 19.93 32.99
CA GLN B 71 8.47 20.66 31.83
C GLN B 71 9.32 19.80 30.90
N TYR B 72 10.05 18.82 31.41
CA TYR B 72 10.96 18.07 30.55
C TYR B 72 10.45 16.69 30.14
N ALA B 73 9.27 16.26 30.60
CA ALA B 73 8.76 14.96 30.18
C ALA B 73 8.30 14.97 28.73
N SER B 74 8.06 16.15 28.15
CA SER B 74 7.68 16.24 26.74
C SER B 74 8.80 15.80 25.81
N LEU B 75 10.04 15.72 26.28
CA LEU B 75 11.15 15.30 25.45
C LEU B 75 11.03 13.86 24.99
N ILE B 76 10.21 13.05 25.64
CA ILE B 76 10.03 11.65 25.28
C ILE B 76 9.00 11.58 24.15
N PRO B 77 9.38 11.10 22.96
CA PRO B 77 8.45 11.08 21.81
C PRO B 77 7.50 9.88 21.87
N VAL B 78 6.55 9.94 22.81
CA VAL B 78 5.65 8.81 23.03
C VAL B 78 4.80 8.55 21.79
N SER B 79 4.15 9.59 21.27
CA SER B 79 3.26 9.40 20.13
C SER B 79 4.04 9.07 18.86
N PHE B 80 5.22 9.67 18.70
CA PHE B 80 6.02 9.41 17.50
C PHE B 80 6.30 7.92 17.33
N VAL B 81 6.80 7.27 18.38
CA VAL B 81 7.11 5.85 18.30
C VAL B 81 5.83 5.01 18.35
N LEU B 82 4.87 5.42 19.17
CA LEU B 82 3.66 4.63 19.36
C LEU B 82 2.87 4.50 18.07
N GLY B 83 2.73 5.59 17.32
CA GLY B 83 1.96 5.54 16.09
C GLY B 83 2.56 4.61 15.06
N PHE B 84 3.87 4.71 14.85
CA PHE B 84 4.53 3.85 13.89
C PHE B 84 4.40 2.39 14.31
N TYR B 85 4.61 2.11 15.59
CA TYR B 85 4.51 0.73 16.07
C TYR B 85 3.11 0.17 15.86
N VAL B 86 2.09 0.95 16.21
CA VAL B 86 0.72 0.47 16.10
C VAL B 86 0.34 0.26 14.65
N THR B 87 0.77 1.16 13.76
CA THR B 87 0.49 0.99 12.34
C THR B 87 1.11 -0.31 11.82
N LEU B 88 2.37 -0.55 12.16
CA LEU B 88 3.02 -1.79 11.73
C LEU B 88 2.27 -3.01 12.24
N VAL B 89 1.90 -2.99 13.52
CA VAL B 89 1.22 -4.14 14.12
C VAL B 89 -0.12 -4.38 13.44
N VAL B 90 -0.89 -3.32 13.18
CA VAL B 90 -2.22 -3.47 12.60
C VAL B 90 -2.13 -3.99 11.17
N ASN B 91 -1.17 -3.48 10.39
CA ASN B 91 -1.00 -3.99 9.04
C ASN B 91 -0.63 -5.47 9.06
N ARG B 92 0.30 -5.84 9.94
CA ARG B 92 0.65 -7.26 10.06
C ARG B 92 -0.56 -8.09 10.47
N TRP B 93 -1.40 -7.54 11.33
CA TRP B 93 -2.57 -8.26 11.82
C TRP B 93 -3.53 -8.60 10.69
N TRP B 94 -3.89 -7.60 9.88
CA TRP B 94 -4.79 -7.90 8.77
C TRP B 94 -4.13 -8.81 7.75
N SER B 95 -2.84 -8.61 7.47
CA SER B 95 -2.15 -9.49 6.53
C SER B 95 -2.18 -10.93 7.03
N GLN B 96 -1.94 -11.14 8.33
CA GLN B 96 -1.95 -12.48 8.88
C GLN B 96 -3.34 -13.10 8.77
N TYR B 97 -4.39 -12.33 9.02
CA TYR B 97 -5.72 -12.90 8.82
C TYR B 97 -5.92 -13.32 7.38
N LEU B 98 -5.48 -12.51 6.42
CA LEU B 98 -5.66 -12.85 5.02
C LEU B 98 -4.85 -14.08 4.62
N CYS B 99 -3.88 -14.51 5.43
CA CYS B 99 -3.02 -15.63 5.10
C CYS B 99 -3.52 -16.96 5.65
N MET B 100 -4.59 -16.97 6.41
CA MET B 100 -5.13 -18.24 6.91
C MET B 100 -5.67 -19.06 5.75
N PRO B 101 -5.21 -20.30 5.57
CA PRO B 101 -5.66 -21.07 4.40
C PRO B 101 -7.14 -21.43 4.50
N LEU B 102 -7.80 -21.42 3.35
CA LEU B 102 -9.19 -21.81 3.23
C LEU B 102 -9.33 -22.81 2.09
N PRO B 103 -10.16 -23.84 2.27
CA PRO B 103 -10.29 -24.89 1.24
C PRO B 103 -11.37 -24.64 0.20
N ASP B 104 -11.97 -23.45 0.16
CA ASP B 104 -13.13 -23.23 -0.70
C ASP B 104 -12.77 -23.37 -2.17
N ALA B 105 -11.72 -22.69 -2.62
CA ALA B 105 -11.30 -22.80 -4.01
C ALA B 105 -10.93 -24.24 -4.34
N LEU B 106 -10.16 -24.88 -3.47
CA LEU B 106 -9.76 -26.26 -3.70
C LEU B 106 -10.97 -27.18 -3.73
N MET B 107 -11.93 -26.97 -2.84
CA MET B 107 -13.10 -27.86 -2.83
C MET B 107 -13.94 -27.69 -4.08
N CYS B 108 -14.11 -26.44 -4.55
CA CYS B 108 -14.83 -26.24 -5.81
C CYS B 108 -14.11 -26.93 -6.96
N VAL B 109 -12.79 -26.77 -7.04
CA VAL B 109 -12.03 -27.40 -8.12
C VAL B 109 -12.14 -28.92 -8.04
N VAL B 110 -12.02 -29.47 -6.82
CA VAL B 110 -12.05 -30.92 -6.66
C VAL B 110 -13.42 -31.47 -7.03
N ALA B 111 -14.49 -30.80 -6.60
CA ALA B 111 -15.83 -31.23 -6.95
C ALA B 111 -16.06 -31.14 -8.46
N GLY B 112 -15.41 -30.19 -9.13
CA GLY B 112 -15.56 -30.10 -10.57
C GLY B 112 -14.65 -30.97 -11.41
N THR B 113 -13.56 -31.47 -10.84
CA THR B 113 -12.52 -32.13 -11.61
C THR B 113 -12.28 -33.59 -11.25
N VAL B 114 -12.44 -33.98 -9.99
CA VAL B 114 -12.21 -35.35 -9.55
C VAL B 114 -13.54 -36.08 -9.59
N HIS B 115 -13.64 -37.12 -10.39
CA HIS B 115 -14.92 -37.69 -10.77
C HIS B 115 -15.04 -39.14 -10.32
N GLY B 116 -16.29 -39.60 -10.27
CA GLY B 116 -16.62 -40.94 -9.85
C GLY B 116 -17.59 -40.95 -8.69
N ARG B 117 -18.76 -41.55 -8.90
CA ARG B 117 -19.78 -41.66 -7.87
C ARG B 117 -19.61 -42.89 -7.00
N ASP B 118 -18.63 -43.74 -7.30
CA ASP B 118 -18.39 -44.95 -6.53
C ASP B 118 -17.52 -44.63 -5.32
N ASP B 119 -17.07 -45.69 -4.63
CA ASP B 119 -16.31 -45.50 -3.41
C ASP B 119 -14.92 -44.93 -3.70
N ARG B 120 -14.31 -45.31 -4.82
CA ARG B 120 -12.98 -44.82 -5.13
C ARG B 120 -12.96 -43.32 -5.39
N GLY B 121 -13.95 -42.82 -6.13
CA GLY B 121 -14.02 -41.38 -6.37
C GLY B 121 -14.26 -40.58 -5.10
N ARG B 122 -15.17 -41.08 -4.26
CA ARG B 122 -15.37 -40.47 -2.95
C ARG B 122 -14.07 -40.44 -2.16
N LEU B 123 -13.33 -41.56 -2.18
CA LEU B 123 -12.06 -41.63 -1.48
C LEU B 123 -11.09 -40.58 -2.00
N TYR B 124 -11.00 -40.45 -3.32
CA TYR B 124 -10.09 -39.47 -3.91
C TYR B 124 -10.44 -38.05 -3.44
N ARG B 125 -11.70 -37.66 -3.61
CA ARG B 125 -12.09 -36.29 -3.26
C ARG B 125 -11.91 -36.01 -1.77
N ARG B 126 -12.38 -36.94 -0.93
CA ARG B 126 -12.28 -36.77 0.50
C ARG B 126 -10.83 -36.71 0.95
N THR B 127 -9.97 -37.56 0.37
CA THR B 127 -8.57 -37.57 0.77
C THR B 127 -7.85 -36.29 0.35
N LEU B 128 -8.16 -35.77 -0.85
CA LEU B 128 -7.54 -34.52 -1.26
C LEU B 128 -7.93 -33.38 -0.32
N MET B 129 -9.23 -33.26 -0.02
CA MET B 129 -9.64 -32.20 0.89
C MET B 129 -9.08 -32.41 2.29
N ARG B 130 -8.96 -33.67 2.73
CA ARG B 130 -8.41 -33.95 4.05
C ARG B 130 -6.92 -33.63 4.11
N TYR B 131 -6.19 -33.84 3.00
CA TYR B 131 -4.79 -33.44 2.96
C TYR B 131 -4.65 -31.94 3.09
N ALA B 132 -5.47 -31.18 2.38
CA ALA B 132 -5.45 -29.73 2.55
C ALA B 132 -5.74 -29.33 4.00
N GLY B 133 -6.80 -29.91 4.58
CA GLY B 133 -7.15 -29.58 5.95
C GLY B 133 -6.07 -29.97 6.94
N LEU B 134 -5.42 -31.11 6.71
CA LEU B 134 -4.35 -31.56 7.59
C LEU B 134 -3.16 -30.62 7.53
N SER B 135 -2.78 -30.16 6.34
CA SER B 135 -1.70 -29.19 6.25
C SER B 135 -2.05 -27.92 7.00
N ALA B 136 -3.29 -27.45 6.84
CA ALA B 136 -3.71 -26.26 7.59
C ALA B 136 -3.65 -26.50 9.10
N VAL B 137 -4.10 -27.66 9.56
CA VAL B 137 -4.07 -27.98 10.98
C VAL B 137 -2.65 -28.00 11.50
N LEU B 138 -1.73 -28.60 10.75
CA LEU B 138 -0.33 -28.67 11.17
C LEU B 138 0.26 -27.28 11.33
N ILE B 139 0.08 -26.43 10.32
CA ILE B 139 0.65 -25.09 10.43
C ILE B 139 0.00 -24.31 11.57
N LEU B 140 -1.32 -24.45 11.73
CA LEU B 140 -2.02 -23.68 12.76
C LEU B 140 -1.58 -24.11 14.16
N ARG B 141 -1.45 -25.42 14.41
CA ARG B 141 -0.93 -25.87 15.68
C ARG B 141 0.52 -25.46 15.87
N SER B 142 1.26 -25.24 14.78
CA SER B 142 2.60 -24.68 14.91
C SER B 142 2.57 -23.22 15.36
N VAL B 143 1.62 -22.43 14.86
CA VAL B 143 1.66 -20.98 15.08
C VAL B 143 0.61 -20.48 16.07
N SER B 144 -0.39 -21.28 16.42
CA SER B 144 -1.48 -20.82 17.26
C SER B 144 -1.47 -21.59 18.57
N THR B 145 -1.60 -20.87 19.69
CA THR B 145 -1.62 -21.51 21.00
C THR B 145 -2.94 -22.22 21.24
N ALA B 146 -4.05 -21.66 20.75
CA ALA B 146 -5.35 -22.31 20.91
C ALA B 146 -5.38 -23.64 20.17
N VAL B 147 -4.93 -23.65 18.92
CA VAL B 147 -4.90 -24.88 18.14
C VAL B 147 -3.94 -25.88 18.76
N PHE B 148 -2.78 -25.41 19.23
CA PHE B 148 -1.84 -26.31 19.87
C PHE B 148 -2.44 -26.95 21.11
N LYS B 149 -3.15 -26.16 21.92
CA LYS B 149 -3.84 -26.72 23.08
C LYS B 149 -4.85 -27.77 22.64
N ARG B 150 -5.55 -27.51 21.53
CA ARG B 150 -6.47 -28.51 21.01
C ARG B 150 -5.74 -29.74 20.49
N PHE B 151 -4.58 -29.55 19.87
CA PHE B 151 -3.78 -30.64 19.31
C PHE B 151 -2.37 -30.57 19.87
N PRO B 152 -2.18 -30.94 21.15
CA PRO B 152 -0.85 -30.86 21.74
C PRO B 152 0.12 -31.90 21.20
N THR B 153 -0.36 -32.96 20.55
CA THR B 153 0.50 -33.97 19.97
C THR B 153 -0.08 -34.40 18.63
N ILE B 154 0.75 -35.07 17.82
CA ILE B 154 0.28 -35.59 16.54
C ILE B 154 -0.72 -36.71 16.76
N ASP B 155 -0.66 -37.37 17.92
CA ASP B 155 -1.69 -38.34 18.27
C ASP B 155 -3.06 -37.69 18.32
N HIS B 156 -3.13 -36.46 18.85
CA HIS B 156 -4.40 -35.74 18.86
C HIS B 156 -4.89 -35.48 17.44
N VAL B 157 -3.99 -35.14 16.53
CA VAL B 157 -4.38 -34.93 15.13
C VAL B 157 -4.91 -36.22 14.53
N VAL B 158 -4.26 -37.35 14.83
CA VAL B 158 -4.74 -38.62 14.30
C VAL B 158 -6.11 -38.96 14.86
N GLU B 159 -6.33 -38.77 16.16
CA GLU B 159 -7.62 -39.03 16.77
C GLU B 159 -8.71 -38.08 16.28
N ALA B 160 -8.36 -36.85 15.91
CA ALA B 160 -9.33 -35.93 15.35
C ALA B 160 -9.78 -36.33 13.95
N GLY B 161 -9.12 -37.30 13.32
CA GLY B 161 -9.48 -37.75 12.00
C GLY B 161 -8.78 -37.04 10.86
N PHE B 162 -7.95 -36.05 11.14
CA PHE B 162 -7.25 -35.34 10.07
C PHE B 162 -6.14 -36.18 9.48
N MET B 163 -5.56 -37.09 10.26
CA MET B 163 -4.52 -37.99 9.81
C MET B 163 -4.91 -39.42 10.15
N THR B 164 -4.49 -40.35 9.31
CA THR B 164 -4.69 -41.77 9.57
C THR B 164 -3.45 -42.35 10.24
N ARG B 165 -3.58 -43.61 10.69
CA ARG B 165 -2.44 -44.26 11.33
C ARG B 165 -1.32 -44.55 10.35
N GLU B 166 -1.66 -45.02 9.14
CA GLU B 166 -0.64 -45.26 8.12
C GLU B 166 0.02 -43.97 7.67
N GLU B 167 -0.79 -42.92 7.44
CA GLU B 167 -0.22 -41.62 7.14
C GLU B 167 0.64 -41.12 8.29
N ARG B 168 0.24 -41.43 9.52
CA ARG B 168 1.06 -41.05 10.67
C ARG B 168 2.41 -41.75 10.63
N LYS B 169 2.42 -43.03 10.29
CA LYS B 169 3.69 -43.77 10.19
C LYS B 169 4.58 -43.15 9.12
N LYS B 170 4.02 -42.85 7.95
CA LYS B 170 4.81 -42.22 6.90
C LYS B 170 5.31 -40.85 7.35
N PHE B 171 4.46 -40.08 8.02
CA PHE B 171 4.80 -38.74 8.47
C PHE B 171 5.96 -38.77 9.46
N GLU B 172 5.90 -39.69 10.43
CA GLU B 172 6.95 -39.75 11.45
C GLU B 172 8.22 -40.38 10.92
N ASN B 173 8.13 -41.27 9.94
CA ASN B 173 9.33 -41.88 9.39
C ASN B 173 10.12 -40.91 8.52
N LEU B 174 9.53 -39.80 8.09
CA LEU B 174 10.26 -38.82 7.30
C LEU B 174 11.34 -38.18 8.16
N ASN B 175 12.58 -38.21 7.65
CA ASN B 175 13.73 -37.73 8.39
C ASN B 175 13.93 -36.25 8.08
N SER B 176 13.41 -35.38 8.93
CA SER B 176 13.52 -33.95 8.74
C SER B 176 13.40 -33.27 10.09
N SER B 177 14.28 -32.30 10.34
CA SER B 177 14.28 -31.55 11.59
C SER B 177 13.46 -30.27 11.51
N TYR B 178 12.83 -30.01 10.38
CA TYR B 178 12.04 -28.79 10.20
C TYR B 178 10.55 -29.11 10.23
N ASN B 179 9.75 -28.06 10.34
CA ASN B 179 8.30 -28.23 10.38
C ASN B 179 7.82 -28.97 9.14
N LYS B 180 6.93 -29.94 9.36
CA LYS B 180 6.46 -30.84 8.31
C LYS B 180 5.07 -30.47 7.81
N TYR B 181 4.64 -29.23 8.03
CA TYR B 181 3.30 -28.83 7.61
C TYR B 181 3.09 -29.03 6.11
N TRP B 182 4.17 -29.01 5.32
CA TRP B 182 4.11 -29.12 3.87
C TRP B 182 3.89 -30.55 3.38
N VAL B 183 4.11 -31.55 4.22
CA VAL B 183 4.04 -32.94 3.76
C VAL B 183 2.68 -33.28 3.16
N PRO B 184 1.55 -32.91 3.77
CA PRO B 184 0.26 -33.21 3.12
C PRO B 184 0.10 -32.58 1.76
N CYS B 185 0.78 -31.45 1.49
CA CYS B 185 0.67 -30.84 0.17
C CYS B 185 1.38 -31.68 -0.89
N VAL B 186 2.53 -32.27 -0.54
CA VAL B 186 3.20 -33.19 -1.45
C VAL B 186 2.37 -34.46 -1.62
N TRP B 187 1.72 -34.92 -0.55
CA TRP B 187 0.79 -36.03 -0.68
C TRP B 187 -0.34 -35.69 -1.64
N PHE B 188 -0.84 -34.45 -1.55
CA PHE B 188 -1.90 -33.99 -2.43
C PHE B 188 -1.43 -34.02 -3.89
N SER B 189 -0.22 -33.52 -4.14
CA SER B 189 0.31 -33.54 -5.50
C SER B 189 0.42 -34.96 -6.03
N ASN B 190 0.97 -35.86 -5.23
CA ASN B 190 1.12 -37.24 -5.66
C ASN B 190 -0.24 -37.90 -5.92
N LEU B 191 -1.21 -37.65 -5.05
CA LEU B 191 -2.53 -38.26 -5.21
C LEU B 191 -3.25 -37.69 -6.41
N ALA B 192 -3.13 -36.38 -6.66
CA ALA B 192 -3.71 -35.79 -7.85
C ALA B 192 -3.09 -36.37 -9.11
N ALA B 193 -1.78 -36.56 -9.12
CA ALA B 193 -1.14 -37.19 -10.27
C ALA B 193 -1.65 -38.61 -10.47
N GLN B 194 -1.80 -39.36 -9.37
CA GLN B 194 -2.33 -40.71 -9.48
C GLN B 194 -3.75 -40.72 -10.03
N ALA B 195 -4.59 -39.80 -9.56
CA ALA B 195 -5.96 -39.72 -10.05
C ALA B 195 -5.99 -39.38 -11.54
N ARG B 196 -5.16 -38.44 -11.98
CA ARG B 196 -5.10 -38.12 -13.40
C ARG B 196 -4.65 -39.32 -14.21
N ARG B 197 -3.63 -40.04 -13.72
CA ARG B 197 -3.18 -41.23 -14.44
C ARG B 197 -4.23 -42.31 -14.47
N GLU B 198 -5.09 -42.36 -13.46
CA GLU B 198 -6.15 -43.36 -13.37
C GLU B 198 -7.37 -43.02 -14.20
N GLY B 199 -7.50 -41.77 -14.66
CA GLY B 199 -8.66 -41.32 -15.41
C GLY B 199 -9.71 -40.61 -14.58
N ARG B 200 -9.56 -40.59 -13.26
CA ARG B 200 -10.52 -39.88 -12.42
C ARG B 200 -10.50 -38.38 -12.73
N ILE B 201 -9.33 -37.81 -12.91
CA ILE B 201 -9.19 -36.48 -13.49
C ILE B 201 -9.07 -36.66 -15.00
N ARG B 202 -9.95 -36.01 -15.75
CA ARG B 202 -10.16 -36.35 -17.14
C ARG B 202 -9.25 -35.62 -18.11
N ASP B 203 -8.60 -34.53 -17.70
CA ASP B 203 -7.76 -33.79 -18.61
C ASP B 203 -6.58 -33.18 -17.87
N ASN B 204 -5.55 -32.82 -18.63
CA ASN B 204 -4.35 -32.24 -18.05
C ASN B 204 -4.59 -30.84 -17.52
N SER B 205 -5.52 -30.11 -18.15
CA SER B 205 -5.84 -28.77 -17.65
CA SER B 205 -5.86 -28.77 -17.65
C SER B 205 -6.48 -28.84 -16.26
N ALA B 206 -7.31 -29.85 -16.01
CA ALA B 206 -7.90 -30.02 -14.69
C ALA B 206 -6.84 -30.28 -13.64
N LEU B 207 -5.86 -31.14 -13.97
CA LEU B 207 -4.76 -31.40 -13.04
C LEU B 207 -3.95 -30.13 -12.80
N LYS B 208 -3.72 -29.34 -13.84
CA LYS B 208 -2.98 -28.09 -13.67
C LYS B 208 -3.72 -27.13 -12.76
N LEU B 209 -5.04 -27.03 -12.92
CA LEU B 209 -5.83 -26.16 -12.05
C LEU B 209 -5.80 -26.65 -10.61
N LEU B 210 -5.89 -27.97 -10.41
CA LEU B 210 -5.77 -28.52 -9.07
C LEU B 210 -4.43 -28.18 -8.44
N LEU B 211 -3.35 -28.32 -9.19
CA LEU B 211 -2.03 -28.02 -8.65
C LEU B 211 -1.86 -26.53 -8.36
N GLU B 212 -2.44 -25.67 -9.19
CA GLU B 212 -2.38 -24.23 -8.92
C GLU B 212 -3.12 -23.87 -7.64
N GLU B 213 -4.31 -24.44 -7.45
CA GLU B 213 -5.04 -24.20 -6.21
C GLU B 213 -4.27 -24.72 -5.01
N LEU B 214 -3.66 -25.90 -5.15
CA LEU B 214 -2.85 -26.45 -4.08
C LEU B 214 -1.68 -25.53 -3.75
N ASN B 215 -1.05 -24.95 -4.78
CA ASN B 215 0.06 -24.04 -4.52
C ASN B 215 -0.40 -22.78 -3.79
N VAL B 216 -1.57 -22.26 -4.15
CA VAL B 216 -2.10 -21.11 -3.42
C VAL B 216 -2.32 -21.45 -1.96
N PHE B 217 -2.94 -22.61 -1.69
CA PHE B 217 -3.20 -23.04 -0.32
C PHE B 217 -1.90 -23.19 0.46
N ARG B 218 -0.93 -23.91 -0.12
CA ARG B 218 0.35 -24.12 0.54
C ARG B 218 1.09 -22.81 0.74
N GLY B 219 0.95 -21.85 -0.18
CA GLY B 219 1.57 -20.56 0.01
C GLY B 219 0.99 -19.81 1.19
N LYS B 220 -0.32 -19.90 1.38
CA LYS B 220 -0.91 -19.29 2.57
C LYS B 220 -0.41 -19.95 3.85
N CYS B 221 -0.28 -21.28 3.84
CA CYS B 221 0.31 -21.94 5.01
C CYS B 221 1.72 -21.46 5.28
N GLY B 222 2.54 -21.35 4.23
CA GLY B 222 3.90 -20.88 4.40
C GLY B 222 3.96 -19.44 4.87
N MET B 223 3.04 -18.61 4.41
CA MET B 223 2.98 -17.23 4.88
C MET B 223 2.65 -17.17 6.37
N LEU B 224 1.75 -18.04 6.83
CA LEU B 224 1.49 -18.13 8.26
C LEU B 224 2.76 -18.49 9.01
N PHE B 225 3.51 -19.47 8.50
CA PHE B 225 4.77 -19.84 9.15
C PHE B 225 5.74 -18.66 9.18
N HIS B 226 5.86 -17.93 8.08
CA HIS B 226 6.79 -16.80 8.02
C HIS B 226 6.42 -15.70 8.99
N TYR B 227 5.12 -15.39 9.08
CA TYR B 227 4.68 -14.38 10.02
C TYR B 227 4.95 -14.81 11.45
N ASP B 228 4.74 -16.08 11.76
CA ASP B 228 5.07 -16.57 13.09
C ASP B 228 6.57 -16.44 13.38
N TRP B 229 7.40 -16.76 12.39
CA TRP B 229 8.85 -16.75 12.60
C TRP B 229 9.38 -15.33 12.72
N ILE B 230 9.14 -14.50 11.70
CA ILE B 230 9.69 -13.15 11.65
C ILE B 230 8.76 -12.26 12.46
N SER B 231 9.04 -12.13 13.74
CA SER B 231 8.29 -11.25 14.61
C SER B 231 8.55 -9.80 14.24
N VAL B 232 7.71 -8.91 14.78
CA VAL B 232 8.07 -7.49 14.71
C VAL B 232 9.41 -7.31 15.41
N PRO B 233 10.34 -6.53 14.86
CA PRO B 233 11.67 -6.42 15.47
C PRO B 233 11.59 -6.14 16.96
N LEU B 234 12.31 -6.95 17.74
CA LEU B 234 12.28 -6.81 19.19
C LEU B 234 12.74 -5.42 19.62
N VAL B 235 13.60 -4.78 18.84
CA VAL B 235 14.06 -3.44 19.16
C VAL B 235 12.88 -2.48 19.22
N TYR B 236 11.98 -2.56 18.25
CA TYR B 236 10.81 -1.67 18.24
C TYR B 236 9.93 -1.90 19.46
N THR B 237 9.67 -3.16 19.79
CA THR B 237 8.83 -3.46 20.95
C THR B 237 9.46 -2.91 22.22
N GLN B 238 10.75 -3.16 22.41
CA GLN B 238 11.43 -2.65 23.60
C GLN B 238 11.40 -1.14 23.64
N VAL B 239 11.62 -0.49 22.49
CA VAL B 239 11.68 0.96 22.46
C VAL B 239 10.33 1.56 22.82
N VAL B 240 9.25 1.04 22.25
CA VAL B 240 7.92 1.58 22.55
CA VAL B 240 7.92 1.58 22.55
C VAL B 240 7.56 1.32 24.01
N THR B 241 7.85 0.13 24.52
CA THR B 241 7.56 -0.17 25.91
C THR B 241 8.31 0.77 26.84
N ILE B 242 9.60 1.00 26.56
CA ILE B 242 10.40 1.89 27.39
C ILE B 242 9.89 3.32 27.29
N ALA B 243 9.53 3.77 26.09
CA ALA B 243 9.02 5.12 25.93
C ALA B 243 7.77 5.33 26.78
N LEU B 244 6.80 4.43 26.66
CA LEU B 244 5.58 4.55 27.45
C LEU B 244 5.87 4.52 28.93
N TYR B 245 6.66 3.54 29.38
CA TYR B 245 6.93 3.39 30.80
C TYR B 245 7.65 4.61 31.36
N SER B 246 8.68 5.09 30.67
CA SER B 246 9.43 6.24 31.16
C SER B 246 8.59 7.50 31.14
N TYR B 247 7.79 7.69 30.10
CA TYR B 247 6.94 8.88 30.05
C TYR B 247 5.98 8.90 31.24
N PHE B 248 5.33 7.77 31.54
CA PHE B 248 4.35 7.82 32.61
C PHE B 248 4.99 7.72 34.00
N LEU B 249 6.17 7.13 34.12
CA LEU B 249 6.94 7.28 35.35
C LEU B 249 7.30 8.73 35.61
N ALA B 250 7.67 9.47 34.56
CA ALA B 250 7.91 10.90 34.71
C ALA B 250 6.63 11.64 35.09
N CYS B 251 5.51 11.29 34.46
CA CYS B 251 4.23 11.91 34.79
C CYS B 251 3.80 11.63 36.22
N LEU B 252 4.23 10.49 36.79
CA LEU B 252 3.92 10.22 38.19
C LEU B 252 4.39 11.36 39.10
N ILE B 253 5.51 12.00 38.75
CA ILE B 253 6.04 13.11 39.53
C ILE B 253 5.58 14.45 38.96
N GLY B 254 5.70 14.64 37.65
CA GLY B 254 5.42 15.92 37.04
C GLY B 254 3.96 16.31 37.05
N ARG B 255 3.06 15.34 37.17
CA ARG B 255 1.62 15.60 37.17
C ARG B 255 1.05 15.69 38.59
N GLN B 256 1.91 15.76 39.59
CA GLN B 256 1.45 15.87 40.96
C GLN B 256 0.83 17.23 41.22
N PHE B 257 -0.19 17.24 42.08
CA PHE B 257 -0.83 18.48 42.49
C PHE B 257 0.03 19.14 43.55
N LEU B 258 0.55 20.33 43.24
CA LEU B 258 1.37 21.08 44.17
C LEU B 258 0.51 22.00 45.01
N ASP B 259 1.05 22.41 46.16
CA ASP B 259 0.29 23.22 47.09
C ASP B 259 -0.07 24.55 46.46
N PRO B 260 -1.36 24.89 46.33
CA PRO B 260 -1.72 26.17 45.70
C PRO B 260 -1.24 27.38 46.46
N ALA B 261 -0.94 27.25 47.75
CA ALA B 261 -0.45 28.38 48.53
C ALA B 261 0.97 28.79 48.15
N GLN B 262 1.66 27.99 47.35
CA GLN B 262 3.02 28.31 46.93
C GLN B 262 3.07 29.19 45.68
N GLY B 263 1.92 29.49 45.08
CA GLY B 263 1.89 30.42 43.97
C GLY B 263 2.58 29.95 42.72
N TYR B 264 2.85 28.66 42.60
CA TYR B 264 3.51 28.16 41.40
C TYR B 264 2.62 28.38 40.18
N LYS B 265 3.22 28.84 39.10
CA LYS B 265 2.48 29.01 37.86
C LYS B 265 1.84 27.69 37.46
N ASP B 266 0.55 27.75 37.13
CA ASP B 266 -0.24 26.66 36.58
C ASP B 266 -0.63 25.65 37.67
N HIS B 267 -0.16 25.81 38.90
CA HIS B 267 -0.60 25.00 40.03
C HIS B 267 -1.46 25.87 40.95
N ASP B 268 -2.74 25.99 40.59
CA ASP B 268 -3.67 26.82 41.34
C ASP B 268 -4.88 26.08 41.86
N LEU B 269 -5.21 24.92 41.31
CA LEU B 269 -6.38 24.16 41.70
C LEU B 269 -5.94 22.76 42.09
N ASP B 270 -6.26 22.36 43.33
CA ASP B 270 -5.90 21.05 43.84
C ASP B 270 -7.11 20.13 43.71
N LEU B 271 -7.14 19.34 42.65
CA LEU B 271 -8.22 18.39 42.41
C LEU B 271 -7.93 17.01 42.99
N CYS B 272 -6.76 16.81 43.57
CA CYS B 272 -6.40 15.52 44.15
C CYS B 272 -6.26 14.44 43.07
N VAL B 273 -7.35 14.12 42.39
CA VAL B 273 -7.32 13.09 41.35
C VAL B 273 -6.86 13.71 40.04
N PRO B 274 -5.82 13.18 39.41
CA PRO B 274 -5.35 13.70 38.11
C PRO B 274 -6.17 13.18 36.94
N ILE B 275 -7.31 13.85 36.70
CA ILE B 275 -8.27 13.36 35.71
C ILE B 275 -7.64 13.29 34.33
N PHE B 276 -6.98 14.36 33.91
CA PHE B 276 -6.45 14.41 32.55
C PHE B 276 -5.21 13.54 32.41
N THR B 277 -4.38 13.47 33.44
CA THR B 277 -3.25 12.54 33.41
C THR B 277 -3.75 11.11 33.31
N LEU B 278 -4.79 10.76 34.06
CA LEU B 278 -5.39 9.43 33.96
C LEU B 278 -5.95 9.18 32.58
N LEU B 279 -6.61 10.17 31.98
CA LEU B 279 -7.16 10.01 30.64
C LEU B 279 -6.04 9.82 29.60
N GLN B 280 -4.96 10.59 29.72
CA GLN B 280 -3.83 10.44 28.81
C GLN B 280 -3.19 9.05 28.95
N PHE B 281 -3.01 8.60 30.19
CA PHE B 281 -2.51 7.25 30.38
C PHE B 281 -3.47 6.23 29.77
N PHE B 282 -4.76 6.40 30.01
CA PHE B 282 -5.74 5.49 29.42
C PHE B 282 -5.55 5.38 27.92
N PHE B 283 -5.46 6.52 27.24
CA PHE B 283 -5.37 6.51 25.79
C PHE B 283 -4.06 5.90 25.30
N TYR B 284 -2.92 6.34 25.84
CA TYR B 284 -1.64 5.86 25.34
C TYR B 284 -1.40 4.39 25.70
N ALA B 285 -1.62 4.03 26.97
CA ALA B 285 -1.49 2.63 27.36
C ALA B 285 -2.50 1.75 26.64
N GLY B 286 -3.70 2.27 26.34
CA GLY B 286 -4.65 1.49 25.58
C GLY B 286 -4.21 1.26 24.15
N TRP B 287 -3.61 2.28 23.54
CA TRP B 287 -3.03 2.10 22.20
C TRP B 287 -1.98 0.99 22.23
N LEU B 288 -1.07 1.05 23.20
CA LEU B 288 -0.06 0.00 23.30
C LEU B 288 -0.68 -1.36 23.62
N LYS B 289 -1.77 -1.40 24.38
CA LYS B 289 -2.40 -2.67 24.70
C LYS B 289 -3.11 -3.27 23.49
N VAL B 290 -3.70 -2.43 22.65
CA VAL B 290 -4.23 -2.95 21.38
C VAL B 290 -3.10 -3.52 20.54
N ALA B 291 -1.96 -2.82 20.49
CA ALA B 291 -0.82 -3.38 19.78
C ALA B 291 -0.41 -4.73 20.38
N GLU B 292 -0.40 -4.82 21.72
CA GLU B 292 -0.02 -6.06 22.39
C GLU B 292 -0.96 -7.20 22.03
N GLN B 293 -2.26 -6.93 22.03
CA GLN B 293 -3.24 -7.96 21.71
C GLN B 293 -3.16 -8.38 20.26
N LEU B 294 -2.95 -7.43 19.35
CA LEU B 294 -2.96 -7.73 17.92
C LEU B 294 -1.62 -8.28 17.42
N ILE B 295 -0.55 -8.13 18.19
CA ILE B 295 0.78 -8.48 17.68
C ILE B 295 0.85 -9.97 17.35
N ASN B 296 0.24 -10.80 18.19
CA ASN B 296 0.10 -12.24 17.92
C ASN B 296 -1.39 -12.55 17.91
N PRO B 297 -2.04 -12.50 16.75
CA PRO B 297 -3.50 -12.68 16.68
C PRO B 297 -3.95 -14.13 16.79
N PHE B 298 -3.03 -15.06 17.04
CA PHE B 298 -3.37 -16.47 17.19
C PHE B 298 -3.30 -16.94 18.63
N GLY B 299 -3.28 -16.00 19.58
CA GLY B 299 -3.34 -16.32 20.99
C GLY B 299 -4.75 -16.64 21.44
N GLU B 300 -5.05 -16.29 22.69
CA GLU B 300 -6.36 -16.57 23.27
C GLU B 300 -7.03 -15.29 23.78
N ASP B 301 -6.68 -14.16 23.18
CA ASP B 301 -7.38 -12.91 23.48
C ASP B 301 -8.80 -12.96 22.92
N ASP B 302 -9.65 -12.07 23.43
CA ASP B 302 -11.03 -12.03 22.96
C ASP B 302 -11.10 -11.67 21.48
N ASP B 303 -10.25 -10.75 21.04
CA ASP B 303 -10.24 -10.30 19.65
C ASP B 303 -9.28 -11.10 18.77
N ASP B 304 -8.66 -12.15 19.30
CA ASP B 304 -7.83 -13.00 18.46
C ASP B 304 -8.69 -13.85 17.54
N PHE B 305 -8.08 -14.30 16.44
CA PHE B 305 -8.80 -15.08 15.44
C PHE B 305 -9.30 -16.39 16.04
N GLU B 306 -10.49 -16.81 15.59
CA GLU B 306 -11.09 -18.06 16.05
C GLU B 306 -10.59 -19.20 15.16
N THR B 307 -9.38 -19.66 15.48
CA THR B 307 -8.73 -20.65 14.63
C THR B 307 -9.39 -22.03 14.74
N ASN B 308 -9.82 -22.42 15.94
CA ASN B 308 -10.46 -23.72 16.08
C ASN B 308 -11.81 -23.75 15.37
N PHE B 309 -12.59 -22.68 15.50
CA PHE B 309 -13.84 -22.58 14.76
C PHE B 309 -13.59 -22.66 13.27
N LEU B 310 -12.56 -21.98 12.78
CA LEU B 310 -12.25 -22.01 11.36
C LEU B 310 -11.83 -23.40 10.91
N ILE B 311 -11.04 -24.10 11.72
CA ILE B 311 -10.66 -25.48 11.39
C ILE B 311 -11.90 -26.34 11.24
N ASP B 312 -12.80 -26.28 12.23
CA ASP B 312 -14.01 -27.10 12.18
C ASP B 312 -14.86 -26.76 10.98
N ARG B 313 -15.09 -25.46 10.74
CA ARG B 313 -15.92 -25.03 9.63
C ARG B 313 -15.32 -25.47 8.30
N ASN B 314 -14.01 -25.29 8.13
CA ASN B 314 -13.37 -25.63 6.87
C ASN B 314 -13.46 -27.13 6.60
N PHE B 315 -13.20 -27.95 7.62
CA PHE B 315 -13.28 -29.39 7.41
C PHE B 315 -14.70 -29.80 7.05
N GLN B 316 -15.68 -29.31 7.81
CA GLN B 316 -17.06 -29.70 7.57
C GLN B 316 -17.51 -29.30 6.16
N VAL B 317 -17.23 -28.05 5.78
CA VAL B 317 -17.66 -27.54 4.49
C VAL B 317 -16.96 -28.28 3.36
N SER B 318 -15.66 -28.54 3.48
CA SER B 318 -14.94 -29.23 2.43
C SER B 318 -15.48 -30.64 2.22
N MET B 319 -15.68 -31.37 3.33
CA MET B 319 -16.21 -32.73 3.21
C MET B 319 -17.59 -32.71 2.57
N LEU B 320 -18.45 -31.79 3.02
CA LEU B 320 -19.78 -31.69 2.44
C LEU B 320 -19.71 -31.41 0.94
N ALA B 321 -18.93 -30.40 0.55
CA ALA B 321 -18.87 -29.98 -0.85
C ALA B 321 -18.34 -31.09 -1.75
N VAL B 322 -17.31 -31.81 -1.31
CA VAL B 322 -16.70 -32.80 -2.20
C VAL B 322 -17.35 -34.18 -2.12
N ASP B 323 -18.13 -34.46 -1.08
CA ASP B 323 -18.74 -35.78 -0.95
C ASP B 323 -20.25 -35.74 -1.16
N GLU B 324 -20.99 -34.95 -0.37
CA GLU B 324 -22.44 -34.98 -0.47
C GLU B 324 -22.92 -34.21 -1.69
N MET B 325 -22.24 -33.15 -2.06
CA MET B 325 -22.66 -32.26 -3.13
C MET B 325 -22.10 -32.64 -4.48
N TYR B 326 -21.32 -33.73 -4.58
CA TYR B 326 -20.73 -34.08 -5.86
C TYR B 326 -21.78 -34.66 -6.80
N ASP B 327 -21.86 -34.09 -8.01
CA ASP B 327 -22.77 -34.57 -9.04
C ASP B 327 -24.19 -34.72 -8.49
N ASP B 328 -24.60 -33.75 -7.66
CA ASP B 328 -25.88 -33.77 -6.97
C ASP B 328 -26.65 -32.50 -7.29
N LEU B 329 -26.77 -32.19 -8.57
CA LEU B 329 -27.48 -31.00 -9.00
C LEU B 329 -28.97 -31.28 -9.15
N ALA B 330 -29.77 -30.23 -8.99
CA ALA B 330 -31.16 -30.30 -9.38
C ALA B 330 -31.27 -30.24 -10.89
N VAL B 331 -32.29 -30.92 -11.43
CA VAL B 331 -32.48 -30.97 -12.88
C VAL B 331 -32.49 -29.54 -13.42
N LEU B 332 -32.04 -29.39 -14.66
CA LEU B 332 -32.09 -28.09 -15.30
C LEU B 332 -33.53 -27.66 -15.52
N GLU B 333 -33.99 -26.68 -14.75
CA GLU B 333 -35.34 -26.14 -14.89
C GLU B 333 -35.26 -24.70 -15.38
N LYS B 334 -36.22 -24.31 -16.22
CA LYS B 334 -36.36 -22.92 -16.60
C LYS B 334 -36.66 -22.06 -15.37
N ASP B 335 -36.00 -20.91 -15.29
CA ASP B 335 -36.13 -20.07 -14.12
C ASP B 335 -37.36 -19.17 -14.23
N LEU B 336 -37.51 -18.27 -13.25
CA LEU B 336 -38.69 -17.41 -13.21
C LEU B 336 -38.76 -16.51 -14.44
N TYR B 337 -37.63 -15.94 -14.85
CA TYR B 337 -37.59 -14.92 -15.90
C TYR B 337 -37.22 -15.50 -17.26
N TRP B 338 -37.59 -16.76 -17.51
CA TRP B 338 -37.25 -17.40 -18.78
C TRP B 338 -37.85 -16.63 -19.94
N ASP B 339 -39.09 -16.19 -19.82
CA ASP B 339 -39.80 -15.49 -20.88
C ASP B 339 -39.69 -13.97 -20.80
N ALA B 340 -39.16 -13.43 -19.70
CA ALA B 340 -39.03 -11.99 -19.55
C ALA B 340 -38.13 -11.40 -20.63
N TYR B 347 -38.51 -6.59 -4.22
CA TYR B 347 -38.36 -5.69 -3.08
C TYR B 347 -39.49 -5.87 -2.07
N THR B 348 -39.17 -5.69 -0.79
CA THR B 348 -40.17 -5.78 0.26
C THR B 348 -40.74 -4.40 0.58
N PHE B 360 -28.26 4.86 -12.19
CA PHE B 360 -27.04 5.60 -12.46
C PHE B 360 -26.35 5.09 -13.71
N GLN B 361 -26.03 6.01 -14.62
CA GLN B 361 -25.38 5.68 -15.88
C GLN B 361 -23.97 6.22 -15.99
N GLY B 362 -23.64 7.26 -15.26
CA GLY B 362 -22.35 7.90 -15.36
C GLY B 362 -22.44 9.34 -14.89
N SER B 363 -21.26 9.97 -14.81
CA SER B 363 -21.21 11.35 -14.36
C SER B 363 -21.69 12.30 -15.45
N THR B 364 -21.41 11.98 -16.71
CA THR B 364 -21.75 12.85 -17.83
C THR B 364 -23.18 12.65 -18.32
N PHE B 365 -23.94 11.75 -17.73
CA PHE B 365 -25.31 11.50 -18.16
C PHE B 365 -26.31 12.03 -17.14
N THR C 2 -25.11 5.64 -1.72
CA THR C 2 -24.07 6.33 -2.48
C THR C 2 -24.58 7.65 -3.03
N VAL C 3 -23.94 8.74 -2.63
CA VAL C 3 -24.25 10.08 -3.13
C VAL C 3 -23.13 10.44 -4.09
N THR C 4 -23.44 10.45 -5.39
CA THR C 4 -22.45 10.72 -6.43
C THR C 4 -22.47 12.19 -6.80
N TYR C 5 -21.28 12.79 -6.82
CA TYR C 5 -21.13 14.19 -7.22
C TYR C 5 -19.94 14.35 -8.15
N THR C 6 -19.55 13.30 -8.86
CA THR C 6 -18.36 13.35 -9.70
C THR C 6 -18.51 14.41 -10.79
N ALA C 7 -19.68 14.48 -11.41
CA ALA C 7 -19.89 15.44 -12.51
C ALA C 7 -19.75 16.87 -12.03
N ARG C 8 -20.21 17.16 -10.81
CA ARG C 8 -20.13 18.53 -10.30
C ARG C 8 -18.70 18.98 -10.13
N VAL C 9 -17.77 18.05 -9.95
CA VAL C 9 -16.38 18.39 -9.66
C VAL C 9 -15.46 17.98 -10.81
N ALA C 10 -15.98 17.94 -12.03
CA ALA C 10 -15.17 17.55 -13.19
C ALA C 10 -14.00 18.51 -13.39
N ASN C 11 -14.23 19.80 -13.21
CA ASN C 11 -13.22 20.83 -13.37
C ASN C 11 -13.08 21.62 -12.08
N ALA C 12 -11.86 22.09 -11.82
CA ALA C 12 -11.60 22.97 -10.69
C ALA C 12 -12.06 24.38 -11.06
N ARG C 13 -13.17 24.81 -10.47
CA ARG C 13 -13.77 26.10 -10.77
C ARG C 13 -13.59 27.05 -9.59
N PHE C 14 -13.99 28.30 -9.80
CA PHE C 14 -13.84 29.31 -8.74
C PHE C 14 -14.67 28.95 -7.52
N GLY C 15 -15.96 28.68 -7.72
CA GLY C 15 -16.78 28.18 -6.64
C GLY C 15 -16.91 26.66 -6.68
N GLY C 16 -15.78 25.97 -6.71
CA GLY C 16 -15.77 24.54 -6.95
C GLY C 16 -16.44 23.72 -5.87
N PHE C 17 -15.82 23.66 -4.69
CA PHE C 17 -16.38 22.88 -3.59
C PHE C 17 -17.40 23.66 -2.79
N SER C 18 -17.55 24.96 -3.03
CA SER C 18 -18.56 25.74 -2.31
C SER C 18 -19.97 25.28 -2.65
N GLN C 19 -20.21 24.93 -3.91
CA GLN C 19 -21.53 24.49 -4.31
C GLN C 19 -21.95 23.22 -3.57
N LEU C 20 -20.99 22.34 -3.27
CA LEU C 20 -21.30 21.09 -2.60
C LEU C 20 -21.74 21.28 -1.16
N LEU C 21 -21.53 22.45 -0.58
CA LEU C 21 -21.95 22.72 0.79
C LEU C 21 -23.47 22.82 0.92
N LEU C 22 -24.19 22.95 -0.19
CA LEU C 22 -25.63 23.12 -0.15
C LEU C 22 -26.38 21.80 -0.32
N LEU C 23 -25.67 20.67 -0.29
CA LEU C 23 -26.29 19.37 -0.40
C LEU C 23 -26.64 18.83 0.98
N TRP C 24 -27.83 18.25 1.11
CA TRP C 24 -28.32 17.71 2.36
C TRP C 24 -28.17 16.20 2.45
N ARG C 25 -28.72 15.48 1.48
CA ARG C 25 -28.60 14.03 1.48
C ARG C 25 -27.13 13.62 1.45
N GLY C 26 -26.76 12.71 2.35
CA GLY C 26 -25.38 12.28 2.44
C GLY C 26 -24.42 13.40 2.80
N SER C 27 -24.85 14.30 3.68
CA SER C 27 -24.06 15.46 4.07
C SER C 27 -23.59 15.32 5.50
N ILE C 28 -22.66 16.18 5.89
CA ILE C 28 -22.17 16.20 7.27
C ILE C 28 -23.22 16.80 8.20
N TYR C 29 -23.95 17.81 7.74
CA TYR C 29 -24.98 18.42 8.55
C TYR C 29 -26.02 17.38 8.97
N LYS C 30 -26.48 16.58 8.02
CA LYS C 30 -27.45 15.52 8.31
C LYS C 30 -26.92 14.57 9.37
N LEU C 31 -25.64 14.22 9.29
CA LEU C 31 -25.08 13.25 10.21
C LEU C 31 -24.83 13.84 11.59
N LEU C 32 -24.62 15.15 11.70
CA LEU C 32 -24.06 15.71 12.92
C LEU C 32 -24.88 16.80 13.60
N TRP C 33 -26.03 17.19 13.05
CA TRP C 33 -26.74 18.33 13.64
C TRP C 33 -27.28 18.01 15.03
N ARG C 34 -27.73 16.77 15.25
CA ARG C 34 -28.23 16.39 16.57
C ARG C 34 -27.14 16.49 17.63
N GLU C 35 -25.96 15.95 17.32
CA GLU C 35 -24.85 15.99 18.28
C GLU C 35 -24.37 17.42 18.51
N LEU C 36 -24.31 18.22 17.45
CA LEU C 36 -23.91 19.62 17.63
C LEU C 36 -24.91 20.36 18.51
N LEU C 37 -26.21 20.09 18.31
CA LEU C 37 -27.24 20.70 19.13
C LEU C 37 -27.10 20.29 20.59
N CYS C 38 -26.83 19.00 20.84
CA CYS C 38 -26.67 18.56 22.23
C CYS C 38 -25.46 19.23 22.88
N PHE C 39 -24.33 19.30 22.16
CA PHE C 39 -23.16 19.95 22.72
C PHE C 39 -23.44 21.41 23.03
N LEU C 40 -24.08 22.12 22.09
CA LEU C 40 -24.39 23.54 22.31
C LEU C 40 -25.35 23.71 23.48
N GLY C 41 -26.33 22.82 23.61
CA GLY C 41 -27.26 22.93 24.73
C GLY C 41 -26.59 22.71 26.07
N PHE C 42 -25.71 21.73 26.16
CA PHE C 42 -24.98 21.52 27.41
C PHE C 42 -24.09 22.70 27.74
N TYR C 43 -23.39 23.23 26.73
CA TYR C 43 -22.54 24.39 26.96
C TYR C 43 -23.36 25.58 27.44
N MET C 44 -24.52 25.79 26.81
CA MET C 44 -25.36 26.92 27.18
C MET C 44 -25.93 26.76 28.58
N ALA C 45 -26.30 25.52 28.96
CA ALA C 45 -26.77 25.28 30.32
C ALA C 45 -25.68 25.61 31.33
N LEU C 46 -24.45 25.15 31.08
CA LEU C 46 -23.35 25.46 31.99
C LEU C 46 -23.09 26.95 32.06
N SER C 47 -23.12 27.63 30.91
CA SER C 47 -22.90 29.07 30.88
C SER C 47 -23.97 29.82 31.67
N ALA C 48 -25.23 29.44 31.50
CA ALA C 48 -26.31 30.09 32.23
C ALA C 48 -26.18 29.84 33.72
N ALA C 49 -25.81 28.62 34.12
CA ALA C 49 -25.60 28.34 35.53
C ALA C 49 -24.49 29.20 36.10
N TYR C 50 -23.39 29.33 35.38
CA TYR C 50 -22.28 30.17 35.84
C TYR C 50 -22.70 31.64 35.94
N ARG C 51 -23.49 32.11 34.98
CA ARG C 51 -23.84 33.52 34.92
C ARG C 51 -24.89 33.92 35.95
N PHE C 52 -25.88 33.05 36.20
CA PHE C 52 -27.06 33.44 36.96
C PHE C 52 -27.32 32.63 38.22
N VAL C 53 -26.63 31.53 38.44
CA VAL C 53 -26.88 30.65 39.58
C VAL C 53 -25.76 30.73 40.61
N LEU C 54 -24.52 30.52 40.19
CA LEU C 54 -23.42 30.42 41.14
C LEU C 54 -23.24 31.74 41.89
N THR C 55 -22.82 31.63 43.15
CA THR C 55 -22.47 32.80 43.95
C THR C 55 -21.07 33.27 43.56
N GLU C 56 -20.65 34.37 44.18
CA GLU C 56 -19.35 34.97 43.82
C GLU C 56 -18.21 33.99 44.10
N GLY C 57 -18.21 33.37 45.29
CA GLY C 57 -17.16 32.40 45.59
C GLY C 57 -17.25 31.17 44.73
N GLN C 58 -18.46 30.68 44.49
CA GLN C 58 -18.65 29.57 43.56
C GLN C 58 -18.17 29.95 42.17
N LYS C 59 -18.40 31.19 41.75
CA LYS C 59 -17.92 31.63 40.45
C LYS C 59 -16.39 31.67 40.40
N ARG C 60 -15.76 32.10 41.48
CA ARG C 60 -14.29 32.10 41.51
C ARG C 60 -13.75 30.68 41.39
N TYR C 61 -14.33 29.75 42.14
CA TYR C 61 -13.89 28.36 42.02
C TYR C 61 -14.16 27.81 40.63
N PHE C 62 -15.31 28.14 40.04
CA PHE C 62 -15.63 27.69 38.69
C PHE C 62 -14.64 28.25 37.68
N GLU C 63 -14.22 29.50 37.86
CA GLU C 63 -13.24 30.09 36.96
C GLU C 63 -11.90 29.37 37.07
N LYS C 64 -11.48 29.06 38.29
CA LYS C 64 -10.27 28.26 38.45
C LYS C 64 -10.39 26.92 37.75
N LEU C 65 -11.54 26.25 37.90
CA LEU C 65 -11.75 24.96 37.26
C LEU C 65 -11.74 25.08 35.75
N VAL C 66 -12.33 26.16 35.21
CA VAL C 66 -12.37 26.38 33.77
C VAL C 66 -10.95 26.56 33.24
N ILE C 67 -10.14 27.37 33.93
CA ILE C 67 -8.75 27.56 33.51
C ILE C 67 -7.99 26.23 33.56
N TYR C 68 -8.19 25.46 34.62
CA TYR C 68 -7.52 24.17 34.74
C TYR C 68 -7.89 23.24 33.58
N CYS C 69 -9.19 23.13 33.29
CA CYS C 69 -9.64 22.26 32.21
C CYS C 69 -9.11 22.75 30.86
N ASP C 70 -9.13 24.06 30.62
CA ASP C 70 -8.62 24.59 29.36
C ASP C 70 -7.15 24.24 29.18
N GLN C 71 -6.36 24.37 30.25
CA GLN C 71 -4.94 24.10 30.11
C GLN C 71 -4.61 22.62 30.02
N TYR C 72 -5.39 21.75 30.66
CA TYR C 72 -5.02 20.33 30.68
C TYR C 72 -5.82 19.45 29.73
N ALA C 73 -6.80 20.00 29.00
CA ALA C 73 -7.53 19.17 28.05
C ALA C 73 -6.70 18.79 26.85
N SER C 74 -5.60 19.50 26.59
CA SER C 74 -4.72 19.14 25.48
C SER C 74 -4.02 17.81 25.68
N LEU C 75 -4.01 17.28 26.91
CA LEU C 75 -3.37 16.00 27.17
C LEU C 75 -4.06 14.84 26.49
N ILE C 76 -5.31 15.01 26.05
CA ILE C 76 -6.05 13.95 25.38
C ILE C 76 -5.66 13.97 23.90
N PRO C 77 -5.06 12.90 23.38
CA PRO C 77 -4.60 12.87 21.97
C PRO C 77 -5.74 12.58 21.00
N VAL C 78 -6.64 13.57 20.83
CA VAL C 78 -7.83 13.36 20.01
C VAL C 78 -7.43 13.09 18.56
N SER C 79 -6.60 13.95 17.99
CA SER C 79 -6.23 13.79 16.58
C SER C 79 -5.36 12.57 16.36
N PHE C 80 -4.48 12.27 17.32
CA PHE C 80 -3.58 11.12 17.16
C PHE C 80 -4.37 9.83 16.94
N VAL C 81 -5.35 9.57 17.80
CA VAL C 81 -6.15 8.35 17.67
C VAL C 81 -7.15 8.48 16.51
N LEU C 82 -7.74 9.67 16.35
CA LEU C 82 -8.78 9.86 15.35
C LEU C 82 -8.24 9.62 13.94
N GLY C 83 -7.06 10.14 13.64
CA GLY C 83 -6.51 9.99 12.30
C GLY C 83 -6.25 8.54 11.95
N PHE C 84 -5.62 7.80 12.86
CA PHE C 84 -5.34 6.39 12.61
C PHE C 84 -6.64 5.62 12.41
N TYR C 85 -7.62 5.87 13.28
CA TYR C 85 -8.89 5.17 13.17
C TYR C 85 -9.57 5.45 11.83
N VAL C 86 -9.61 6.71 11.43
CA VAL C 86 -10.30 7.08 10.19
C VAL C 86 -9.58 6.50 8.99
N THR C 87 -8.24 6.50 9.01
CA THR C 87 -7.48 5.89 7.92
C THR C 87 -7.81 4.41 7.78
N LEU C 88 -7.80 3.70 8.91
CA LEU C 88 -8.13 2.27 8.88
C LEU C 88 -9.54 2.05 8.31
N VAL C 89 -10.50 2.84 8.78
CA VAL C 89 -11.88 2.65 8.35
C VAL C 89 -12.02 2.92 6.86
N VAL C 90 -11.37 3.98 6.36
CA VAL C 90 -11.50 4.34 4.95
C VAL C 90 -10.86 3.29 4.05
N ASN C 91 -9.70 2.79 4.45
CA ASN C 91 -9.06 1.73 3.67
C ASN C 91 -9.95 0.49 3.63
N ARG C 92 -10.50 0.10 4.78
CA ARG C 92 -11.41 -1.04 4.80
C ARG C 92 -12.63 -0.79 3.92
N TRP C 93 -13.11 0.46 3.90
CA TRP C 93 -14.29 0.80 3.12
C TRP C 93 -14.06 0.58 1.63
N TRP C 94 -12.97 1.13 1.11
CA TRP C 94 -12.69 0.92 -0.31
C TRP C 94 -12.41 -0.54 -0.62
N SER C 95 -11.68 -1.23 0.26
CA SER C 95 -11.42 -2.65 0.04
C SER C 95 -12.73 -3.44 -0.02
N GLN C 96 -13.66 -3.14 0.89
CA GLN C 96 -14.94 -3.83 0.90
C GLN C 96 -15.72 -3.57 -0.38
N TYR C 97 -15.70 -2.33 -0.87
CA TYR C 97 -16.37 -2.09 -2.14
C TYR C 97 -15.75 -2.93 -3.26
N LEU C 98 -14.42 -3.00 -3.30
CA LEU C 98 -13.76 -3.78 -4.33
C LEU C 98 -14.05 -5.27 -4.23
N CYS C 99 -14.58 -5.73 -3.10
CA CYS C 99 -14.84 -7.16 -2.89
C CYS C 99 -16.25 -7.58 -3.25
N MET C 100 -17.11 -6.66 -3.63
CA MET C 100 -18.47 -7.04 -4.03
C MET C 100 -18.40 -7.84 -5.33
N PRO C 101 -18.96 -9.05 -5.37
CA PRO C 101 -18.84 -9.87 -6.58
C PRO C 101 -19.61 -9.27 -7.75
N LEU C 102 -19.03 -9.41 -8.94
CA LEU C 102 -19.66 -8.97 -10.17
C LEU C 102 -19.60 -10.12 -11.18
N PRO C 103 -20.67 -10.32 -11.96
CA PRO C 103 -20.73 -11.44 -12.90
C PRO C 103 -20.20 -11.14 -14.31
N ASP C 104 -19.57 -9.98 -14.51
CA ASP C 104 -19.22 -9.56 -15.87
C ASP C 104 -18.21 -10.51 -16.50
N ALA C 105 -17.11 -10.80 -15.79
CA ALA C 105 -16.12 -11.73 -16.32
C ALA C 105 -16.73 -13.10 -16.56
N LEU C 106 -17.51 -13.59 -15.59
CA LEU C 106 -18.14 -14.89 -15.73
C LEU C 106 -19.13 -14.90 -16.89
N MET C 107 -19.89 -13.82 -17.08
CA MET C 107 -20.86 -13.81 -18.16
C MET C 107 -20.17 -13.78 -19.52
N CYS C 108 -19.08 -13.02 -19.64
CA CYS C 108 -18.32 -13.03 -20.89
C CYS C 108 -17.78 -14.44 -21.18
N VAL C 109 -17.20 -15.07 -20.16
CA VAL C 109 -16.65 -16.42 -20.37
C VAL C 109 -17.76 -17.40 -20.74
N VAL C 110 -18.91 -17.32 -20.07
CA VAL C 110 -19.99 -18.24 -20.32
C VAL C 110 -20.54 -18.05 -21.72
N ALA C 111 -20.73 -16.79 -22.14
CA ALA C 111 -21.20 -16.52 -23.48
C ALA C 111 -20.20 -17.00 -24.53
N GLY C 112 -18.91 -16.99 -24.21
CA GLY C 112 -17.93 -17.47 -25.16
C GLY C 112 -17.65 -18.96 -25.15
N THR C 113 -18.04 -19.66 -24.09
CA THR C 113 -17.62 -21.04 -23.89
C THR C 113 -18.76 -22.05 -23.82
N VAL C 114 -19.92 -21.68 -23.28
CA VAL C 114 -21.06 -22.59 -23.17
C VAL C 114 -21.94 -22.38 -24.39
N HIS C 115 -22.13 -23.42 -25.17
CA HIS C 115 -22.66 -23.29 -26.51
C HIS C 115 -23.97 -24.06 -26.68
N GLY C 116 -24.70 -23.67 -27.72
CA GLY C 116 -25.99 -24.25 -28.02
C GLY C 116 -27.09 -23.21 -28.10
N ARG C 117 -27.72 -23.09 -29.26
CA ARG C 117 -28.80 -22.15 -29.47
C ARG C 117 -30.17 -22.73 -29.10
N ASP C 118 -30.22 -23.99 -28.72
CA ASP C 118 -31.47 -24.65 -28.35
C ASP C 118 -31.79 -24.37 -26.89
N ASP C 119 -32.82 -25.05 -26.38
CA ASP C 119 -33.27 -24.80 -25.02
C ASP C 119 -32.26 -25.28 -23.99
N ARG C 120 -31.56 -26.38 -24.28
CA ARG C 120 -30.61 -26.90 -23.31
C ARG C 120 -29.42 -25.96 -23.11
N GLY C 121 -28.90 -25.39 -24.20
CA GLY C 121 -27.80 -24.45 -24.06
C GLY C 121 -28.21 -23.19 -23.32
N ARG C 122 -29.39 -22.66 -23.64
CA ARG C 122 -29.92 -21.54 -22.87
C ARG C 122 -30.02 -21.89 -21.40
N LEU C 123 -30.52 -23.09 -21.10
CA LEU C 123 -30.64 -23.53 -19.72
C LEU C 123 -29.27 -23.54 -19.03
N TYR C 124 -28.27 -24.09 -19.71
CA TYR C 124 -26.93 -24.16 -19.13
C TYR C 124 -26.41 -22.76 -18.80
N ARG C 125 -26.44 -21.86 -19.79
CA ARG C 125 -25.88 -20.52 -19.56
C ARG C 125 -26.64 -19.77 -18.48
N ARG C 126 -27.98 -19.79 -18.56
CA ARG C 126 -28.79 -19.09 -17.59
C ARG C 126 -28.60 -19.64 -16.19
N THR C 127 -28.50 -20.97 -16.07
CA THR C 127 -28.34 -21.57 -14.76
C THR C 127 -26.97 -21.25 -14.16
N LEU C 128 -25.91 -21.24 -14.98
CA LEU C 128 -24.61 -20.88 -14.46
C LEU C 128 -24.60 -19.44 -13.95
N MET C 129 -25.13 -18.51 -14.74
CA MET C 129 -25.17 -17.12 -14.28
C MET C 129 -26.08 -16.96 -13.07
N ARG C 130 -27.17 -17.72 -13.00
CA ARG C 130 -28.06 -17.64 -11.86
C ARG C 130 -27.42 -18.20 -10.60
N TYR C 131 -26.60 -19.25 -10.75
CA TYR C 131 -25.85 -19.75 -9.59
C TYR C 131 -24.89 -18.70 -9.05
N ALA C 132 -24.17 -18.03 -9.95
CA ALA C 132 -23.30 -16.94 -9.50
C ALA C 132 -24.11 -15.86 -8.77
N GLY C 133 -25.21 -15.43 -9.38
CA GLY C 133 -26.03 -14.39 -8.77
C GLY C 133 -26.61 -14.82 -7.44
N LEU C 134 -27.01 -16.08 -7.33
CA LEU C 134 -27.56 -16.61 -6.08
C LEU C 134 -26.52 -16.61 -4.98
N SER C 135 -25.30 -17.03 -5.30
CA SER C 135 -24.24 -16.98 -4.29
C SER C 135 -24.01 -15.56 -3.82
N ALA C 136 -23.98 -14.60 -4.75
CA ALA C 136 -23.83 -13.20 -4.38
C ALA C 136 -24.98 -12.74 -3.49
N VAL C 137 -26.21 -13.11 -3.83
CA VAL C 137 -27.38 -12.72 -3.04
C VAL C 137 -27.28 -13.28 -1.63
N LEU C 138 -26.88 -14.54 -1.51
CA LEU C 138 -26.78 -15.17 -0.19
C LEU C 138 -25.76 -14.44 0.67
N ILE C 139 -24.57 -14.19 0.13
CA ILE C 139 -23.56 -13.50 0.93
C ILE C 139 -24.02 -12.09 1.29
N LEU C 140 -24.64 -11.39 0.34
CA LEU C 140 -25.06 -10.01 0.58
C LEU C 140 -26.13 -9.93 1.65
N ARG C 141 -27.13 -10.82 1.60
CA ARG C 141 -28.13 -10.86 2.65
C ARG C 141 -27.53 -11.28 3.98
N SER C 142 -26.41 -12.02 3.96
CA SER C 142 -25.69 -12.30 5.19
C SER C 142 -25.04 -11.05 5.77
N VAL C 143 -24.47 -10.19 4.91
CA VAL C 143 -23.64 -9.09 5.41
C VAL C 143 -24.30 -7.72 5.31
N SER C 144 -25.39 -7.58 4.55
CA SER C 144 -25.99 -6.28 4.32
C SER C 144 -27.40 -6.25 4.92
N THR C 145 -27.69 -5.17 5.65
CA THR C 145 -29.02 -5.03 6.26
C THR C 145 -30.07 -4.70 5.21
N ALA C 146 -29.72 -3.91 4.19
CA ALA C 146 -30.68 -3.59 3.14
C ALA C 146 -31.08 -4.84 2.36
N VAL C 147 -30.09 -5.65 1.98
CA VAL C 147 -30.38 -6.89 1.26
C VAL C 147 -31.17 -7.85 2.14
N PHE C 148 -30.80 -7.94 3.42
CA PHE C 148 -31.53 -8.82 4.33
C PHE C 148 -32.98 -8.39 4.45
N LYS C 149 -33.23 -7.07 4.55
CA LYS C 149 -34.60 -6.59 4.58
C LYS C 149 -35.33 -6.97 3.30
N ARG C 150 -34.64 -6.89 2.16
CA ARG C 150 -35.24 -7.32 0.91
C ARG C 150 -35.48 -8.82 0.89
N PHE C 151 -34.57 -9.60 1.47
CA PHE C 151 -34.66 -11.06 1.50
C PHE C 151 -34.55 -11.54 2.94
N PRO C 152 -35.59 -11.33 3.75
CA PRO C 152 -35.52 -11.75 5.16
C PRO C 152 -35.54 -13.26 5.35
N THR C 153 -35.96 -14.03 4.35
CA THR C 153 -35.97 -15.48 4.44
C THR C 153 -35.54 -16.06 3.11
N ILE C 154 -35.18 -17.34 3.11
CA ILE C 154 -34.82 -18.02 1.87
C ILE C 154 -36.04 -18.17 0.97
N ASP C 155 -37.23 -18.15 1.56
CA ASP C 155 -38.44 -18.12 0.74
C ASP C 155 -38.48 -16.88 -0.14
N HIS C 156 -38.04 -15.75 0.39
CA HIS C 156 -37.96 -14.53 -0.41
C HIS C 156 -37.00 -14.71 -1.57
N VAL C 157 -35.86 -15.37 -1.33
CA VAL C 157 -34.91 -15.62 -2.40
C VAL C 157 -35.53 -16.51 -3.47
N VAL C 158 -36.28 -17.54 -3.06
CA VAL C 158 -36.93 -18.42 -4.02
C VAL C 158 -37.97 -17.66 -4.84
N GLU C 159 -38.78 -16.82 -4.18
CA GLU C 159 -39.77 -16.03 -4.89
C GLU C 159 -39.16 -14.97 -5.80
N ALA C 160 -37.97 -14.45 -5.47
CA ALA C 160 -37.30 -13.52 -6.34
C ALA C 160 -36.76 -14.17 -7.62
N GLY C 161 -36.77 -15.50 -7.70
CA GLY C 161 -36.30 -16.21 -8.86
C GLY C 161 -34.85 -16.60 -8.83
N PHE C 162 -34.10 -16.22 -7.79
CA PHE C 162 -32.69 -16.59 -7.72
C PHE C 162 -32.50 -18.06 -7.40
N MET C 163 -33.45 -18.67 -6.70
CA MET C 163 -33.41 -20.08 -6.37
C MET C 163 -34.73 -20.72 -6.80
N THR C 164 -34.66 -21.99 -7.18
CA THR C 164 -35.84 -22.78 -7.51
C THR C 164 -36.27 -23.57 -6.29
N ARG C 165 -37.46 -24.19 -6.41
CA ARG C 165 -37.97 -24.99 -5.30
C ARG C 165 -37.14 -26.24 -5.08
N GLU C 166 -36.75 -26.92 -6.16
CA GLU C 166 -35.91 -28.11 -6.04
C GLU C 166 -34.53 -27.74 -5.49
N GLU C 167 -33.93 -26.67 -6.01
CA GLU C 167 -32.67 -26.20 -5.46
C GLU C 167 -32.84 -25.81 -4.00
N ARG C 168 -34.01 -25.26 -3.65
CA ARG C 168 -34.26 -24.93 -2.24
C ARG C 168 -34.28 -26.19 -1.38
N LYS C 169 -34.91 -27.25 -1.87
CA LYS C 169 -34.92 -28.51 -1.12
C LYS C 169 -33.51 -29.03 -0.92
N LYS C 170 -32.70 -29.04 -1.98
CA LYS C 170 -31.32 -29.48 -1.84
C LYS C 170 -30.54 -28.59 -0.87
N PHE C 171 -30.76 -27.28 -0.96
CA PHE C 171 -30.05 -26.33 -0.12
C PHE C 171 -30.38 -26.54 1.36
N GLU C 172 -31.65 -26.73 1.67
CA GLU C 172 -32.06 -26.89 3.06
C GLU C 172 -31.71 -28.27 3.60
N ASN C 173 -31.67 -29.29 2.73
CA ASN C 173 -31.32 -30.62 3.19
C ASN C 173 -29.84 -30.76 3.52
N LEU C 174 -29.01 -29.84 3.06
CA LEU C 174 -27.59 -29.89 3.38
C LEU C 174 -27.39 -29.66 4.87
N ASN C 175 -26.68 -30.58 5.51
CA ASN C 175 -26.50 -30.54 6.97
C ASN C 175 -25.23 -29.75 7.27
N SER C 176 -25.39 -28.47 7.57
CA SER C 176 -24.27 -27.59 7.86
C SER C 176 -24.76 -26.44 8.73
N SER C 177 -24.00 -26.14 9.78
CA SER C 177 -24.34 -25.05 10.69
C SER C 177 -23.70 -23.73 10.30
N TYR C 178 -22.96 -23.69 9.21
CA TYR C 178 -22.27 -22.48 8.77
C TYR C 178 -22.98 -21.88 7.57
N ASN C 179 -22.61 -20.64 7.25
CA ASN C 179 -23.20 -19.95 6.12
C ASN C 179 -23.03 -20.76 4.84
N LYS C 180 -24.10 -20.86 4.06
CA LYS C 180 -24.14 -21.70 2.87
C LYS C 180 -24.01 -20.91 1.58
N TYR C 181 -23.46 -19.69 1.66
CA TYR C 181 -23.33 -18.87 0.47
C TYR C 181 -22.52 -19.55 -0.63
N TRP C 182 -21.64 -20.48 -0.26
CA TRP C 182 -20.76 -21.17 -1.19
C TRP C 182 -21.45 -22.27 -1.98
N VAL C 183 -22.61 -22.74 -1.53
CA VAL C 183 -23.26 -23.88 -2.18
C VAL C 183 -23.50 -23.65 -3.65
N PRO C 184 -24.02 -22.50 -4.08
CA PRO C 184 -24.20 -22.28 -5.53
C PRO C 184 -22.91 -22.35 -6.32
N CYS C 185 -21.77 -22.05 -5.70
CA CYS C 185 -20.49 -22.15 -6.42
C CYS C 185 -20.13 -23.60 -6.69
N VAL C 186 -20.39 -24.48 -5.74
CA VAL C 186 -20.19 -25.92 -5.96
C VAL C 186 -21.17 -26.44 -7.00
N TRP C 187 -22.41 -25.92 -6.97
CA TRP C 187 -23.36 -26.27 -8.02
C TRP C 187 -22.83 -25.82 -9.38
N PHE C 188 -22.24 -24.63 -9.44
CA PHE C 188 -21.66 -24.12 -10.67
C PHE C 188 -20.55 -25.04 -11.18
N SER C 189 -19.67 -25.47 -10.28
CA SER C 189 -18.59 -26.38 -10.67
C SER C 189 -19.15 -27.68 -11.23
N ASN C 190 -20.13 -28.26 -10.54
CA ASN C 190 -20.71 -29.51 -11.00
C ASN C 190 -21.41 -29.35 -12.35
N LEU C 191 -22.13 -28.25 -12.53
CA LEU C 191 -22.85 -28.03 -13.77
C LEU C 191 -21.89 -27.76 -14.92
N ALA C 192 -20.82 -27.01 -14.67
CA ALA C 192 -19.80 -26.80 -15.70
C ALA C 192 -19.14 -28.11 -16.09
N ALA C 193 -18.84 -28.97 -15.12
CA ALA C 193 -18.29 -30.28 -15.45
C ALA C 193 -19.27 -31.10 -16.29
N GLN C 194 -20.55 -31.05 -15.93
CA GLN C 194 -21.55 -31.78 -16.71
C GLN C 194 -21.63 -31.25 -18.14
N ALA C 195 -21.60 -29.92 -18.30
CA ALA C 195 -21.65 -29.33 -19.63
C ALA C 195 -20.44 -29.73 -20.46
N ARG C 196 -19.25 -29.72 -19.86
CA ARG C 196 -18.07 -30.16 -20.58
C ARG C 196 -18.17 -31.62 -20.98
N ARG C 197 -18.66 -32.46 -20.07
CA ARG C 197 -18.83 -33.88 -20.41
C ARG C 197 -19.87 -34.07 -21.50
N GLU C 198 -20.85 -33.19 -21.57
CA GLU C 198 -21.91 -33.27 -22.57
C GLU C 198 -21.51 -32.73 -23.93
N GLY C 199 -20.41 -31.98 -24.01
CA GLY C 199 -19.98 -31.36 -25.24
C GLY C 199 -20.39 -29.92 -25.40
N ARG C 200 -21.22 -29.39 -24.51
CA ARG C 200 -21.61 -27.99 -24.59
C ARG C 200 -20.41 -27.08 -24.42
N ILE C 201 -19.53 -27.40 -23.48
CA ILE C 201 -18.20 -26.79 -23.41
C ILE C 201 -17.27 -27.65 -24.25
N ARG C 202 -16.62 -27.04 -25.24
CA ARG C 202 -15.96 -27.78 -26.30
C ARG C 202 -14.53 -28.20 -26.00
N ASP C 203 -13.89 -27.59 -25.00
CA ASP C 203 -12.50 -27.94 -24.72
C ASP C 203 -12.22 -27.82 -23.24
N ASN C 204 -11.14 -28.48 -22.81
CA ASN C 204 -10.76 -28.47 -21.40
C ASN C 204 -10.26 -27.11 -20.97
N SER C 205 -9.65 -26.36 -21.87
CA SER C 205 -9.19 -25.01 -21.53
CA SER C 205 -9.20 -25.00 -21.55
C SER C 205 -10.37 -24.10 -21.21
N ALA C 206 -11.48 -24.25 -21.94
CA ALA C 206 -12.67 -23.45 -21.65
C ALA C 206 -13.22 -23.76 -20.27
N LEU C 207 -13.26 -25.04 -19.91
CA LEU C 207 -13.70 -25.42 -18.56
C LEU C 207 -12.76 -24.86 -17.51
N LYS C 208 -11.46 -24.89 -17.76
CA LYS C 208 -10.51 -24.33 -16.81
C LYS C 208 -10.72 -22.84 -16.62
N LEU C 209 -10.95 -22.12 -17.71
CA LEU C 209 -11.21 -20.68 -17.60
C LEU C 209 -12.50 -20.41 -16.84
N LEU C 210 -13.54 -21.20 -17.10
CA LEU C 210 -14.78 -21.06 -16.35
C LEU C 210 -14.54 -21.27 -14.86
N LEU C 211 -13.78 -22.31 -14.50
CA LEU C 211 -13.53 -22.58 -13.08
C LEU C 211 -12.69 -21.49 -12.44
N GLU C 212 -11.73 -20.93 -13.18
CA GLU C 212 -10.94 -19.83 -12.65
C GLU C 212 -11.80 -18.59 -12.38
N GLU C 213 -12.68 -18.25 -13.32
CA GLU C 213 -13.59 -17.13 -13.10
C GLU C 213 -14.50 -17.40 -11.92
N LEU C 214 -14.99 -18.63 -11.79
CA LEU C 214 -15.82 -18.99 -10.66
C LEU C 214 -15.07 -18.83 -9.35
N ASN C 215 -13.79 -19.22 -9.33
CA ASN C 215 -13.00 -19.08 -8.11
C ASN C 215 -12.79 -17.62 -7.76
N VAL C 216 -12.58 -16.75 -8.76
CA VAL C 216 -12.46 -15.32 -8.47
C VAL C 216 -13.75 -14.79 -7.85
N PHE C 217 -14.89 -15.15 -8.44
CA PHE C 217 -16.18 -14.71 -7.93
C PHE C 217 -16.41 -15.18 -6.49
N ARG C 218 -16.18 -16.49 -6.25
CA ARG C 218 -16.35 -17.05 -4.91
C ARG C 218 -15.39 -16.43 -3.93
N GLY C 219 -14.18 -16.09 -4.36
CA GLY C 219 -13.24 -15.43 -3.48
C GLY C 219 -13.71 -14.06 -3.05
N LYS C 220 -14.32 -13.31 -3.97
CA LYS C 220 -14.90 -12.03 -3.59
C LYS C 220 -16.04 -12.21 -2.59
N CYS C 221 -16.88 -13.22 -2.80
CA CYS C 221 -17.94 -13.49 -1.81
C CYS C 221 -17.34 -13.81 -0.44
N GLY C 222 -16.31 -14.65 -0.41
CA GLY C 222 -15.67 -14.98 0.85
C GLY C 222 -15.00 -13.79 1.50
N MET C 223 -14.43 -12.90 0.71
CA MET C 223 -13.85 -11.68 1.26
C MET C 223 -14.92 -10.80 1.89
N LEU C 224 -16.09 -10.71 1.27
CA LEU C 224 -17.19 -10.00 1.90
C LEU C 224 -17.54 -10.62 3.25
N PHE C 225 -17.61 -11.96 3.30
CA PHE C 225 -17.89 -12.62 4.57
C PHE C 225 -16.83 -12.29 5.61
N HIS C 226 -15.55 -12.34 5.21
CA HIS C 226 -14.46 -12.08 6.16
C HIS C 226 -14.50 -10.66 6.69
N TYR C 227 -14.76 -9.69 5.82
CA TYR C 227 -14.86 -8.31 6.26
C TYR C 227 -16.02 -8.13 7.23
N ASP C 228 -17.16 -8.78 6.95
CA ASP C 228 -18.27 -8.72 7.89
C ASP C 228 -17.90 -9.32 9.24
N TRP C 229 -17.18 -10.45 9.23
CA TRP C 229 -16.86 -11.13 10.47
C TRP C 229 -15.82 -10.37 11.27
N ILE C 230 -14.66 -10.11 10.68
CA ILE C 230 -13.55 -9.48 11.39
C ILE C 230 -13.79 -7.97 11.34
N SER C 231 -14.49 -7.46 12.35
CA SER C 231 -14.72 -6.04 12.48
C SER C 231 -13.42 -5.31 12.81
N VAL C 232 -13.45 -3.99 12.67
CA VAL C 232 -12.35 -3.21 13.23
C VAL C 232 -12.27 -3.51 14.72
N PRO C 233 -11.08 -3.71 15.30
CA PRO C 233 -10.99 -4.10 16.71
C PRO C 233 -11.84 -3.19 17.59
N LEU C 234 -12.68 -3.81 18.43
CA LEU C 234 -13.57 -3.05 19.29
C LEU C 234 -12.79 -2.13 20.22
N VAL C 235 -11.56 -2.50 20.57
CA VAL C 235 -10.73 -1.66 21.42
C VAL C 235 -10.50 -0.30 20.77
N TYR C 236 -10.19 -0.30 19.48
CA TYR C 236 -9.95 0.96 18.78
C TYR C 236 -11.21 1.83 18.77
N THR C 237 -12.36 1.23 18.46
CA THR C 237 -13.60 1.99 18.43
C THR C 237 -13.89 2.60 19.79
N GLN C 238 -13.79 1.80 20.85
CA GLN C 238 -14.03 2.32 22.19
C GLN C 238 -13.06 3.41 22.54
N VAL C 239 -11.79 3.25 22.19
CA VAL C 239 -10.77 4.23 22.54
C VAL C 239 -11.04 5.56 21.84
N VAL C 240 -11.35 5.53 20.56
CA VAL C 240 -11.61 6.77 19.83
CA VAL C 240 -11.62 6.77 19.83
C VAL C 240 -12.88 7.44 20.36
N THR C 241 -13.93 6.65 20.61
CA THR C 241 -15.16 7.22 21.14
C THR C 241 -14.91 7.89 22.49
N ILE C 242 -14.16 7.22 23.37
CA ILE C 242 -13.87 7.78 24.68
C ILE C 242 -13.01 9.02 24.56
N ALA C 243 -12.02 9.00 23.67
CA ALA C 243 -11.18 10.18 23.49
C ALA C 243 -12.00 11.38 23.08
N LEU C 244 -12.83 11.22 22.06
CA LEU C 244 -13.66 12.34 21.59
C LEU C 244 -14.60 12.82 22.69
N TYR C 245 -15.30 11.88 23.34
CA TYR C 245 -16.26 12.25 24.36
C TYR C 245 -15.61 12.98 25.52
N SER C 246 -14.49 12.45 26.02
CA SER C 246 -13.82 13.06 27.16
C SER C 246 -13.22 14.40 26.78
N TYR C 247 -12.64 14.52 25.59
CA TYR C 247 -12.11 15.81 25.18
C TYR C 247 -13.19 16.88 25.15
N PHE C 248 -14.34 16.57 24.56
CA PHE C 248 -15.35 17.62 24.45
C PHE C 248 -16.14 17.81 25.73
N LEU C 249 -16.24 16.80 26.60
CA LEU C 249 -16.74 17.03 27.94
C LEU C 249 -15.82 17.97 28.71
N ALA C 250 -14.50 17.83 28.55
CA ALA C 250 -13.58 18.78 29.15
C ALA C 250 -13.74 20.17 28.55
N CYS C 251 -13.91 20.26 27.23
CA CYS C 251 -14.12 21.54 26.58
C CYS C 251 -15.41 22.22 27.02
N LEU C 252 -16.41 21.44 27.44
CA LEU C 252 -17.63 22.03 27.97
C LEU C 252 -17.33 22.97 29.13
N ILE C 253 -16.32 22.66 29.93
CA ILE C 253 -15.93 23.51 31.05
C ILE C 253 -14.81 24.46 30.67
N GLY C 254 -13.76 23.94 30.03
CA GLY C 254 -12.58 24.74 29.74
C GLY C 254 -12.79 25.82 28.71
N ARG C 255 -13.81 25.68 27.86
CA ARG C 255 -14.09 26.65 26.81
C ARG C 255 -15.15 27.65 27.23
N GLN C 256 -15.52 27.67 28.50
CA GLN C 256 -16.52 28.61 28.99
C GLN C 256 -15.98 30.04 28.97
N PHE C 257 -16.87 30.98 28.68
CA PHE C 257 -16.52 32.40 28.73
C PHE C 257 -16.52 32.86 30.17
N LEU C 258 -15.36 33.28 30.66
CA LEU C 258 -15.21 33.77 32.02
C LEU C 258 -15.44 35.27 32.06
N ASP C 259 -15.77 35.77 33.24
CA ASP C 259 -16.09 37.18 33.39
C ASP C 259 -14.89 38.04 33.04
N PRO C 260 -14.99 38.93 32.05
CA PRO C 260 -13.83 39.76 31.68
C PRO C 260 -13.37 40.69 32.79
N ALA C 261 -14.23 41.00 33.76
CA ALA C 261 -13.86 41.88 34.85
C ALA C 261 -12.88 41.22 35.82
N GLN C 262 -12.65 39.92 35.70
CA GLN C 262 -11.72 39.21 36.58
C GLN C 262 -10.28 39.26 36.07
N GLY C 263 -10.04 39.83 34.91
CA GLY C 263 -8.68 40.02 34.43
C GLY C 263 -7.93 38.75 34.12
N TYR C 264 -8.63 37.63 33.96
CA TYR C 264 -7.94 36.39 33.64
C TYR C 264 -7.26 36.49 32.28
N LYS C 265 -6.03 36.00 32.22
CA LYS C 265 -5.32 35.97 30.95
C LYS C 265 -6.14 35.22 29.91
N ASP C 266 -6.28 35.82 28.74
CA ASP C 266 -6.90 35.24 27.55
C ASP C 266 -8.42 35.23 27.66
N HIS C 267 -8.99 35.62 28.80
CA HIS C 267 -10.44 35.80 28.93
C HIS C 267 -10.75 37.29 29.01
N ASP C 268 -10.84 37.92 27.84
CA ASP C 268 -11.07 39.35 27.75
C ASP C 268 -12.31 39.72 26.95
N LEU C 269 -12.82 38.83 26.11
CA LEU C 269 -13.96 39.12 25.26
C LEU C 269 -15.03 38.06 25.51
N ASP C 270 -16.21 38.49 25.91
CA ASP C 270 -17.34 37.60 26.19
C ASP C 270 -18.24 37.55 24.97
N LEU C 271 -18.05 36.54 24.13
CA LEU C 271 -18.87 36.35 22.94
C LEU C 271 -20.09 35.48 23.19
N CYS C 272 -20.25 34.95 24.40
CA CYS C 272 -21.38 34.09 24.73
C CYS C 272 -21.33 32.78 23.95
N VAL C 273 -21.44 32.84 22.63
CA VAL C 273 -21.42 31.64 21.80
C VAL C 273 -19.98 31.24 21.52
N PRO C 274 -19.57 30.01 21.83
CA PRO C 274 -18.20 29.54 21.55
C PRO C 274 -18.01 29.11 20.09
N ILE C 275 -17.77 30.10 19.23
CA ILE C 275 -17.75 29.84 17.80
C ILE C 275 -16.66 28.84 17.44
N PHE C 276 -15.45 29.04 17.95
CA PHE C 276 -14.33 28.18 17.56
C PHE C 276 -14.41 26.83 18.24
N THR C 277 -14.91 26.78 19.48
CA THR C 277 -15.15 25.49 20.12
C THR C 277 -16.19 24.70 19.36
N LEU C 278 -17.26 25.37 18.91
CA LEU C 278 -18.27 24.70 18.09
C LEU C 278 -17.69 24.23 16.77
N LEU C 279 -16.84 25.02 16.13
CA LEU C 279 -16.21 24.60 14.88
C LEU C 279 -15.29 23.40 15.09
N GLN C 280 -14.50 23.41 16.17
CA GLN C 280 -13.63 22.27 16.47
C GLN C 280 -14.44 21.01 16.73
N PHE C 281 -15.54 21.13 17.49
CA PHE C 281 -16.41 19.99 17.69
C PHE C 281 -16.98 19.52 16.36
N PHE C 282 -17.44 20.46 15.54
CA PHE C 282 -17.97 20.10 14.23
C PHE C 282 -16.95 19.25 13.46
N PHE C 283 -15.71 19.70 13.39
CA PHE C 283 -14.71 19.00 12.59
C PHE C 283 -14.38 17.62 13.18
N TYR C 284 -14.10 17.56 14.48
CA TYR C 284 -13.67 16.29 15.07
C TYR C 284 -14.81 15.28 15.13
N ALA C 285 -15.98 15.70 15.63
CA ALA C 285 -17.13 14.81 15.64
C ALA C 285 -17.56 14.43 14.23
N GLY C 286 -17.39 15.32 13.25
CA GLY C 286 -17.70 14.95 11.88
C GLY C 286 -16.75 13.92 11.32
N TRP C 287 -15.47 14.03 11.66
CA TRP C 287 -14.51 12.99 11.27
C TRP C 287 -14.92 11.65 11.85
N LEU C 288 -15.26 11.63 13.14
CA LEU C 288 -15.71 10.37 13.74
C LEU C 288 -17.02 9.89 13.14
N LYS C 289 -17.90 10.79 12.74
CA LYS C 289 -19.18 10.38 12.15
C LYS C 289 -18.98 9.80 10.76
N VAL C 290 -18.04 10.35 9.98
CA VAL C 290 -17.70 9.72 8.71
C VAL C 290 -17.16 8.33 8.96
N ALA C 291 -16.31 8.16 9.96
CA ALA C 291 -15.84 6.82 10.31
C ALA C 291 -17.01 5.92 10.67
N GLU C 292 -17.97 6.44 11.44
CA GLU C 292 -19.12 5.64 11.85
C GLU C 292 -19.95 5.20 10.65
N GLN C 293 -20.17 6.10 9.71
CA GLN C 293 -20.96 5.76 8.53
C GLN C 293 -20.23 4.78 7.63
N LEU C 294 -18.92 4.94 7.47
CA LEU C 294 -18.17 4.09 6.55
C LEU C 294 -17.77 2.76 7.16
N ILE C 295 -17.85 2.61 8.48
CA ILE C 295 -17.32 1.40 9.13
C ILE C 295 -18.07 0.17 8.65
N ASN C 296 -19.38 0.28 8.48
CA ASN C 296 -20.21 -0.77 7.89
C ASN C 296 -20.88 -0.18 6.65
N PRO C 297 -20.26 -0.31 5.47
CA PRO C 297 -20.80 0.32 4.27
C PRO C 297 -22.00 -0.40 3.66
N PHE C 298 -22.50 -1.45 4.30
CA PHE C 298 -23.64 -2.20 3.80
C PHE C 298 -24.91 -1.92 4.61
N GLY C 299 -24.91 -0.85 5.39
CA GLY C 299 -26.10 -0.42 6.11
C GLY C 299 -27.06 0.33 5.22
N GLU C 300 -27.75 1.30 5.79
CA GLU C 300 -28.75 2.08 5.07
C GLU C 300 -28.45 3.57 5.15
N ASP C 301 -27.18 3.93 5.32
CA ASP C 301 -26.78 5.32 5.23
C ASP C 301 -26.88 5.82 3.80
N ASP C 302 -26.89 7.14 3.65
CA ASP C 302 -26.99 7.72 2.31
C ASP C 302 -25.78 7.35 1.46
N ASP C 303 -24.59 7.34 2.07
CA ASP C 303 -23.36 7.04 1.35
C ASP C 303 -22.99 5.56 1.39
N ASP C 304 -23.85 4.71 1.95
CA ASP C 304 -23.60 3.27 1.90
C ASP C 304 -23.82 2.74 0.49
N PHE C 305 -23.19 1.59 0.21
CA PHE C 305 -23.26 1.00 -1.12
C PHE C 305 -24.70 0.61 -1.45
N GLU C 306 -25.06 0.76 -2.72
CA GLU C 306 -26.39 0.41 -3.21
C GLU C 306 -26.39 -1.06 -3.60
N THR C 307 -26.53 -1.92 -2.59
CA THR C 307 -26.42 -3.35 -2.81
C THR C 307 -27.61 -3.91 -3.57
N ASN C 308 -28.82 -3.42 -3.28
CA ASN C 308 -30.00 -3.93 -3.99
C ASN C 308 -29.97 -3.53 -5.46
N PHE C 309 -29.58 -2.28 -5.74
CA PHE C 309 -29.42 -1.85 -7.12
C PHE C 309 -28.38 -2.71 -7.83
N LEU C 310 -27.27 -3.02 -7.17
CA LEU C 310 -26.24 -3.83 -7.77
C LEU C 310 -26.73 -5.25 -8.03
N ILE C 311 -27.49 -5.81 -7.11
CA ILE C 311 -28.07 -7.14 -7.33
C ILE C 311 -28.94 -7.14 -8.57
N ASP C 312 -29.84 -6.16 -8.67
CA ASP C 312 -30.75 -6.10 -9.82
C ASP C 312 -29.98 -5.92 -11.11
N ARG C 313 -29.02 -4.99 -11.12
CA ARG C 313 -28.26 -4.72 -12.33
C ARG C 313 -27.46 -5.96 -12.75
N ASN C 314 -26.82 -6.62 -11.80
CA ASN C 314 -26.00 -7.77 -12.12
C ASN C 314 -26.84 -8.90 -12.70
N PHE C 315 -27.99 -9.19 -12.08
CA PHE C 315 -28.83 -10.25 -12.60
C PHE C 315 -29.32 -9.92 -14.00
N GLN C 316 -29.82 -8.69 -14.20
CA GLN C 316 -30.35 -8.32 -15.50
C GLN C 316 -29.27 -8.41 -16.58
N VAL C 317 -28.10 -7.85 -16.31
CA VAL C 317 -27.02 -7.83 -17.28
C VAL C 317 -26.54 -9.23 -17.59
N SER C 318 -26.38 -10.08 -16.57
CA SER C 318 -25.90 -11.43 -16.79
C SER C 318 -26.88 -12.22 -17.65
N MET C 319 -28.17 -12.14 -17.32
CA MET C 319 -29.16 -12.87 -18.11
C MET C 319 -29.16 -12.38 -19.55
N LEU C 320 -29.12 -11.05 -19.74
CA LEU C 320 -29.09 -10.51 -21.10
C LEU C 320 -27.87 -11.02 -21.86
N ALA C 321 -26.68 -10.90 -21.25
CA ALA C 321 -25.45 -11.26 -21.94
C ALA C 321 -25.41 -12.74 -22.32
N VAL C 322 -25.86 -13.62 -21.42
CA VAL C 322 -25.72 -15.04 -21.71
C VAL C 322 -26.91 -15.64 -22.47
N ASP C 323 -28.05 -14.94 -22.53
CA ASP C 323 -29.20 -15.48 -23.23
C ASP C 323 -29.51 -14.71 -24.51
N GLU C 324 -29.76 -13.41 -24.43
CA GLU C 324 -30.16 -12.67 -25.62
C GLU C 324 -28.99 -12.40 -26.54
N MET C 325 -27.81 -12.19 -25.98
CA MET C 325 -26.63 -11.80 -26.74
C MET C 325 -25.80 -12.99 -27.20
N TYR C 326 -26.21 -14.22 -26.91
CA TYR C 326 -25.40 -15.36 -27.28
C TYR C 326 -25.49 -15.62 -28.78
N ASP C 327 -24.32 -15.70 -29.42
CA ASP C 327 -24.24 -16.00 -30.85
C ASP C 327 -25.16 -15.08 -31.66
N ASP C 328 -25.20 -13.82 -31.26
CA ASP C 328 -26.08 -12.81 -31.85
C ASP C 328 -25.27 -11.63 -32.34
N LEU C 329 -24.23 -11.91 -33.12
CA LEU C 329 -23.37 -10.87 -33.65
C LEU C 329 -23.93 -10.32 -34.96
N ALA C 330 -23.60 -9.07 -35.24
CA ALA C 330 -23.82 -8.52 -36.57
C ALA C 330 -22.80 -9.09 -37.53
N VAL C 331 -23.21 -9.25 -38.79
CA VAL C 331 -22.32 -9.83 -39.80
C VAL C 331 -21.02 -9.06 -39.82
N LEU C 332 -19.93 -9.75 -40.16
CA LEU C 332 -18.64 -9.08 -40.27
C LEU C 332 -18.67 -8.09 -41.43
N GLU C 333 -18.69 -6.79 -41.10
CA GLU C 333 -18.65 -5.74 -42.11
C GLU C 333 -17.34 -4.97 -41.99
N LYS C 334 -16.83 -4.54 -43.14
CA LYS C 334 -15.68 -3.65 -43.17
C LYS C 334 -16.02 -2.34 -42.48
N ASP C 335 -15.11 -1.84 -41.65
CA ASP C 335 -15.36 -0.66 -40.86
C ASP C 335 -15.09 0.60 -41.69
N LEU C 336 -15.19 1.75 -41.02
CA LEU C 336 -15.01 3.03 -41.70
C LEU C 336 -13.62 3.16 -42.28
N TYR C 337 -12.59 2.78 -41.52
CA TYR C 337 -11.20 3.00 -41.87
C TYR C 337 -10.55 1.79 -42.52
N TRP C 338 -11.34 0.98 -43.24
CA TRP C 338 -10.81 -0.22 -43.88
C TRP C 338 -9.70 0.13 -44.86
N ASP C 339 -9.88 1.20 -45.64
CA ASP C 339 -8.92 1.60 -46.66
C ASP C 339 -7.93 2.65 -46.17
N ALA C 340 -8.14 3.23 -44.99
CA ALA C 340 -7.24 4.26 -44.48
C ALA C 340 -5.84 3.69 -44.29
N TYR C 347 -13.79 14.59 -33.77
CA TYR C 347 -13.90 15.66 -32.78
C TYR C 347 -15.06 16.59 -33.10
N THR C 348 -15.70 17.11 -32.06
CA THR C 348 -16.79 18.07 -32.22
C THR C 348 -16.26 19.50 -32.16
N PHE C 360 2.48 13.54 -27.95
CA PHE C 360 3.55 13.27 -26.99
C PHE C 360 4.27 11.97 -27.32
N GLN C 361 5.59 12.04 -27.40
CA GLN C 361 6.43 10.89 -27.71
C GLN C 361 7.31 10.45 -26.56
N GLY C 362 7.62 11.34 -25.65
CA GLY C 362 8.52 11.04 -24.55
C GLY C 362 9.13 12.31 -24.02
N SER C 363 9.87 12.16 -22.92
CA SER C 363 10.51 13.31 -22.29
C SER C 363 11.74 13.75 -23.10
N THR C 364 12.45 12.81 -23.70
CA THR C 364 13.68 13.11 -24.42
C THR C 364 13.43 13.55 -25.86
N PHE C 365 12.18 13.58 -26.31
CA PHE C 365 11.87 13.97 -27.68
C PHE C 365 11.22 15.35 -27.72
N THR D 2 -3.06 17.01 -19.15
CA THR D 2 -1.76 16.60 -18.64
C THR D 2 -0.67 17.56 -19.05
N VAL D 3 -0.01 18.17 -18.08
CA VAL D 3 1.12 19.05 -18.30
C VAL D 3 2.38 18.27 -17.92
N THR D 4 3.15 17.88 -18.92
CA THR D 4 4.34 17.06 -18.72
C THR D 4 5.57 17.95 -18.60
N TYR D 5 6.37 17.72 -17.57
CA TYR D 5 7.62 18.44 -17.37
C TYR D 5 8.74 17.50 -16.95
N THR D 6 8.63 16.22 -17.32
CA THR D 6 9.61 15.23 -16.89
C THR D 6 11.01 15.57 -17.41
N ALA D 7 11.10 16.00 -18.67
CA ALA D 7 12.40 16.30 -19.26
C ALA D 7 13.08 17.46 -18.53
N ARG D 8 12.31 18.45 -18.10
CA ARG D 8 12.91 19.60 -17.43
C ARG D 8 13.56 19.22 -16.11
N VAL D 9 13.11 18.13 -15.50
CA VAL D 9 13.57 17.72 -14.18
C VAL D 9 14.37 16.42 -14.24
N ALA D 10 15.00 16.14 -15.39
CA ALA D 10 15.77 14.91 -15.51
C ALA D 10 16.92 14.86 -14.51
N ASN D 11 17.59 15.98 -14.29
CA ASN D 11 18.70 16.08 -13.37
C ASN D 11 18.41 17.13 -12.31
N ALA D 12 18.94 16.91 -11.12
CA ALA D 12 18.84 17.90 -10.05
C ALA D 12 19.89 18.98 -10.31
N ARG D 13 19.44 20.16 -10.70
CA ARG D 13 20.31 21.28 -11.06
C ARG D 13 20.20 22.37 -10.01
N PHE D 14 21.04 23.39 -10.15
CA PHE D 14 21.06 24.48 -9.19
C PHE D 14 19.73 25.23 -9.18
N GLY D 15 19.28 25.66 -10.35
CA GLY D 15 17.95 26.23 -10.48
C GLY D 15 16.92 25.21 -10.94
N GLY D 16 16.85 24.08 -10.23
CA GLY D 16 16.06 22.95 -10.69
C GLY D 16 14.56 23.21 -10.77
N PHE D 17 13.93 23.36 -9.61
CA PHE D 17 12.49 23.61 -9.55
C PHE D 17 12.14 25.08 -9.69
N SER D 18 13.12 25.97 -9.66
CA SER D 18 12.85 27.39 -9.83
C SER D 18 12.32 27.69 -11.23
N GLN D 19 12.86 27.03 -12.25
CA GLN D 19 12.40 27.26 -13.61
C GLN D 19 10.94 26.91 -13.77
N LEU D 20 10.45 25.89 -13.07
CA LEU D 20 9.06 25.47 -13.19
C LEU D 20 8.08 26.49 -12.64
N LEU D 21 8.54 27.46 -11.86
CA LEU D 21 7.66 28.49 -11.32
C LEU D 21 7.16 29.46 -12.38
N LEU D 22 7.76 29.45 -13.57
CA LEU D 22 7.39 30.38 -14.64
C LEU D 22 6.38 29.78 -15.60
N LEU D 23 5.84 28.61 -15.30
CA LEU D 23 4.84 27.97 -16.14
C LEU D 23 3.45 28.40 -15.71
N TRP D 24 2.60 28.69 -16.69
CA TRP D 24 1.24 29.14 -16.44
C TRP D 24 0.21 28.02 -16.63
N ARG D 25 0.21 27.38 -17.79
CA ARG D 25 -0.72 26.28 -18.03
C ARG D 25 -0.51 25.19 -17.00
N GLY D 26 -1.60 24.72 -16.40
CA GLY D 26 -1.50 23.71 -15.38
C GLY D 26 -0.71 24.13 -14.16
N SER D 27 -0.82 25.40 -13.77
CA SER D 27 -0.07 25.96 -12.66
C SER D 27 -0.98 26.23 -11.48
N ILE D 28 -0.36 26.51 -10.33
CA ILE D 28 -1.12 26.86 -9.14
C ILE D 28 -1.68 28.28 -9.26
N TYR D 29 -0.92 29.19 -9.87
CA TYR D 29 -1.41 30.56 -10.05
C TYR D 29 -2.71 30.57 -10.84
N LYS D 30 -2.74 29.83 -11.95
CA LYS D 30 -3.95 29.75 -12.75
C LYS D 30 -5.13 29.25 -11.94
N LEU D 31 -4.91 28.26 -11.08
CA LEU D 31 -6.00 27.68 -10.32
C LEU D 31 -6.46 28.57 -9.17
N LEU D 32 -5.58 29.43 -8.65
CA LEU D 32 -5.85 30.06 -7.37
C LEU D 32 -5.85 31.58 -7.35
N TRP D 33 -5.58 32.25 -8.48
CA TRP D 33 -5.45 33.71 -8.42
C TRP D 33 -6.77 34.39 -8.08
N ARG D 34 -7.88 33.86 -8.59
CA ARG D 34 -9.18 34.45 -8.28
C ARG D 34 -9.48 34.40 -6.79
N GLU D 35 -9.26 33.23 -6.17
CA GLU D 35 -9.52 33.07 -4.75
C GLU D 35 -8.57 33.92 -3.91
N LEU D 36 -7.30 33.99 -4.30
CA LEU D 36 -6.36 34.84 -3.58
C LEU D 36 -6.78 36.30 -3.66
N LEU D 37 -7.23 36.73 -4.83
CA LEU D 37 -7.71 38.11 -5.01
C LEU D 37 -8.93 38.38 -4.13
N CYS D 38 -9.87 37.44 -4.07
CA CYS D 38 -11.04 37.64 -3.23
C CYS D 38 -10.65 37.74 -1.75
N PHE D 39 -9.77 36.85 -1.29
CA PHE D 39 -9.33 36.92 0.09
C PHE D 39 -8.65 38.25 0.40
N LEU D 40 -7.75 38.68 -0.50
CA LEU D 40 -7.06 39.95 -0.28
C LEU D 40 -8.03 41.13 -0.29
N GLY D 41 -9.03 41.09 -1.17
CA GLY D 41 -10.00 42.17 -1.21
C GLY D 41 -10.83 42.25 0.06
N PHE D 42 -11.27 41.10 0.56
CA PHE D 42 -12.03 41.11 1.82
C PHE D 42 -11.16 41.61 2.98
N TYR D 43 -9.92 41.14 3.05
CA TYR D 43 -9.02 41.60 4.11
C TYR D 43 -8.82 43.11 4.01
N MET D 44 -8.62 43.63 2.80
CA MET D 44 -8.38 45.05 2.63
C MET D 44 -9.62 45.86 2.98
N ALA D 45 -10.81 45.36 2.63
CA ALA D 45 -12.04 46.04 3.02
C ALA D 45 -12.15 46.14 4.54
N LEU D 46 -11.91 45.02 5.23
CA LEU D 46 -11.96 45.03 6.69
C LEU D 46 -10.92 45.99 7.28
N SER D 47 -9.70 45.97 6.72
CA SER D 47 -8.65 46.86 7.20
C SER D 47 -9.03 48.32 7.02
N ALA D 48 -9.56 48.67 5.85
CA ALA D 48 -9.96 50.05 5.60
C ALA D 48 -11.10 50.47 6.54
N ALA D 49 -12.06 49.57 6.77
CA ALA D 49 -13.13 49.89 7.71
C ALA D 49 -12.59 50.15 9.11
N TYR D 50 -11.66 49.31 9.55
CA TYR D 50 -11.06 49.50 10.87
C TYR D 50 -10.29 50.81 10.94
N ARG D 51 -9.57 51.16 9.87
CA ARG D 51 -8.70 52.33 9.89
C ARG D 51 -9.46 53.63 9.77
N PHE D 52 -10.52 53.67 8.96
CA PHE D 52 -11.14 54.94 8.58
C PHE D 52 -12.61 55.07 8.95
N VAL D 53 -13.28 53.99 9.36
CA VAL D 53 -14.72 54.02 9.63
C VAL D 53 -15.01 53.92 11.13
N LEU D 54 -14.47 52.90 11.80
CA LEU D 54 -14.82 52.66 13.19
C LEU D 54 -14.39 53.81 14.07
N THR D 55 -15.18 54.08 15.11
CA THR D 55 -14.82 55.06 16.12
C THR D 55 -13.80 54.46 17.09
N GLU D 56 -13.34 55.28 18.03
CA GLU D 56 -12.31 54.83 18.95
C GLU D 56 -12.78 53.64 19.78
N GLY D 57 -13.98 53.72 20.34
CA GLY D 57 -14.51 52.60 21.11
C GLY D 57 -14.78 51.38 20.25
N GLN D 58 -15.33 51.60 19.05
CA GLN D 58 -15.50 50.50 18.11
C GLN D 58 -14.16 49.89 17.75
N LYS D 59 -13.13 50.72 17.60
CA LYS D 59 -11.80 50.19 17.31
C LYS D 59 -11.26 49.35 18.46
N ARG D 60 -11.49 49.79 19.70
CA ARG D 60 -11.05 48.99 20.85
C ARG D 60 -11.74 47.63 20.87
N TYR D 61 -13.05 47.63 20.64
CA TYR D 61 -13.77 46.35 20.60
C TYR D 61 -13.28 45.48 19.44
N PHE D 62 -13.02 46.10 18.30
CA PHE D 62 -12.52 45.36 17.15
C PHE D 62 -11.15 44.76 17.42
N GLU D 63 -10.30 45.50 18.15
CA GLU D 63 -8.99 44.97 18.51
C GLU D 63 -9.12 43.79 19.45
N LYS D 64 -10.02 43.86 20.42
CA LYS D 64 -10.28 42.71 21.27
C LYS D 64 -10.73 41.51 20.45
N LEU D 65 -11.65 41.74 19.49
CA LEU D 65 -12.15 40.66 18.67
C LEU D 65 -11.04 40.07 17.80
N VAL D 66 -10.16 40.91 17.27
CA VAL D 66 -9.04 40.45 16.46
C VAL D 66 -8.12 39.57 17.27
N ILE D 67 -7.79 40.00 18.49
CA ILE D 67 -6.94 39.19 19.36
C ILE D 67 -7.60 37.86 19.66
N TYR D 68 -8.91 37.89 19.96
CA TYR D 68 -9.65 36.65 20.26
C TYR D 68 -9.59 35.69 19.08
N CYS D 69 -9.89 36.20 17.88
CA CYS D 69 -9.87 35.35 16.69
C CYS D 69 -8.48 34.80 16.41
N ASP D 70 -7.45 35.63 16.55
CA ASP D 70 -6.09 35.17 16.33
C ASP D 70 -5.73 34.04 17.28
N GLN D 71 -6.10 34.17 18.55
CA GLN D 71 -5.74 33.13 19.50
C GLN D 71 -6.57 31.87 19.37
N TYR D 72 -7.83 31.96 18.94
CA TYR D 72 -8.67 30.76 18.91
C TYR D 72 -8.87 30.16 17.53
N ALA D 73 -8.33 30.76 16.47
CA ALA D 73 -8.47 30.16 15.15
C ALA D 73 -7.65 28.89 14.99
N SER D 74 -6.65 28.67 15.85
CA SER D 74 -5.87 27.45 15.80
C SER D 74 -6.67 26.21 16.16
N LEU D 75 -7.85 26.37 16.77
CA LEU D 75 -8.68 25.24 17.13
C LEU D 75 -9.22 24.49 15.92
N ILE D 76 -9.20 25.10 14.74
CA ILE D 76 -9.69 24.46 13.52
C ILE D 76 -8.56 23.60 12.95
N PRO D 77 -8.73 22.29 12.87
CA PRO D 77 -7.66 21.39 12.38
C PRO D 77 -7.56 21.38 10.86
N VAL D 78 -7.07 22.49 10.30
CA VAL D 78 -7.04 22.63 8.84
C VAL D 78 -6.12 21.58 8.22
N SER D 79 -4.89 21.47 8.73
CA SER D 79 -3.93 20.55 8.15
C SER D 79 -4.33 19.11 8.41
N PHE D 80 -4.88 18.82 9.59
CA PHE D 80 -5.26 17.46 9.92
C PHE D 80 -6.22 16.88 8.89
N VAL D 81 -7.30 17.61 8.58
CA VAL D 81 -8.26 17.13 7.60
C VAL D 81 -7.73 17.25 6.18
N LEU D 82 -7.02 18.35 5.90
CA LEU D 82 -6.54 18.60 4.54
C LEU D 82 -5.58 17.52 4.07
N GLY D 83 -4.64 17.10 4.94
CA GLY D 83 -3.68 16.10 4.53
C GLY D 83 -4.32 14.77 4.19
N PHE D 84 -5.23 14.31 5.05
CA PHE D 84 -5.91 13.05 4.79
C PHE D 84 -6.71 13.13 3.49
N TYR D 85 -7.43 14.23 3.30
CA TYR D 85 -8.24 14.38 2.09
C TYR D 85 -7.37 14.36 0.84
N VAL D 86 -6.25 15.10 0.86
CA VAL D 86 -5.41 15.19 -0.31
C VAL D 86 -4.76 13.84 -0.61
N THR D 87 -4.34 13.12 0.44
CA THR D 87 -3.77 11.79 0.23
C THR D 87 -4.78 10.86 -0.42
N LEU D 88 -6.01 10.85 0.08
CA LEU D 88 -7.05 10.02 -0.52
C LEU D 88 -7.26 10.37 -1.98
N VAL D 89 -7.36 11.67 -2.27
CA VAL D 89 -7.62 12.11 -3.64
C VAL D 89 -6.48 11.71 -4.56
N VAL D 90 -5.23 11.88 -4.12
CA VAL D 90 -4.08 11.59 -4.98
C VAL D 90 -3.98 10.09 -5.26
N ASN D 91 -4.21 9.26 -4.23
CA ASN D 91 -4.20 7.82 -4.45
C ASN D 91 -5.28 7.42 -5.44
N ARG D 92 -6.49 7.95 -5.27
CA ARG D 92 -7.56 7.65 -6.23
C ARG D 92 -7.18 8.11 -7.62
N TRP D 93 -6.49 9.24 -7.73
CA TRP D 93 -6.11 9.79 -9.03
C TRP D 93 -5.18 8.85 -9.78
N TRP D 94 -4.11 8.40 -9.10
CA TRP D 94 -3.21 7.48 -9.79
C TRP D 94 -3.90 6.15 -10.09
N SER D 95 -4.71 5.65 -9.16
CA SER D 95 -5.43 4.40 -9.42
C SER D 95 -6.33 4.54 -10.64
N GLN D 96 -7.03 5.66 -10.76
CA GLN D 96 -7.91 5.87 -11.90
C GLN D 96 -7.12 5.92 -13.19
N TYR D 97 -5.95 6.57 -13.19
CA TYR D 97 -5.16 6.55 -14.41
C TYR D 97 -4.76 5.13 -14.78
N LEU D 98 -4.37 4.33 -13.78
CA LEU D 98 -3.98 2.95 -14.07
C LEU D 98 -5.14 2.10 -14.58
N CYS D 99 -6.38 2.56 -14.42
CA CYS D 99 -7.55 1.79 -14.82
C CYS D 99 -8.03 2.10 -16.22
N MET D 100 -7.45 3.05 -16.90
CA MET D 100 -7.85 3.36 -18.27
C MET D 100 -7.50 2.18 -19.17
N PRO D 101 -8.46 1.61 -19.90
CA PRO D 101 -8.15 0.43 -20.71
C PRO D 101 -7.21 0.76 -21.86
N LEU D 102 -6.31 -0.19 -22.16
CA LEU D 102 -5.40 -0.08 -23.28
C LEU D 102 -5.45 -1.37 -24.09
N PRO D 103 -5.41 -1.27 -25.42
CA PRO D 103 -5.54 -2.46 -26.28
C PRO D 103 -4.23 -3.14 -26.63
N ASP D 104 -3.11 -2.77 -26.00
CA ASP D 104 -1.81 -3.26 -26.43
C ASP D 104 -1.69 -4.78 -26.24
N ALA D 105 -2.02 -5.27 -25.04
CA ALA D 105 -1.97 -6.71 -24.80
C ALA D 105 -2.92 -7.45 -25.73
N LEU D 106 -4.15 -6.93 -25.86
CA LEU D 106 -5.12 -7.57 -26.74
C LEU D 106 -4.66 -7.55 -28.19
N MET D 107 -4.06 -6.45 -28.64
CA MET D 107 -3.63 -6.39 -30.03
C MET D 107 -2.47 -7.35 -30.29
N CYS D 108 -1.54 -7.46 -29.35
CA CYS D 108 -0.46 -8.45 -29.51
C CYS D 108 -1.03 -9.86 -29.57
N VAL D 109 -1.97 -10.19 -28.68
CA VAL D 109 -2.55 -11.52 -28.68
C VAL D 109 -3.30 -11.78 -29.98
N VAL D 110 -4.07 -10.80 -30.44
CA VAL D 110 -4.86 -10.97 -31.66
C VAL D 110 -3.96 -11.15 -32.87
N ALA D 111 -2.90 -10.34 -32.96
CA ALA D 111 -1.96 -10.49 -34.07
C ALA D 111 -1.26 -11.84 -34.03
N GLY D 112 -1.05 -12.40 -32.83
CA GLY D 112 -0.42 -13.70 -32.74
C GLY D 112 -1.34 -14.90 -32.86
N THR D 113 -2.65 -14.71 -32.68
CA THR D 113 -3.57 -15.84 -32.57
C THR D 113 -4.65 -15.90 -33.64
N VAL D 114 -5.13 -14.75 -34.13
CA VAL D 114 -6.18 -14.72 -35.15
C VAL D 114 -5.50 -14.63 -36.50
N HIS D 115 -5.74 -15.62 -37.36
CA HIS D 115 -4.91 -15.82 -38.53
C HIS D 115 -5.72 -15.72 -39.81
N GLY D 116 -5.00 -15.51 -40.91
CA GLY D 116 -5.59 -15.35 -42.23
C GLY D 116 -5.20 -14.05 -42.88
N ARG D 117 -4.52 -14.13 -44.01
CA ARG D 117 -4.11 -12.95 -44.77
C ARG D 117 -5.18 -12.45 -45.73
N ASP D 118 -6.30 -13.16 -45.84
CA ASP D 118 -7.37 -12.78 -46.73
C ASP D 118 -8.27 -11.75 -46.07
N ASP D 119 -9.39 -11.45 -46.71
CA ASP D 119 -10.29 -10.41 -46.19
C ASP D 119 -10.97 -10.84 -44.91
N ARG D 120 -11.31 -12.13 -44.79
CA ARG D 120 -12.01 -12.61 -43.60
C ARG D 120 -11.13 -12.51 -42.36
N GLY D 121 -9.85 -12.86 -42.46
CA GLY D 121 -8.96 -12.73 -41.31
C GLY D 121 -8.75 -11.30 -40.90
N ARG D 122 -8.56 -10.41 -41.89
CA ARG D 122 -8.50 -8.98 -41.59
C ARG D 122 -9.75 -8.53 -40.88
N LEU D 123 -10.91 -8.97 -41.36
CA LEU D 123 -12.18 -8.60 -40.73
C LEU D 123 -12.22 -9.05 -39.28
N TYR D 124 -11.80 -10.29 -39.02
CA TYR D 124 -11.81 -10.82 -37.67
C TYR D 124 -10.94 -9.97 -36.74
N ARG D 125 -9.68 -9.74 -37.14
CA ARG D 125 -8.75 -9.02 -36.27
C ARG D 125 -9.22 -7.58 -36.06
N ARG D 126 -9.61 -6.91 -37.14
CA ARG D 126 -10.05 -5.52 -37.03
C ARG D 126 -11.30 -5.40 -36.18
N THR D 127 -12.24 -6.34 -36.33
CA THR D 127 -13.47 -6.28 -35.56
C THR D 127 -13.22 -6.54 -34.09
N LEU D 128 -12.33 -7.47 -33.75
CA LEU D 128 -12.02 -7.70 -32.35
C LEU D 128 -11.42 -6.45 -31.71
N MET D 129 -10.43 -5.86 -32.39
CA MET D 129 -9.82 -4.66 -31.83
C MET D 129 -10.81 -3.50 -31.78
N ARG D 130 -11.71 -3.42 -32.75
CA ARG D 130 -12.71 -2.36 -32.75
C ARG D 130 -13.73 -2.56 -31.63
N TYR D 131 -14.07 -3.81 -31.31
CA TYR D 131 -14.95 -4.06 -30.18
C TYR D 131 -14.31 -3.61 -28.88
N ALA D 132 -13.02 -3.92 -28.70
CA ALA D 132 -12.32 -3.43 -27.50
C ALA D 132 -12.35 -1.90 -27.46
N GLY D 133 -12.00 -1.26 -28.57
CA GLY D 133 -11.98 0.20 -28.60
C GLY D 133 -13.35 0.80 -28.36
N LEU D 134 -14.40 0.18 -28.90
CA LEU D 134 -15.76 0.66 -28.71
C LEU D 134 -16.17 0.58 -27.25
N SER D 135 -15.85 -0.53 -26.59
CA SER D 135 -16.16 -0.63 -25.16
C SER D 135 -15.44 0.47 -24.37
N ALA D 136 -14.17 0.71 -24.70
CA ALA D 136 -13.44 1.78 -24.03
C ALA D 136 -14.10 3.14 -24.29
N VAL D 137 -14.51 3.39 -25.53
CA VAL D 137 -15.15 4.67 -25.87
C VAL D 137 -16.44 4.84 -25.09
N LEU D 138 -17.24 3.78 -25.00
CA LEU D 138 -18.51 3.86 -24.29
C LEU D 138 -18.29 4.20 -22.82
N ILE D 139 -17.38 3.49 -22.16
CA ILE D 139 -17.14 3.78 -20.75
C ILE D 139 -16.58 5.19 -20.58
N LEU D 140 -15.67 5.60 -21.45
CA LEU D 140 -15.04 6.92 -21.31
C LEU D 140 -16.06 8.03 -21.50
N ARG D 141 -16.92 7.93 -22.51
CA ARG D 141 -17.98 8.92 -22.66
C ARG D 141 -18.96 8.87 -21.50
N SER D 142 -19.08 7.73 -20.83
CA SER D 142 -19.88 7.69 -19.61
C SER D 142 -19.22 8.47 -18.47
N VAL D 143 -17.89 8.39 -18.34
CA VAL D 143 -17.22 8.93 -17.16
C VAL D 143 -16.45 10.21 -17.41
N SER D 144 -16.20 10.58 -18.67
CA SER D 144 -15.36 11.74 -18.98
C SER D 144 -16.18 12.79 -19.69
N THR D 145 -16.06 14.04 -19.25
CA THR D 145 -16.79 15.13 -19.89
C THR D 145 -16.20 15.49 -21.24
N ALA D 146 -14.88 15.40 -21.39
CA ALA D 146 -14.26 15.68 -22.68
C ALA D 146 -14.70 14.68 -23.73
N VAL D 147 -14.66 13.38 -23.38
CA VAL D 147 -15.10 12.36 -24.32
C VAL D 147 -16.58 12.49 -24.62
N PHE D 148 -17.39 12.79 -23.61
CA PHE D 148 -18.82 12.97 -23.84
C PHE D 148 -19.08 14.14 -24.79
N LYS D 149 -18.35 15.24 -24.62
CA LYS D 149 -18.48 16.35 -25.55
C LYS D 149 -18.10 15.91 -26.96
N ARG D 150 -17.07 15.08 -27.07
CA ARG D 150 -16.70 14.55 -28.39
C ARG D 150 -17.77 13.61 -28.93
N PHE D 151 -18.39 12.82 -28.05
CA PHE D 151 -19.41 11.85 -28.44
C PHE D 151 -20.67 12.08 -27.61
N PRO D 152 -21.40 13.17 -27.89
CA PRO D 152 -22.61 13.45 -27.09
C PRO D 152 -23.75 12.48 -27.34
N THR D 153 -23.73 11.72 -28.43
CA THR D 153 -24.76 10.74 -28.72
C THR D 153 -24.10 9.50 -29.31
N ILE D 154 -24.86 8.40 -29.33
CA ILE D 154 -24.35 7.17 -29.93
C ILE D 154 -24.24 7.34 -31.44
N ASP D 155 -25.00 8.27 -32.02
CA ASP D 155 -24.82 8.58 -33.43
C ASP D 155 -23.41 9.09 -33.69
N HIS D 156 -22.87 9.90 -32.77
CA HIS D 156 -21.50 10.36 -32.92
C HIS D 156 -20.53 9.18 -32.90
N VAL D 157 -20.76 8.20 -32.03
CA VAL D 157 -19.90 7.02 -31.98
C VAL D 157 -19.98 6.26 -33.30
N VAL D 158 -21.18 6.14 -33.87
CA VAL D 158 -21.33 5.43 -35.15
C VAL D 158 -20.60 6.19 -36.25
N GLU D 159 -20.74 7.51 -36.30
CA GLU D 159 -20.05 8.31 -37.31
C GLU D 159 -18.54 8.31 -37.12
N ALA D 160 -18.05 8.17 -35.90
CA ALA D 160 -16.61 8.08 -35.68
C ALA D 160 -16.02 6.76 -36.16
N GLY D 161 -16.86 5.79 -36.53
CA GLY D 161 -16.40 4.51 -37.02
C GLY D 161 -16.22 3.44 -35.97
N PHE D 162 -16.43 3.77 -34.69
CA PHE D 162 -16.27 2.77 -33.64
C PHE D 162 -17.40 1.76 -33.63
N MET D 163 -18.59 2.16 -34.08
CA MET D 163 -19.74 1.28 -34.20
C MET D 163 -20.30 1.36 -35.60
N THR D 164 -20.86 0.25 -36.07
CA THR D 164 -21.54 0.20 -37.35
C THR D 164 -23.04 0.42 -37.16
N ARG D 165 -23.75 0.58 -38.28
CA ARG D 165 -25.19 0.78 -38.21
C ARG D 165 -25.91 -0.47 -37.72
N GLU D 166 -25.50 -1.64 -38.21
CA GLU D 166 -26.11 -2.89 -37.75
C GLU D 166 -25.80 -3.15 -36.28
N GLU D 167 -24.55 -2.95 -35.89
CA GLU D 167 -24.21 -3.06 -34.47
C GLU D 167 -24.98 -2.03 -33.66
N ARG D 168 -25.22 -0.85 -34.22
CA ARG D 168 -26.02 0.14 -33.52
C ARG D 168 -27.45 -0.35 -33.30
N LYS D 169 -28.03 -0.98 -34.32
CA LYS D 169 -29.38 -1.53 -34.17
C LYS D 169 -29.42 -2.58 -33.08
N LYS D 170 -28.45 -3.51 -33.09
CA LYS D 170 -28.40 -4.52 -32.04
C LYS D 170 -28.21 -3.89 -30.67
N PHE D 171 -27.34 -2.88 -30.59
CA PHE D 171 -27.04 -2.21 -29.32
C PHE D 171 -28.28 -1.54 -28.75
N GLU D 172 -29.03 -0.82 -29.59
CA GLU D 172 -30.21 -0.11 -29.12
C GLU D 172 -31.37 -1.03 -28.85
N ASN D 173 -31.47 -2.15 -29.56
CA ASN D 173 -32.55 -3.09 -29.32
C ASN D 173 -32.40 -3.86 -28.02
N LEU D 174 -31.20 -3.86 -27.44
CA LEU D 174 -31.01 -4.54 -26.16
C LEU D 174 -31.79 -3.83 -25.08
N ASN D 175 -32.61 -4.58 -24.35
CA ASN D 175 -33.49 -4.01 -23.34
C ASN D 175 -32.78 -4.01 -22.00
N SER D 176 -32.17 -2.88 -21.66
CA SER D 176 -31.43 -2.75 -20.42
C SER D 176 -31.41 -1.28 -20.01
N SER D 177 -31.66 -1.00 -18.74
CA SER D 177 -31.67 0.35 -18.23
C SER D 177 -30.31 0.76 -17.64
N TYR D 178 -29.31 -0.10 -17.72
CA TYR D 178 -27.99 0.18 -17.17
C TYR D 178 -27.00 0.46 -18.29
N ASN D 179 -25.84 0.99 -17.91
CA ASN D 179 -24.81 1.32 -18.88
C ASN D 179 -24.44 0.07 -19.69
N LYS D 180 -24.32 0.25 -20.99
CA LYS D 180 -24.10 -0.86 -21.92
C LYS D 180 -22.65 -0.94 -22.40
N TYR D 181 -21.72 -0.35 -21.66
CA TYR D 181 -20.33 -0.36 -22.07
C TYR D 181 -19.80 -1.77 -22.26
N TRP D 182 -20.38 -2.75 -21.57
CA TRP D 182 -19.93 -4.13 -21.59
C TRP D 182 -20.36 -4.89 -22.83
N VAL D 183 -21.34 -4.38 -23.59
CA VAL D 183 -21.88 -5.13 -24.72
C VAL D 183 -20.79 -5.48 -25.74
N PRO D 184 -19.91 -4.57 -26.13
CA PRO D 184 -18.85 -4.96 -27.08
C PRO D 184 -17.95 -6.07 -26.56
N CYS D 185 -17.80 -6.21 -25.25
CA CYS D 185 -16.98 -7.30 -24.71
C CYS D 185 -17.65 -8.65 -24.92
N VAL D 186 -18.98 -8.71 -24.76
CA VAL D 186 -19.71 -9.93 -25.06
C VAL D 186 -19.67 -10.21 -26.55
N TRP D 187 -19.74 -9.17 -27.37
CA TRP D 187 -19.57 -9.35 -28.81
C TRP D 187 -18.18 -9.93 -29.11
N PHE D 188 -17.16 -9.43 -28.41
CA PHE D 188 -15.81 -9.94 -28.58
C PHE D 188 -15.72 -11.42 -28.22
N SER D 189 -16.34 -11.80 -27.11
CA SER D 189 -16.33 -13.21 -26.72
C SER D 189 -17.00 -14.08 -27.78
N ASN D 190 -18.17 -13.65 -28.25
CA ASN D 190 -18.88 -14.42 -29.27
C ASN D 190 -18.09 -14.52 -30.56
N LEU D 191 -17.47 -13.42 -30.97
CA LEU D 191 -16.71 -13.42 -32.22
C LEU D 191 -15.45 -14.27 -32.10
N ALA D 192 -14.78 -14.23 -30.94
CA ALA D 192 -13.63 -15.08 -30.72
C ALA D 192 -14.02 -16.56 -30.75
N ALA D 193 -15.15 -16.90 -30.13
CA ALA D 193 -15.64 -18.27 -30.20
C ALA D 193 -15.93 -18.68 -31.64
N GLN D 194 -16.55 -17.80 -32.41
CA GLN D 194 -16.82 -18.10 -33.81
C GLN D 194 -15.53 -18.31 -34.60
N ALA D 195 -14.52 -17.46 -34.37
CA ALA D 195 -13.26 -17.61 -35.06
C ALA D 195 -12.58 -18.92 -34.71
N ARG D 196 -12.59 -19.29 -33.42
CA ARG D 196 -12.02 -20.58 -33.03
C ARG D 196 -12.76 -21.74 -33.69
N ARG D 197 -14.10 -21.67 -33.73
CA ARG D 197 -14.86 -22.72 -34.37
C ARG D 197 -14.59 -22.78 -35.87
N GLU D 198 -14.27 -21.63 -36.47
CA GLU D 198 -13.99 -21.56 -37.90
C GLU D 198 -12.59 -22.00 -38.27
N GLY D 199 -11.68 -22.10 -37.30
CA GLY D 199 -10.30 -22.45 -37.55
C GLY D 199 -9.35 -21.28 -37.63
N ARG D 200 -9.87 -20.05 -37.62
CA ARG D 200 -9.01 -18.87 -37.65
C ARG D 200 -8.12 -18.81 -36.41
N ILE D 201 -8.69 -19.12 -35.25
CA ILE D 201 -7.91 -19.38 -34.05
C ILE D 201 -7.63 -20.87 -34.02
N ARG D 202 -6.34 -21.23 -33.96
CA ARG D 202 -5.92 -22.60 -34.26
C ARG D 202 -5.95 -23.53 -33.06
N ASP D 203 -6.01 -23.03 -31.84
CA ASP D 203 -5.99 -23.91 -30.69
C ASP D 203 -6.83 -23.31 -29.56
N ASN D 204 -7.20 -24.18 -28.63
CA ASN D 204 -8.03 -23.76 -27.49
C ASN D 204 -7.26 -22.87 -26.53
N SER D 205 -5.93 -23.08 -26.42
CA SER D 205 -5.13 -22.23 -25.56
CA SER D 205 -5.11 -22.23 -25.58
C SER D 205 -5.11 -20.80 -26.08
N ALA D 206 -5.07 -20.61 -27.40
CA ALA D 206 -5.11 -19.27 -27.97
C ALA D 206 -6.42 -18.58 -27.64
N LEU D 207 -7.54 -19.30 -27.76
CA LEU D 207 -8.83 -18.73 -27.39
C LEU D 207 -8.87 -18.37 -25.91
N LYS D 208 -8.31 -19.23 -25.06
CA LYS D 208 -8.27 -18.94 -23.63
C LYS D 208 -7.47 -17.67 -23.34
N LEU D 209 -6.32 -17.52 -24.01
CA LEU D 209 -5.52 -16.32 -23.81
C LEU D 209 -6.27 -15.08 -24.30
N LEU D 210 -6.95 -15.18 -25.43
CA LEU D 210 -7.76 -14.07 -25.92
C LEU D 210 -8.83 -13.68 -24.90
N LEU D 211 -9.52 -14.67 -24.33
CA LEU D 211 -10.57 -14.38 -23.37
C LEU D 211 -10.00 -13.78 -22.08
N GLU D 212 -8.82 -14.24 -21.65
CA GLU D 212 -8.20 -13.66 -20.46
C GLU D 212 -7.83 -12.20 -20.69
N GLU D 213 -7.25 -11.89 -21.86
CA GLU D 213 -6.93 -10.50 -22.17
C GLU D 213 -8.20 -9.66 -22.23
N LEU D 214 -9.27 -10.21 -22.83
CA LEU D 214 -10.53 -9.50 -22.88
C LEU D 214 -11.07 -9.22 -21.48
N ASN D 215 -10.93 -10.19 -20.57
CA ASN D 215 -11.41 -9.99 -19.21
C ASN D 215 -10.60 -8.90 -18.51
N VAL D 216 -9.30 -8.85 -18.73
CA VAL D 216 -8.49 -7.78 -18.14
C VAL D 216 -8.96 -6.42 -18.65
N PHE D 217 -9.17 -6.31 -19.97
CA PHE D 217 -9.63 -5.06 -20.57
C PHE D 217 -10.99 -4.64 -20.00
N ARG D 218 -11.95 -5.57 -19.98
CA ARG D 218 -13.27 -5.29 -19.45
C ARG D 218 -13.22 -4.94 -17.97
N GLY D 219 -12.31 -5.56 -17.22
CA GLY D 219 -12.17 -5.20 -15.82
C GLY D 219 -11.68 -3.78 -15.62
N LYS D 220 -10.76 -3.34 -16.47
CA LYS D 220 -10.35 -1.93 -16.39
C LYS D 220 -11.50 -1.00 -16.73
N CYS D 221 -12.31 -1.34 -17.74
CA CYS D 221 -13.49 -0.52 -18.02
C CYS D 221 -14.43 -0.47 -16.83
N GLY D 222 -14.68 -1.61 -16.21
CA GLY D 222 -15.56 -1.63 -15.04
C GLY D 222 -15.00 -0.87 -13.86
N MET D 223 -13.68 -0.90 -13.69
CA MET D 223 -13.05 -0.12 -12.63
C MET D 223 -13.23 1.37 -12.88
N LEU D 224 -13.12 1.80 -14.14
CA LEU D 224 -13.43 3.19 -14.46
C LEU D 224 -14.85 3.54 -14.07
N PHE D 225 -15.80 2.67 -14.40
CA PHE D 225 -17.18 2.90 -14.01
C PHE D 225 -17.33 3.01 -12.49
N HIS D 226 -16.69 2.11 -11.76
CA HIS D 226 -16.82 2.10 -10.30
C HIS D 226 -16.24 3.37 -9.69
N TYR D 227 -15.07 3.81 -10.19
CA TYR D 227 -14.49 5.05 -9.68
C TYR D 227 -15.38 6.24 -9.97
N ASP D 228 -15.99 6.27 -11.16
CA ASP D 228 -16.94 7.34 -11.46
C ASP D 228 -18.13 7.31 -10.51
N TRP D 229 -18.64 6.12 -10.22
CA TRP D 229 -19.84 6.01 -9.39
C TRP D 229 -19.54 6.34 -7.93
N ILE D 230 -18.60 5.63 -7.33
CA ILE D 230 -18.30 5.78 -5.90
C ILE D 230 -17.34 6.95 -5.78
N SER D 231 -17.91 8.14 -5.60
CA SER D 231 -17.11 9.33 -5.38
C SER D 231 -16.44 9.28 -4.02
N VAL D 232 -15.47 10.17 -3.82
CA VAL D 232 -14.98 10.37 -2.46
C VAL D 232 -16.15 10.77 -1.57
N PRO D 233 -16.30 10.23 -0.37
CA PRO D 233 -17.48 10.55 0.45
C PRO D 233 -17.74 12.04 0.53
N LEU D 234 -18.98 12.43 0.23
CA LEU D 234 -19.34 13.85 0.23
C LEU D 234 -19.10 14.48 1.59
N VAL D 235 -19.18 13.70 2.66
CA VAL D 235 -18.94 14.22 4.00
C VAL D 235 -17.52 14.76 4.11
N TYR D 236 -16.54 14.02 3.58
CA TYR D 236 -15.15 14.47 3.63
C TYR D 236 -14.97 15.77 2.86
N THR D 237 -15.54 15.85 1.65
CA THR D 237 -15.40 17.05 0.84
C THR D 237 -16.00 18.25 1.56
N GLN D 238 -17.22 18.09 2.08
CA GLN D 238 -17.85 19.18 2.81
C GLN D 238 -17.04 19.58 4.02
N VAL D 239 -16.50 18.60 4.75
CA VAL D 239 -15.77 18.90 5.97
C VAL D 239 -14.50 19.68 5.66
N VAL D 240 -13.75 19.25 4.65
CA VAL D 240 -12.52 19.97 4.30
CA VAL D 240 -12.52 19.96 4.30
C VAL D 240 -12.84 21.36 3.80
N THR D 241 -13.86 21.49 2.95
CA THR D 241 -14.22 22.81 2.44
C THR D 241 -14.60 23.75 3.59
N ILE D 242 -15.41 23.25 4.52
CA ILE D 242 -15.83 24.08 5.65
C ILE D 242 -14.64 24.42 6.53
N ALA D 243 -13.74 23.47 6.76
CA ALA D 243 -12.57 23.76 7.58
C ALA D 243 -11.74 24.88 6.97
N LEU D 244 -11.43 24.77 5.69
CA LEU D 244 -10.64 25.81 5.03
C LEU D 244 -11.36 27.16 5.07
N TYR D 245 -12.64 27.16 4.70
CA TYR D 245 -13.39 28.42 4.63
C TYR D 245 -13.48 29.08 6.00
N SER D 246 -13.81 28.31 7.03
CA SER D 246 -13.95 28.87 8.37
C SER D 246 -12.61 29.34 8.92
N TYR D 247 -11.54 28.58 8.68
CA TYR D 247 -10.23 29.01 9.15
C TYR D 247 -9.84 30.35 8.53
N PHE D 248 -10.02 30.50 7.22
CA PHE D 248 -9.57 31.75 6.63
C PHE D 248 -10.55 32.90 6.82
N LEU D 249 -11.84 32.61 7.01
CA LEU D 249 -12.76 33.64 7.49
C LEU D 249 -12.35 34.15 8.86
N ALA D 250 -11.92 33.25 9.75
CA ALA D 250 -11.40 33.69 11.04
C ALA D 250 -10.11 34.49 10.88
N CYS D 251 -9.22 34.06 9.98
CA CYS D 251 -7.99 34.80 9.73
C CYS D 251 -8.25 36.18 9.15
N LEU D 252 -9.37 36.36 8.44
CA LEU D 252 -9.71 37.70 7.95
C LEU D 252 -9.78 38.71 9.09
N ILE D 253 -10.19 38.28 10.26
CA ILE D 253 -10.27 39.17 11.43
C ILE D 253 -9.02 39.06 12.29
N GLY D 254 -8.60 37.83 12.60
CA GLY D 254 -7.50 37.62 13.53
C GLY D 254 -6.15 38.05 12.99
N ARG D 255 -6.00 38.13 11.68
CA ARG D 255 -4.74 38.51 11.06
C ARG D 255 -4.69 39.98 10.71
N GLN D 256 -5.64 40.77 11.20
CA GLN D 256 -5.65 42.19 10.92
C GLN D 256 -4.52 42.89 11.66
N PHE D 257 -3.98 43.93 11.01
CA PHE D 257 -2.96 44.75 11.63
C PHE D 257 -3.61 45.73 12.59
N LEU D 258 -3.29 45.60 13.86
CA LEU D 258 -3.83 46.47 14.90
C LEU D 258 -2.93 47.68 15.08
N ASP D 259 -3.50 48.74 15.65
CA ASP D 259 -2.76 49.98 15.80
C ASP D 259 -1.57 49.78 16.74
N PRO D 260 -0.34 50.02 16.27
CA PRO D 260 0.82 49.81 17.14
C PRO D 260 0.84 50.70 18.36
N ALA D 261 0.13 51.83 18.33
CA ALA D 261 0.10 52.74 19.48
C ALA D 261 -0.68 52.16 20.66
N GLN D 262 -1.40 51.06 20.48
CA GLN D 262 -2.15 50.44 21.55
C GLN D 262 -1.34 49.45 22.37
N GLY D 263 -0.09 49.21 21.99
CA GLY D 263 0.79 48.39 22.81
C GLY D 263 0.39 46.94 22.91
N TYR D 264 -0.48 46.45 22.03
CA TYR D 264 -0.88 45.05 22.08
C TYR D 264 0.32 44.16 21.82
N LYS D 265 0.44 43.10 22.62
CA LYS D 265 1.49 42.13 22.41
C LYS D 265 1.43 41.59 21.00
N ASP D 266 2.58 41.56 20.33
CA ASP D 266 2.79 40.97 19.03
C ASP D 266 2.22 41.85 17.90
N HIS D 267 1.54 42.95 18.22
CA HIS D 267 1.11 43.93 17.23
C HIS D 267 1.96 45.19 17.38
N ASP D 268 3.14 45.17 16.77
CA ASP D 268 4.08 46.27 16.85
C ASP D 268 4.48 46.86 15.50
N LEU D 269 4.28 46.12 14.41
CA LEU D 269 4.68 46.58 13.08
C LEU D 269 3.46 46.52 12.17
N ASP D 270 3.11 47.66 11.58
CA ASP D 270 1.97 47.77 10.69
C ASP D 270 2.47 47.69 9.25
N LEU D 271 2.41 46.49 8.67
CA LEU D 271 2.83 46.29 7.29
C LEU D 271 1.69 46.45 6.29
N CYS D 272 0.47 46.69 6.77
CA CYS D 272 -0.68 46.85 5.89
C CYS D 272 -1.02 45.55 5.17
N VAL D 273 -0.12 45.07 4.31
CA VAL D 273 -0.36 43.84 3.56
C VAL D 273 0.02 42.64 4.42
N PRO D 274 -0.87 41.68 4.64
CA PRO D 274 -0.56 40.48 5.43
C PRO D 274 0.18 39.43 4.61
N ILE D 275 1.51 39.61 4.51
CA ILE D 275 2.31 38.77 3.62
C ILE D 275 2.21 37.31 4.02
N PHE D 276 2.41 37.02 5.32
CA PHE D 276 2.44 35.63 5.74
C PHE D 276 1.05 35.01 5.77
N THR D 277 0.03 35.80 6.12
CA THR D 277 -1.33 35.30 6.02
C THR D 277 -1.68 34.96 4.57
N LEU D 278 -1.27 35.83 3.64
CA LEU D 278 -1.49 35.55 2.23
C LEU D 278 -0.74 34.30 1.78
N LEU D 279 0.49 34.12 2.25
CA LEU D 279 1.26 32.92 1.90
C LEU D 279 0.61 31.66 2.46
N GLN D 280 0.14 31.71 3.69
CA GLN D 280 -0.55 30.56 4.29
C GLN D 280 -1.82 30.24 3.52
N PHE D 281 -2.61 31.25 3.17
CA PHE D 281 -3.78 31.01 2.34
C PHE D 281 -3.37 30.41 1.02
N PHE D 282 -2.34 30.96 0.39
CA PHE D 282 -1.87 30.41 -0.88
C PHE D 282 -1.60 28.91 -0.74
N PHE D 283 -0.85 28.52 0.28
CA PHE D 283 -0.47 27.12 0.41
C PHE D 283 -1.67 26.22 0.71
N TYR D 284 -2.50 26.60 1.69
CA TYR D 284 -3.62 25.72 2.07
C TYR D 284 -4.69 25.66 0.99
N ALA D 285 -5.12 26.82 0.48
CA ALA D 285 -6.07 26.84 -0.61
C ALA D 285 -5.52 26.16 -1.86
N GLY D 286 -4.22 26.27 -2.10
CA GLY D 286 -3.64 25.57 -3.24
C GLY D 286 -3.66 24.08 -3.07
N TRP D 287 -3.39 23.59 -1.86
CA TRP D 287 -3.52 22.17 -1.58
C TRP D 287 -4.94 21.69 -1.87
N LEU D 288 -5.93 22.44 -1.37
CA LEU D 288 -7.31 22.05 -1.64
C LEU D 288 -7.66 22.16 -3.12
N LYS D 289 -7.06 23.12 -3.84
CA LYS D 289 -7.34 23.27 -5.27
C LYS D 289 -6.72 22.13 -6.07
N VAL D 290 -5.54 21.66 -5.68
CA VAL D 290 -5.00 20.46 -6.31
C VAL D 290 -5.93 19.29 -6.07
N ALA D 291 -6.44 19.15 -4.85
CA ALA D 291 -7.41 18.10 -4.59
C ALA D 291 -8.64 18.25 -5.49
N GLU D 292 -9.11 19.49 -5.66
CA GLU D 292 -10.28 19.74 -6.49
C GLU D 292 -10.04 19.36 -7.93
N GLN D 293 -8.87 19.70 -8.46
CA GLN D 293 -8.56 19.37 -9.85
C GLN D 293 -8.38 17.87 -10.04
N LEU D 294 -7.74 17.19 -9.08
CA LEU D 294 -7.46 15.77 -9.24
C LEU D 294 -8.62 14.87 -8.87
N ILE D 295 -9.64 15.40 -8.18
CA ILE D 295 -10.71 14.54 -7.67
C ILE D 295 -11.45 13.87 -8.82
N ASN D 296 -11.68 14.60 -9.91
CA ASN D 296 -12.25 14.05 -11.14
C ASN D 296 -11.24 14.28 -12.25
N PRO D 297 -10.33 13.33 -12.49
CA PRO D 297 -9.27 13.54 -13.49
C PRO D 297 -9.72 13.41 -14.93
N PHE D 298 -11.01 13.23 -15.18
CA PHE D 298 -11.55 13.11 -16.53
C PHE D 298 -12.30 14.35 -16.97
N GLY D 299 -12.10 15.46 -16.26
CA GLY D 299 -12.68 16.74 -16.65
C GLY D 299 -11.89 17.39 -17.76
N GLU D 300 -11.86 18.72 -17.73
CA GLU D 300 -11.16 19.50 -18.75
C GLU D 300 -10.12 20.42 -18.13
N ASP D 301 -9.59 20.06 -16.97
CA ASP D 301 -8.49 20.78 -16.39
C ASP D 301 -7.22 20.56 -17.21
N ASP D 302 -6.24 21.44 -17.01
CA ASP D 302 -4.98 21.30 -17.74
C ASP D 302 -4.28 20.01 -17.38
N ASP D 303 -4.30 19.62 -16.12
CA ASP D 303 -3.64 18.41 -15.64
C ASP D 303 -4.54 17.18 -15.68
N ASP D 304 -5.75 17.28 -16.22
CA ASP D 304 -6.59 16.12 -16.37
C ASP D 304 -6.07 15.23 -17.50
N PHE D 305 -6.45 13.95 -17.43
CA PHE D 305 -5.98 12.98 -18.41
C PHE D 305 -6.47 13.34 -19.80
N GLU D 306 -5.63 13.08 -20.81
CA GLU D 306 -5.95 13.35 -22.21
C GLU D 306 -6.68 12.13 -22.78
N THR D 307 -7.97 12.05 -22.49
CA THR D 307 -8.74 10.87 -22.86
C THR D 307 -8.98 10.79 -24.36
N ASN D 308 -9.24 11.93 -25.01
CA ASN D 308 -9.47 11.90 -26.46
C ASN D 308 -8.20 11.52 -27.21
N PHE D 309 -7.06 12.07 -26.79
CA PHE D 309 -5.79 11.67 -27.37
C PHE D 309 -5.55 10.18 -27.21
N LEU D 310 -5.86 9.65 -26.01
CA LEU D 310 -5.66 8.23 -25.77
C LEU D 310 -6.59 7.38 -26.62
N ILE D 311 -7.84 7.82 -26.79
CA ILE D 311 -8.76 7.10 -27.67
C ILE D 311 -8.19 7.02 -29.08
N ASP D 312 -7.77 8.17 -29.62
CA ASP D 312 -7.24 8.19 -30.97
C ASP D 312 -6.01 7.32 -31.11
N ARG D 313 -5.07 7.46 -30.17
CA ARG D 313 -3.83 6.68 -30.22
C ARG D 313 -4.12 5.19 -30.15
N ASN D 314 -5.00 4.79 -29.23
CA ASN D 314 -5.29 3.38 -29.05
C ASN D 314 -5.92 2.79 -30.30
N PHE D 315 -6.89 3.50 -30.88
CA PHE D 315 -7.53 2.97 -32.09
C PHE D 315 -6.52 2.85 -33.22
N GLN D 316 -5.72 3.90 -33.45
CA GLN D 316 -4.77 3.88 -34.54
C GLN D 316 -3.76 2.76 -34.37
N VAL D 317 -3.19 2.62 -33.17
CA VAL D 317 -2.18 1.61 -32.91
C VAL D 317 -2.76 0.21 -33.04
N SER D 318 -3.96 -0.01 -32.50
CA SER D 318 -4.56 -1.34 -32.58
C SER D 318 -4.82 -1.74 -34.01
N MET D 319 -5.40 -0.82 -34.81
CA MET D 319 -5.67 -1.15 -36.20
C MET D 319 -4.37 -1.43 -36.94
N LEU D 320 -3.34 -0.61 -36.72
CA LEU D 320 -2.06 -0.84 -37.37
C LEU D 320 -1.50 -2.21 -37.01
N ALA D 321 -1.46 -2.51 -35.70
CA ALA D 321 -0.84 -3.75 -35.23
C ALA D 321 -1.56 -4.98 -35.75
N VAL D 322 -2.89 -4.97 -35.78
CA VAL D 322 -3.61 -6.17 -36.18
C VAL D 322 -3.86 -6.27 -37.67
N ASP D 323 -3.72 -5.19 -38.43
CA ASP D 323 -3.97 -5.24 -39.86
C ASP D 323 -2.71 -5.10 -40.69
N GLU D 324 -1.97 -4.01 -40.53
CA GLU D 324 -0.80 -3.79 -41.38
C GLU D 324 0.37 -4.65 -40.95
N MET D 325 0.51 -4.90 -39.66
CA MET D 325 1.65 -5.61 -39.12
C MET D 325 1.44 -7.11 -39.00
N TYR D 326 0.28 -7.63 -39.44
CA TYR D 326 0.03 -9.05 -39.29
C TYR D 326 0.84 -9.85 -40.30
N ASP D 327 1.59 -10.83 -39.81
CA ASP D 327 2.38 -11.72 -40.66
C ASP D 327 3.24 -10.92 -41.62
N ASP D 328 3.81 -9.82 -41.14
CA ASP D 328 4.59 -8.89 -41.93
C ASP D 328 5.98 -8.72 -41.33
N LEU D 329 6.64 -9.84 -41.06
CA LEU D 329 7.97 -9.80 -40.47
C LEU D 329 9.03 -9.69 -41.55
N ALA D 330 10.17 -9.10 -41.17
CA ALA D 330 11.35 -9.18 -42.00
C ALA D 330 11.96 -10.58 -41.91
N VAL D 331 12.56 -11.03 -43.02
CA VAL D 331 13.13 -12.36 -43.05
C VAL D 331 14.08 -12.54 -41.87
N LEU D 332 14.19 -13.78 -41.40
CA LEU D 332 15.13 -14.08 -40.32
C LEU D 332 16.55 -13.86 -40.80
N GLU D 333 17.19 -12.79 -40.31
CA GLU D 333 18.58 -12.50 -40.64
C GLU D 333 19.44 -12.64 -39.40
N LYS D 334 20.66 -13.13 -39.58
CA LYS D 334 21.63 -13.13 -38.50
C LYS D 334 21.94 -11.70 -38.06
N ASP D 335 22.01 -11.50 -36.75
CA ASP D 335 22.18 -10.16 -36.22
C ASP D 335 23.66 -9.78 -36.19
N LEU D 336 23.95 -8.61 -35.62
CA LEU D 336 25.32 -8.11 -35.59
C LEU D 336 26.25 -9.04 -34.82
N TYR D 337 25.79 -9.55 -33.67
CA TYR D 337 26.64 -10.31 -32.75
C TYR D 337 26.47 -11.81 -32.92
N TRP D 338 26.15 -12.27 -34.13
CA TRP D 338 25.96 -13.69 -34.37
C TRP D 338 27.21 -14.49 -34.01
N ASP D 339 28.39 -13.98 -34.38
CA ASP D 339 29.64 -14.67 -34.14
C ASP D 339 30.33 -14.25 -32.85
N ALA D 340 29.85 -13.21 -32.18
CA ALA D 340 30.48 -12.74 -30.95
C ALA D 340 30.43 -13.82 -29.88
N TYR D 347 28.09 2.92 -27.31
CA TYR D 347 28.10 4.18 -26.57
C TYR D 347 28.57 5.34 -27.44
N THR D 348 28.01 6.52 -27.20
CA THR D 348 28.42 7.72 -27.92
C THR D 348 29.49 8.47 -27.15
N PHE D 360 28.64 -4.16 -11.53
CA PHE D 360 28.16 -4.52 -10.20
C PHE D 360 27.74 -5.98 -10.13
N GLN D 361 28.26 -6.70 -9.14
CA GLN D 361 27.97 -8.10 -8.94
C GLN D 361 27.18 -8.40 -7.69
N GLY D 362 27.26 -7.52 -6.70
CA GLY D 362 26.61 -7.75 -5.42
C GLY D 362 27.29 -6.95 -4.33
N SER D 363 26.68 -6.98 -3.15
CA SER D 363 27.24 -6.24 -2.03
C SER D 363 28.46 -6.94 -1.45
N THR D 364 28.47 -8.27 -1.47
CA THR D 364 29.55 -9.05 -0.88
C THR D 364 30.72 -9.25 -1.83
N PHE D 365 30.64 -8.73 -3.04
CA PHE D 365 31.73 -8.89 -4.01
C PHE D 365 32.48 -7.59 -4.22
N THR E 2 17.51 -13.41 13.39
CA THR E 2 16.10 -13.31 13.76
C THR E 2 15.88 -13.72 15.21
N VAL E 3 15.37 -12.79 16.02
CA VAL E 3 15.03 -13.05 17.40
C VAL E 3 13.52 -13.15 17.47
N THR E 4 13.01 -14.37 17.67
CA THR E 4 11.57 -14.63 17.67
C THR E 4 11.04 -14.58 19.10
N TYR E 5 9.96 -13.83 19.31
CA TYR E 5 9.31 -13.75 20.60
C TYR E 5 7.80 -13.83 20.45
N THR E 6 7.32 -14.44 19.37
CA THR E 6 5.89 -14.49 19.10
C THR E 6 5.14 -15.21 20.22
N ALA E 7 5.69 -16.32 20.72
CA ALA E 7 5.01 -17.09 21.75
C ALA E 7 4.86 -16.29 23.04
N ARG E 8 5.86 -15.47 23.37
CA ARG E 8 5.79 -14.70 24.61
C ARG E 8 4.66 -13.68 24.57
N VAL E 9 4.24 -13.26 23.38
CA VAL E 9 3.24 -12.22 23.23
C VAL E 9 1.94 -12.75 22.65
N ALA E 10 1.65 -14.04 22.86
CA ALA E 10 0.43 -14.63 22.31
C ALA E 10 -0.80 -13.94 22.86
N ASN E 11 -0.80 -13.62 24.15
CA ASN E 11 -1.92 -12.98 24.81
C ASN E 11 -1.46 -11.65 25.43
N ALA E 12 -2.38 -10.69 25.48
CA ALA E 12 -2.12 -9.43 26.15
C ALA E 12 -2.27 -9.64 27.64
N ARG E 13 -1.17 -9.65 28.37
CA ARG E 13 -1.15 -9.91 29.80
C ARG E 13 -0.82 -8.62 30.55
N PHE E 14 -0.90 -8.71 31.88
CA PHE E 14 -0.63 -7.54 32.72
C PHE E 14 0.81 -7.07 32.55
N GLY E 15 1.76 -7.97 32.72
CA GLY E 15 3.15 -7.66 32.42
C GLY E 15 3.56 -8.11 31.04
N GLY E 16 2.79 -7.70 30.03
CA GLY E 16 2.97 -8.23 28.69
C GLY E 16 4.30 -7.90 28.05
N PHE E 17 4.51 -6.62 27.71
CA PHE E 17 5.76 -6.21 27.08
C PHE E 17 6.86 -5.91 28.08
N SER E 18 6.55 -5.89 29.37
CA SER E 18 7.57 -5.66 30.38
C SER E 18 8.59 -6.79 30.42
N GLN E 19 8.13 -8.03 30.25
CA GLN E 19 9.04 -9.16 30.27
C GLN E 19 10.07 -9.07 29.15
N LEU E 20 9.68 -8.53 28.00
CA LEU E 20 10.59 -8.44 26.86
C LEU E 20 11.72 -7.46 27.08
N LEU E 21 11.64 -6.60 28.09
CA LEU E 21 12.70 -5.66 28.38
C LEU E 21 13.94 -6.33 28.96
N LEU E 22 13.85 -7.58 29.38
CA LEU E 22 14.96 -8.29 29.98
C LEU E 22 15.75 -9.11 28.98
N LEU E 23 15.46 -8.99 27.69
CA LEU E 23 16.16 -9.72 26.66
C LEU E 23 17.35 -8.91 26.17
N TRP E 24 18.49 -9.57 25.99
CA TRP E 24 19.71 -8.93 25.55
C TRP E 24 19.99 -9.15 24.07
N ARG E 25 20.03 -10.39 23.62
CA ARG E 25 20.24 -10.68 22.20
C ARG E 25 19.16 -10.01 21.36
N GLY E 26 19.58 -9.31 20.32
CA GLY E 26 18.64 -8.60 19.47
C GLY E 26 17.86 -7.52 20.20
N SER E 27 18.50 -6.83 21.14
CA SER E 27 17.85 -5.82 21.94
C SER E 27 18.34 -4.43 21.56
N ILE E 28 17.64 -3.42 22.07
CA ILE E 28 18.05 -2.05 21.83
C ILE E 28 19.28 -1.69 22.66
N TYR E 29 19.36 -2.21 23.89
CA TYR E 29 20.52 -1.96 24.73
C TYR E 29 21.81 -2.42 24.05
N LYS E 30 21.78 -3.63 23.49
CA LYS E 30 22.95 -4.15 22.79
C LYS E 30 23.36 -3.23 21.65
N LEU E 31 22.38 -2.71 20.91
CA LEU E 31 22.69 -1.88 19.75
C LEU E 31 23.16 -0.49 20.14
N LEU E 32 22.77 0.02 21.30
CA LEU E 32 22.91 1.44 21.57
C LEU E 32 23.71 1.81 22.82
N TRP E 33 24.21 0.85 23.60
CA TRP E 33 24.85 1.23 24.85
C TRP E 33 26.15 1.99 24.62
N ARG E 34 26.91 1.64 23.57
CA ARG E 34 28.15 2.36 23.29
C ARG E 34 27.87 3.81 22.96
N GLU E 35 26.90 4.07 22.09
CA GLU E 35 26.56 5.45 21.72
C GLU E 35 26.01 6.23 22.91
N LEU E 36 25.16 5.59 23.72
CA LEU E 36 24.65 6.27 24.91
C LEU E 36 25.78 6.63 25.86
N LEU E 37 26.74 5.72 26.02
CA LEU E 37 27.89 5.99 26.88
C LEU E 37 28.72 7.15 26.34
N CYS E 38 28.95 7.19 25.03
CA CYS E 38 29.71 8.29 24.46
C CYS E 38 28.99 9.63 24.66
N PHE E 39 27.68 9.67 24.42
CA PHE E 39 26.93 10.89 24.63
C PHE E 39 27.00 11.33 26.09
N LEU E 40 26.81 10.41 27.02
CA LEU E 40 26.87 10.75 28.44
C LEU E 40 28.27 11.24 28.83
N GLY E 41 29.31 10.61 28.29
CA GLY E 41 30.66 11.05 28.60
C GLY E 41 30.95 12.44 28.11
N PHE E 42 30.53 12.76 26.87
CA PHE E 42 30.72 14.11 26.37
C PHE E 42 29.95 15.13 27.18
N TYR E 43 28.70 14.82 27.52
CA TYR E 43 27.91 15.72 28.34
C TYR E 43 28.57 15.95 29.69
N MET E 44 29.07 14.88 30.31
CA MET E 44 29.70 15.00 31.62
C MET E 44 30.99 15.80 31.54
N ALA E 45 31.77 15.62 30.47
CA ALA E 45 32.98 16.41 30.28
C ALA E 45 32.64 17.90 30.19
N LEU E 46 31.63 18.23 29.38
CA LEU E 46 31.22 19.63 29.26
C LEU E 46 30.73 20.19 30.59
N SER E 47 29.94 19.39 31.33
CA SER E 47 29.43 19.83 32.62
C SER E 47 30.56 20.08 33.61
N ALA E 48 31.54 19.17 33.66
CA ALA E 48 32.67 19.35 34.56
C ALA E 48 33.49 20.58 34.19
N ALA E 49 33.68 20.81 32.89
CA ALA E 49 34.40 22.00 32.46
C ALA E 49 33.67 23.27 32.88
N TYR E 50 32.35 23.29 32.71
CA TYR E 50 31.57 24.45 33.12
C TYR E 50 31.63 24.66 34.63
N ARG E 51 31.60 23.56 35.40
CA ARG E 51 31.52 23.67 36.85
C ARG E 51 32.86 24.03 37.49
N PHE E 52 33.96 23.51 36.96
CA PHE E 52 35.24 23.58 37.65
C PHE E 52 36.36 24.29 36.88
N VAL E 53 36.18 24.58 35.59
CA VAL E 53 37.23 25.16 34.77
C VAL E 53 36.93 26.62 34.42
N LEU E 54 35.77 26.88 33.85
CA LEU E 54 35.46 28.22 33.35
C LEU E 54 35.46 29.23 34.49
N THR E 55 35.89 30.45 34.17
CA THR E 55 35.82 31.56 35.11
C THR E 55 34.39 32.11 35.14
N GLU E 56 34.16 33.10 36.01
CA GLU E 56 32.82 33.63 36.17
C GLU E 56 32.30 34.23 34.88
N GLY E 57 33.12 35.05 34.21
CA GLY E 57 32.68 35.63 32.95
C GLY E 57 32.52 34.58 31.86
N GLN E 58 33.45 33.64 31.80
CA GLN E 58 33.30 32.52 30.87
C GLN E 58 32.03 31.74 31.17
N LYS E 59 31.70 31.56 32.45
CA LYS E 59 30.48 30.86 32.81
C LYS E 59 29.24 31.64 32.37
N ARG E 60 29.27 32.97 32.49
CA ARG E 60 28.13 33.76 32.03
C ARG E 60 27.95 33.62 30.53
N TYR E 61 29.04 33.70 29.78
CA TYR E 61 28.94 33.51 28.33
C TYR E 61 28.46 32.10 27.99
N PHE E 62 28.95 31.09 28.71
CA PHE E 62 28.52 29.72 28.48
C PHE E 62 27.04 29.55 28.77
N GLU E 63 26.54 30.21 29.81
CA GLU E 63 25.12 30.15 30.12
C GLU E 63 24.29 30.78 29.01
N LYS E 64 24.74 31.92 28.48
CA LYS E 64 24.05 32.50 27.34
C LYS E 64 24.04 31.55 26.15
N LEU E 65 25.17 30.91 25.88
CA LEU E 65 25.25 29.97 24.76
C LEU E 65 24.34 28.76 24.99
N VAL E 66 24.27 28.28 26.22
CA VAL E 66 23.41 27.14 26.54
C VAL E 66 21.94 27.50 26.31
N ILE E 67 21.54 28.69 26.77
CA ILE E 67 20.16 29.13 26.54
C ILE E 67 19.88 29.25 25.04
N TYR E 68 20.83 29.82 24.29
CA TYR E 68 20.66 29.97 22.85
C TYR E 68 20.48 28.62 22.17
N CYS E 69 21.36 27.66 22.50
CA CYS E 69 21.27 26.34 21.90
C CYS E 69 19.97 25.65 22.28
N ASP E 70 19.56 25.75 23.55
CA ASP E 70 18.32 25.13 23.97
C ASP E 70 17.13 25.67 23.19
N GLN E 71 17.10 26.99 22.99
CA GLN E 71 15.96 27.57 22.30
C GLN E 71 15.98 27.32 20.80
N TYR E 72 17.15 27.22 20.17
CA TYR E 72 17.19 27.10 18.71
C TYR E 72 17.45 25.69 18.20
N ALA E 73 17.68 24.71 19.08
CA ALA E 73 17.90 23.35 18.59
C ALA E 73 16.63 22.72 18.05
N SER E 74 15.45 23.26 18.39
CA SER E 74 14.20 22.75 17.85
C SER E 74 14.07 22.97 16.36
N LEU E 75 14.88 23.85 15.77
CA LEU E 75 14.81 24.10 14.33
C LEU E 75 15.23 22.90 13.50
N ILE E 76 15.91 21.92 14.09
CA ILE E 76 16.33 20.72 13.37
C ILE E 76 15.17 19.73 13.37
N PRO E 77 14.63 19.38 12.20
CA PRO E 77 13.47 18.47 12.12
C PRO E 77 13.87 17.00 12.28
N VAL E 78 14.25 16.63 13.50
CA VAL E 78 14.76 15.28 13.73
C VAL E 78 13.68 14.24 13.45
N SER E 79 12.49 14.43 14.05
CA SER E 79 11.43 13.44 13.88
C SER E 79 10.90 13.44 12.46
N PHE E 80 10.81 14.61 11.83
CA PHE E 80 10.27 14.68 10.48
C PHE E 80 11.05 13.78 9.53
N VAL E 81 12.38 13.90 9.52
CA VAL E 81 13.20 13.08 8.63
C VAL E 81 13.28 11.64 9.14
N LEU E 82 13.39 11.48 10.47
CA LEU E 82 13.59 10.15 11.04
C LEU E 82 12.41 9.23 10.75
N GLY E 83 11.18 9.75 10.89
CA GLY E 83 10.02 8.91 10.66
C GLY E 83 9.93 8.42 9.23
N PHE E 84 10.13 9.32 8.27
CA PHE E 84 10.07 8.92 6.87
C PHE E 84 11.14 7.90 6.56
N TYR E 85 12.37 8.13 7.06
CA TYR E 85 13.45 7.21 6.80
C TYR E 85 13.15 5.83 7.36
N VAL E 86 12.67 5.78 8.60
CA VAL E 86 12.41 4.50 9.25
C VAL E 86 11.28 3.76 8.55
N THR E 87 10.24 4.49 8.13
CA THR E 87 9.16 3.85 7.40
C THR E 87 9.66 3.22 6.11
N LEU E 88 10.46 3.98 5.35
CA LEU E 88 11.01 3.44 4.11
C LEU E 88 11.84 2.18 4.38
N VAL E 89 12.70 2.24 5.40
CA VAL E 89 13.58 1.10 5.70
C VAL E 89 12.76 -0.12 6.09
N VAL E 90 11.73 0.07 6.92
CA VAL E 90 10.94 -1.06 7.41
C VAL E 90 10.15 -1.70 6.27
N ASN E 91 9.57 -0.87 5.40
CA ASN E 91 8.86 -1.42 4.24
C ASN E 91 9.81 -2.22 3.36
N ARG E 92 10.99 -1.66 3.08
CA ARG E 92 11.97 -2.41 2.29
C ARG E 92 12.36 -3.71 2.98
N TRP E 93 12.45 -3.69 4.30
CA TRP E 93 12.86 -4.87 5.06
C TRP E 93 11.86 -6.01 4.87
N TRP E 94 10.57 -5.72 5.09
CA TRP E 94 9.59 -6.78 4.91
C TRP E 94 9.52 -7.23 3.45
N SER E 95 9.60 -6.28 2.50
CA SER E 95 9.58 -6.67 1.10
C SER E 95 10.74 -7.59 0.77
N GLN E 96 11.94 -7.29 1.28
CA GLN E 96 13.10 -8.12 1.03
C GLN E 96 12.92 -9.51 1.62
N TYR E 97 12.34 -9.60 2.82
CA TYR E 97 12.09 -10.94 3.34
C TYR E 97 11.14 -11.71 2.43
N LEU E 98 10.09 -11.06 1.94
CA LEU E 98 9.14 -11.73 1.07
C LEU E 98 9.76 -12.15 -0.26
N CYS E 99 10.93 -11.62 -0.61
CA CYS E 99 11.57 -11.93 -1.89
C CYS E 99 12.55 -13.08 -1.82
N MET E 100 12.81 -13.63 -0.65
CA MET E 100 13.73 -14.76 -0.55
C MET E 100 13.11 -15.97 -1.24
N PRO E 101 13.79 -16.58 -2.21
CA PRO E 101 13.18 -17.70 -2.93
C PRO E 101 12.97 -18.91 -2.05
N LEU E 102 11.87 -19.61 -2.27
CA LEU E 102 11.56 -20.85 -1.59
C LEU E 102 11.17 -21.91 -2.61
N PRO E 103 11.60 -23.16 -2.40
CA PRO E 103 11.36 -24.21 -3.39
C PRO E 103 10.06 -25.01 -3.17
N ASP E 104 9.20 -24.56 -2.26
CA ASP E 104 8.04 -25.38 -1.88
C ASP E 104 7.09 -25.58 -3.06
N ALA E 105 6.71 -24.50 -3.73
CA ALA E 105 5.82 -24.62 -4.88
C ALA E 105 6.47 -25.46 -5.97
N LEU E 106 7.74 -25.20 -6.25
CA LEU E 106 8.45 -25.95 -7.27
C LEU E 106 8.56 -27.43 -6.90
N MET E 107 8.81 -27.73 -5.62
CA MET E 107 8.95 -29.13 -5.23
C MET E 107 7.61 -29.85 -5.32
N CYS E 108 6.52 -29.20 -4.94
CA CYS E 108 5.21 -29.81 -5.10
C CYS E 108 4.92 -30.09 -6.58
N VAL E 109 5.19 -29.11 -7.44
CA VAL E 109 4.94 -29.30 -8.87
C VAL E 109 5.81 -30.43 -9.42
N VAL E 110 7.08 -30.47 -9.03
CA VAL E 110 7.99 -31.48 -9.55
C VAL E 110 7.57 -32.86 -9.09
N ALA E 111 7.20 -33.00 -7.82
CA ALA E 111 6.73 -34.29 -7.32
C ALA E 111 5.45 -34.71 -8.01
N GLY E 112 4.62 -33.76 -8.43
CA GLY E 112 3.40 -34.12 -9.13
C GLY E 112 3.52 -34.33 -10.63
N THR E 113 4.59 -33.82 -11.25
CA THR E 113 4.69 -33.77 -12.70
C THR E 113 5.84 -34.56 -13.29
N VAL E 114 6.98 -34.65 -12.62
CA VAL E 114 8.15 -35.38 -13.12
C VAL E 114 8.09 -36.79 -12.56
N HIS E 115 8.01 -37.77 -13.44
CA HIS E 115 7.63 -39.12 -13.06
C HIS E 115 8.73 -40.13 -13.35
N GLY E 116 8.62 -41.28 -12.69
CA GLY E 116 9.59 -42.35 -12.80
C GLY E 116 10.16 -42.74 -11.47
N ARG E 117 9.96 -43.99 -11.08
CA ARG E 117 10.50 -44.51 -9.82
C ARG E 117 11.91 -45.07 -9.97
N ASP E 118 12.44 -45.10 -11.19
CA ASP E 118 13.78 -45.62 -11.43
C ASP E 118 14.83 -44.54 -11.16
N ASP E 119 16.08 -44.82 -11.52
CA ASP E 119 17.16 -43.90 -11.23
C ASP E 119 17.06 -42.63 -12.08
N ARG E 120 16.59 -42.76 -13.32
CA ARG E 120 16.52 -41.59 -14.18
C ARG E 120 15.50 -40.58 -13.68
N GLY E 121 14.33 -41.05 -13.23
CA GLY E 121 13.34 -40.13 -12.69
C GLY E 121 13.80 -39.44 -11.42
N ARG E 122 14.43 -40.20 -10.53
CA ARG E 122 15.05 -39.60 -9.35
C ARG E 122 16.06 -38.54 -9.76
N LEU E 123 16.89 -38.84 -10.76
CA LEU E 123 17.87 -37.88 -11.22
C LEU E 123 17.20 -36.61 -11.73
N TYR E 124 16.14 -36.75 -12.51
CA TYR E 124 15.43 -35.59 -13.03
C TYR E 124 14.91 -34.71 -11.90
N ARG E 125 14.16 -35.31 -10.97
CA ARG E 125 13.56 -34.52 -9.90
C ARG E 125 14.62 -33.87 -9.01
N ARG E 126 15.62 -34.65 -8.61
CA ARG E 126 16.67 -34.13 -7.75
C ARG E 126 17.45 -33.02 -8.44
N THR E 127 17.74 -33.18 -9.73
CA THR E 127 18.49 -32.16 -10.45
C THR E 127 17.70 -30.88 -10.61
N LEU E 128 16.39 -30.98 -10.88
CA LEU E 128 15.58 -29.77 -10.99
C LEU E 128 15.57 -29.01 -9.67
N MET E 129 15.32 -29.73 -8.56
CA MET E 129 15.30 -29.05 -7.27
C MET E 129 16.68 -28.50 -6.90
N ARG E 130 17.75 -29.21 -7.29
CA ARG E 130 19.09 -28.73 -7.01
C ARG E 130 19.43 -27.50 -7.84
N TYR E 131 18.93 -27.42 -9.07
CA TYR E 131 19.13 -26.22 -9.87
C TYR E 131 18.45 -25.02 -9.22
N ALA E 132 17.22 -25.20 -8.74
CA ALA E 132 16.56 -24.12 -8.01
C ALA E 132 17.37 -23.70 -6.79
N GLY E 133 17.79 -24.68 -5.99
CA GLY E 133 18.56 -24.37 -4.79
C GLY E 133 19.89 -23.70 -5.10
N LEU E 134 20.54 -24.12 -6.18
CA LEU E 134 21.81 -23.52 -6.59
C LEU E 134 21.63 -22.08 -7.00
N SER E 135 20.57 -21.78 -7.75
CA SER E 135 20.32 -20.39 -8.11
C SER E 135 20.08 -19.54 -6.87
N ALA E 136 19.32 -20.08 -5.91
CA ALA E 136 19.11 -19.35 -4.66
C ALA E 136 20.42 -19.12 -3.92
N VAL E 137 21.28 -20.15 -3.86
CA VAL E 137 22.56 -20.03 -3.18
C VAL E 137 23.43 -18.97 -3.84
N LEU E 138 23.46 -18.96 -5.17
CA LEU E 138 24.28 -17.99 -5.88
C LEU E 138 23.82 -16.56 -5.57
N ILE E 139 22.51 -16.31 -5.67
CA ILE E 139 22.03 -14.95 -5.40
C ILE E 139 22.29 -14.58 -3.94
N LEU E 140 22.07 -15.52 -3.01
CA LEU E 140 22.23 -15.20 -1.60
C LEU E 140 23.68 -14.90 -1.25
N ARG E 141 24.63 -15.68 -1.78
CA ARG E 141 26.03 -15.36 -1.57
C ARG E 141 26.41 -14.06 -2.25
N SER E 142 25.69 -13.66 -3.30
CA SER E 142 25.90 -12.33 -3.88
C SER E 142 25.44 -11.23 -2.94
N VAL E 143 24.31 -11.42 -2.25
CA VAL E 143 23.71 -10.31 -1.50
C VAL E 143 23.86 -10.43 0.01
N SER E 144 24.25 -11.58 0.53
CA SER E 144 24.31 -11.79 1.97
C SER E 144 25.74 -12.04 2.41
N THR E 145 26.16 -11.35 3.47
CA THR E 145 27.52 -11.52 3.97
C THR E 145 27.68 -12.86 4.70
N ALA E 146 26.64 -13.30 5.40
CA ALA E 146 26.71 -14.60 6.08
C ALA E 146 26.86 -15.73 5.07
N VAL E 147 26.04 -15.72 4.03
CA VAL E 147 26.12 -16.76 3.00
C VAL E 147 27.46 -16.68 2.27
N PHE E 148 27.93 -15.46 1.98
CA PHE E 148 29.22 -15.32 1.32
C PHE E 148 30.34 -15.90 2.18
N LYS E 149 30.30 -15.63 3.48
CA LYS E 149 31.29 -16.23 4.37
C LYS E 149 31.21 -17.74 4.34
N ARG E 150 29.99 -18.27 4.27
CA ARG E 150 29.84 -19.72 4.14
C ARG E 150 30.34 -20.23 2.79
N PHE E 151 30.14 -19.44 1.73
CA PHE E 151 30.54 -19.82 0.38
C PHE E 151 31.40 -18.70 -0.21
N PRO E 152 32.63 -18.54 0.26
CA PRO E 152 33.48 -17.46 -0.25
C PRO E 152 33.95 -17.67 -1.70
N THR E 153 33.86 -18.89 -2.22
CA THR E 153 34.24 -19.17 -3.59
C THR E 153 33.26 -20.16 -4.19
N ILE E 154 33.27 -20.27 -5.52
CA ILE E 154 32.42 -21.24 -6.18
C ILE E 154 32.89 -22.66 -5.88
N ASP E 155 34.16 -22.82 -5.52
CA ASP E 155 34.64 -24.11 -5.06
C ASP E 155 33.89 -24.56 -3.82
N HIS E 156 33.59 -23.62 -2.91
CA HIS E 156 32.80 -23.95 -1.73
C HIS E 156 31.41 -24.42 -2.12
N VAL E 157 30.80 -23.78 -3.12
CA VAL E 157 29.48 -24.21 -3.60
C VAL E 157 29.56 -25.62 -4.16
N VAL E 158 30.62 -25.92 -4.92
CA VAL E 158 30.75 -27.26 -5.48
C VAL E 158 30.93 -28.29 -4.38
N GLU E 159 31.76 -27.99 -3.38
CA GLU E 159 31.96 -28.91 -2.26
C GLU E 159 30.73 -29.07 -1.40
N ALA E 160 29.87 -28.05 -1.31
CA ALA E 160 28.62 -28.18 -0.57
C ALA E 160 27.61 -29.08 -1.27
N GLY E 161 27.88 -29.47 -2.52
CA GLY E 161 26.99 -30.34 -3.26
C GLY E 161 25.94 -29.63 -4.10
N PHE E 162 25.88 -28.30 -4.05
CA PHE E 162 24.89 -27.57 -4.83
C PHE E 162 25.24 -27.56 -6.31
N MET E 163 26.53 -27.64 -6.64
CA MET E 163 27.00 -27.69 -8.01
C MET E 163 27.94 -28.88 -8.18
N THR E 164 27.92 -29.46 -9.36
CA THR E 164 28.84 -30.54 -9.71
C THR E 164 30.07 -29.98 -10.41
N ARG E 165 31.07 -30.83 -10.62
CA ARG E 165 32.28 -30.40 -11.29
C ARG E 165 32.03 -30.09 -12.75
N GLU E 166 31.25 -30.92 -13.44
CA GLU E 166 30.91 -30.64 -14.84
C GLU E 166 30.07 -29.38 -14.98
N GLU E 167 29.07 -29.23 -14.11
CA GLU E 167 28.30 -28.00 -14.09
C GLU E 167 29.19 -26.81 -13.77
N ARG E 168 30.18 -27.01 -12.91
CA ARG E 168 31.12 -25.93 -12.61
C ARG E 168 31.91 -25.53 -13.86
N LYS E 169 32.36 -26.52 -14.63
CA LYS E 169 33.07 -26.22 -15.86
C LYS E 169 32.20 -25.42 -16.83
N LYS E 170 30.95 -25.86 -17.01
CA LYS E 170 30.04 -25.12 -17.89
C LYS E 170 29.80 -23.70 -17.35
N PHE E 171 29.63 -23.59 -16.04
CA PHE E 171 29.35 -22.30 -15.41
C PHE E 171 30.49 -21.32 -15.61
N GLU E 172 31.72 -21.79 -15.41
CA GLU E 172 32.88 -20.91 -15.53
C GLU E 172 33.22 -20.61 -16.99
N ASN E 173 32.92 -21.54 -17.90
CA ASN E 173 33.21 -21.29 -19.30
C ASN E 173 32.26 -20.27 -19.93
N LEU E 174 31.13 -19.99 -19.28
CA LEU E 174 30.22 -18.98 -19.80
C LEU E 174 30.87 -17.60 -19.76
N ASN E 175 30.88 -16.93 -20.89
CA ASN E 175 31.56 -15.64 -21.01
C ASN E 175 30.57 -14.53 -20.69
N SER E 176 30.60 -14.07 -19.44
CA SER E 176 29.69 -13.02 -18.99
C SER E 176 30.33 -12.31 -17.80
N SER E 177 30.27 -10.98 -17.83
CA SER E 177 30.82 -10.17 -16.75
C SER E 177 29.80 -9.82 -15.68
N TYR E 178 28.58 -10.32 -15.80
CA TYR E 178 27.51 -10.02 -14.84
C TYR E 178 27.24 -11.23 -13.97
N ASN E 179 26.49 -11.00 -12.90
CA ASN E 179 26.16 -12.08 -11.97
C ASN E 179 25.47 -13.21 -12.70
N LYS E 180 25.88 -14.44 -12.41
CA LYS E 180 25.41 -15.63 -13.11
C LYS E 180 24.38 -16.42 -12.31
N TYR E 181 23.73 -15.77 -11.34
CA TYR E 181 22.76 -16.48 -10.51
C TYR E 181 21.65 -17.10 -11.34
N TRP E 182 21.37 -16.56 -12.52
CA TRP E 182 20.29 -17.01 -13.39
C TRP E 182 20.62 -18.27 -14.17
N VAL E 183 21.90 -18.64 -14.27
CA VAL E 183 22.28 -19.78 -15.11
C VAL E 183 21.57 -21.06 -14.70
N PRO E 184 21.47 -21.42 -13.42
CA PRO E 184 20.74 -22.64 -13.06
C PRO E 184 19.27 -22.60 -13.49
N CYS E 185 18.66 -21.42 -13.59
CA CYS E 185 17.28 -21.35 -14.04
C CYS E 185 17.15 -21.72 -15.51
N VAL E 186 18.11 -21.29 -16.34
CA VAL E 186 18.13 -21.71 -17.74
C VAL E 186 18.42 -23.20 -17.85
N TRP E 187 19.30 -23.71 -16.97
CA TRP E 187 19.51 -25.15 -16.93
C TRP E 187 18.22 -25.88 -16.58
N PHE E 188 17.45 -25.32 -15.63
CA PHE E 188 16.17 -25.90 -15.25
C PHE E 188 15.21 -25.94 -16.43
N SER E 189 15.13 -24.84 -17.18
CA SER E 189 14.25 -24.80 -18.34
C SER E 189 14.66 -25.86 -19.37
N ASN E 190 15.95 -25.95 -19.66
CA ASN E 190 16.42 -26.93 -20.63
C ASN E 190 16.15 -28.36 -20.16
N LEU E 191 16.39 -28.63 -18.87
CA LEU E 191 16.17 -29.98 -18.35
C LEU E 191 14.69 -30.34 -18.33
N ALA E 192 13.84 -29.39 -17.98
CA ALA E 192 12.40 -29.64 -18.03
C ALA E 192 11.93 -29.92 -19.45
N ALA E 193 12.45 -29.17 -20.42
CA ALA E 193 12.12 -29.45 -21.81
C ALA E 193 12.58 -30.84 -22.22
N GLN E 194 13.79 -31.23 -21.80
CA GLN E 194 14.28 -32.57 -22.11
C GLN E 194 13.40 -33.64 -21.48
N ALA E 195 12.99 -33.44 -20.23
CA ALA E 195 12.14 -34.42 -19.56
C ALA E 195 10.80 -34.54 -20.26
N ARG E 196 10.21 -33.41 -20.67
CA ARG E 196 8.95 -33.47 -21.41
C ARG E 196 9.13 -34.20 -22.73
N ARG E 197 10.22 -33.92 -23.44
CA ARG E 197 10.46 -34.62 -24.70
C ARG E 197 10.70 -36.10 -24.48
N GLU E 198 11.24 -36.48 -23.33
CA GLU E 198 11.52 -37.87 -23.01
C GLU E 198 10.29 -38.64 -22.52
N GLY E 199 9.21 -37.94 -22.16
CA GLY E 199 8.03 -38.57 -21.63
C GLY E 199 7.93 -38.58 -20.12
N ARG E 200 8.99 -38.16 -19.42
CA ARG E 200 8.94 -38.11 -17.96
C ARG E 200 7.89 -37.11 -17.49
N ILE E 201 7.81 -35.96 -18.14
CA ILE E 201 6.68 -35.05 -17.99
C ILE E 201 5.65 -35.44 -19.05
N ARG E 202 4.43 -35.76 -18.59
CA ARG E 202 3.47 -36.45 -19.43
C ARG E 202 2.61 -35.54 -20.30
N ASP E 203 2.55 -34.25 -20.00
CA ASP E 203 1.69 -33.37 -20.79
C ASP E 203 2.32 -31.98 -20.86
N ASN E 204 1.86 -31.21 -21.86
CA ASN E 204 2.36 -29.87 -22.06
C ASN E 204 1.93 -28.92 -20.96
N SER E 205 0.75 -29.15 -20.39
CA SER E 205 0.30 -28.31 -19.27
CA SER E 205 0.29 -28.33 -19.27
C SER E 205 1.21 -28.47 -18.06
N ALA E 206 1.69 -29.69 -17.80
CA ALA E 206 2.61 -29.89 -16.70
C ALA E 206 3.91 -29.13 -16.91
N LEU E 207 4.44 -29.16 -18.14
CA LEU E 207 5.64 -28.40 -18.45
C LEU E 207 5.39 -26.90 -18.29
N LYS E 208 4.22 -26.42 -18.72
CA LYS E 208 3.91 -25.01 -18.55
C LYS E 208 3.86 -24.62 -17.08
N LEU E 209 3.24 -25.46 -16.24
CA LEU E 209 3.19 -25.17 -14.82
C LEU E 209 4.59 -25.17 -14.20
N LEU E 210 5.43 -26.12 -14.61
CA LEU E 210 6.82 -26.13 -14.14
C LEU E 210 7.53 -24.84 -14.51
N LEU E 211 7.37 -24.40 -15.75
CA LEU E 211 8.05 -23.17 -16.19
C LEU E 211 7.52 -21.95 -15.47
N GLU E 212 6.20 -21.91 -15.18
CA GLU E 212 5.65 -20.79 -14.43
C GLU E 212 6.21 -20.74 -13.02
N GLU E 213 6.29 -21.89 -12.35
CA GLU E 213 6.87 -21.93 -11.02
C GLU E 213 8.34 -21.51 -11.07
N LEU E 214 9.07 -21.97 -12.08
CA LEU E 214 10.46 -21.57 -12.24
C LEU E 214 10.58 -20.06 -12.42
N ASN E 215 9.68 -19.47 -13.19
CA ASN E 215 9.73 -18.02 -13.38
C ASN E 215 9.45 -17.27 -12.09
N VAL E 216 8.51 -17.77 -11.28
CA VAL E 216 8.28 -17.13 -9.97
C VAL E 216 9.53 -17.19 -9.11
N PHE E 217 10.16 -18.36 -9.05
CA PHE E 217 11.38 -18.53 -8.26
C PHE E 217 12.49 -17.59 -8.74
N ARG E 218 12.73 -17.58 -10.06
CA ARG E 218 13.77 -16.72 -10.62
C ARG E 218 13.44 -15.25 -10.42
N GLY E 219 12.16 -14.89 -10.44
CA GLY E 219 11.80 -13.52 -10.18
C GLY E 219 12.11 -13.09 -8.76
N LYS E 220 11.89 -14.00 -7.79
CA LYS E 220 12.28 -13.68 -6.42
C LYS E 220 13.80 -13.52 -6.30
N CYS E 221 14.57 -14.38 -6.98
CA CYS E 221 16.02 -14.20 -6.98
C CYS E 221 16.41 -12.84 -7.56
N GLY E 222 15.80 -12.47 -8.68
CA GLY E 222 16.11 -11.19 -9.28
C GLY E 222 15.70 -10.01 -8.42
N MET E 223 14.59 -10.14 -7.69
CA MET E 223 14.18 -9.10 -6.77
C MET E 223 15.20 -8.95 -5.64
N LEU E 224 15.74 -10.06 -5.15
CA LEU E 224 16.82 -9.97 -4.17
C LEU E 224 18.00 -9.19 -4.73
N PHE E 225 18.38 -9.51 -5.97
CA PHE E 225 19.47 -8.78 -6.60
C PHE E 225 19.17 -7.29 -6.70
N HIS E 226 17.95 -6.94 -7.12
CA HIS E 226 17.58 -5.53 -7.29
C HIS E 226 17.61 -4.78 -5.96
N TYR E 227 17.09 -5.40 -4.90
CA TYR E 227 17.13 -4.77 -3.60
C TYR E 227 18.56 -4.56 -3.13
N ASP E 228 19.43 -5.54 -3.37
CA ASP E 228 20.83 -5.36 -3.02
C ASP E 228 21.45 -4.21 -3.80
N TRP E 229 21.13 -4.09 -5.09
CA TRP E 229 21.75 -3.08 -5.92
C TRP E 229 21.23 -1.69 -5.59
N ILE E 230 19.92 -1.50 -5.66
CA ILE E 230 19.31 -0.17 -5.47
C ILE E 230 19.15 0.01 -3.96
N SER E 231 20.17 0.58 -3.34
CA SER E 231 20.10 0.90 -1.92
C SER E 231 19.12 2.02 -1.67
N VAL E 232 18.77 2.22 -0.40
CA VAL E 232 18.05 3.45 -0.05
C VAL E 232 18.91 4.62 -0.46
N PRO E 233 18.36 5.68 -1.07
CA PRO E 233 19.19 6.77 -1.55
C PRO E 233 20.16 7.26 -0.49
N LEU E 234 21.44 7.35 -0.87
CA LEU E 234 22.48 7.76 0.07
C LEU E 234 22.20 9.14 0.64
N VAL E 235 21.51 10.00 -0.13
CA VAL E 235 21.17 11.33 0.35
C VAL E 235 20.31 11.24 1.60
N TYR E 236 19.32 10.35 1.60
CA TYR E 236 18.45 10.21 2.77
C TYR E 236 19.23 9.74 3.99
N THR E 237 20.10 8.74 3.80
CA THR E 237 20.90 8.24 4.92
C THR E 237 21.77 9.33 5.49
N GLN E 238 22.48 10.06 4.63
CA GLN E 238 23.34 11.14 5.10
C GLN E 238 22.52 12.20 5.81
N VAL E 239 21.35 12.55 5.27
CA VAL E 239 20.55 13.62 5.85
C VAL E 239 20.06 13.22 7.24
N VAL E 240 19.57 12.00 7.40
CA VAL E 240 19.08 11.57 8.70
CA VAL E 240 19.08 11.55 8.70
C VAL E 240 20.24 11.48 9.70
N THR E 241 21.38 10.94 9.28
CA THR E 241 22.53 10.85 10.16
C THR E 241 22.96 12.24 10.63
N ILE E 242 23.04 13.19 9.70
CA ILE E 242 23.45 14.54 10.05
C ILE E 242 22.42 15.19 10.96
N ALA E 243 21.13 15.00 10.69
CA ALA E 243 20.11 15.58 11.54
C ALA E 243 20.25 15.09 12.98
N LEU E 244 20.35 13.77 13.16
CA LEU E 244 20.49 13.23 14.50
C LEU E 244 21.75 13.73 15.17
N TYR E 245 22.88 13.68 14.47
CA TYR E 245 24.15 14.07 15.05
C TYR E 245 24.14 15.54 15.45
N SER E 246 23.68 16.41 14.56
CA SER E 246 23.67 17.84 14.85
C SER E 246 22.69 18.16 15.97
N TYR E 247 21.52 17.53 15.97
CA TYR E 247 20.57 17.79 17.05
C TYR E 247 21.16 17.44 18.41
N PHE E 248 21.81 16.28 18.52
CA PHE E 248 22.31 15.90 19.84
C PHE E 248 23.63 16.57 20.19
N LEU E 249 24.42 16.98 19.20
CA LEU E 249 25.54 17.86 19.48
C LEU E 249 25.06 19.20 20.03
N ALA E 250 23.96 19.73 19.49
CA ALA E 250 23.37 20.94 20.05
C ALA E 250 22.84 20.69 21.47
N CYS E 251 22.20 19.55 21.68
CA CYS E 251 21.70 19.22 23.02
C CYS E 251 22.82 19.05 24.03
N LEU E 252 24.02 18.66 23.58
CA LEU E 252 25.16 18.59 24.50
C LEU E 252 25.39 19.92 25.21
N ILE E 253 25.12 21.03 24.53
CA ILE E 253 25.27 22.35 25.14
C ILE E 253 23.96 22.86 25.71
N GLY E 254 22.88 22.77 24.93
CA GLY E 254 21.61 23.36 25.33
C GLY E 254 20.95 22.67 26.49
N ARG E 255 21.28 21.40 26.74
CA ARG E 255 20.69 20.63 27.82
C ARG E 255 21.55 20.64 29.08
N GLN E 256 22.57 21.49 29.13
CA GLN E 256 23.42 21.57 30.30
C GLN E 256 22.67 22.18 31.48
N PHE E 257 23.00 21.70 32.67
CA PHE E 257 22.43 22.26 33.89
C PHE E 257 23.17 23.54 34.24
N LEU E 258 22.45 24.65 34.23
CA LEU E 258 23.00 25.95 34.56
C LEU E 258 22.88 26.21 36.05
N ASP E 259 23.70 27.12 36.55
CA ASP E 259 23.75 27.40 37.97
C ASP E 259 22.41 27.97 38.43
N PRO E 260 21.72 27.31 39.37
CA PRO E 260 20.42 27.83 39.81
C PRO E 260 20.48 29.19 40.48
N ALA E 261 21.66 29.59 40.97
CA ALA E 261 21.79 30.90 41.61
C ALA E 261 21.73 32.04 40.61
N GLN E 262 21.77 31.76 39.31
CA GLN E 262 21.69 32.80 38.30
C GLN E 262 20.26 33.17 37.91
N GLY E 263 19.27 32.48 38.46
CA GLY E 263 17.89 32.86 38.24
C GLY E 263 17.40 32.71 36.82
N TYR E 264 18.10 31.94 36.00
CA TYR E 264 17.65 31.75 34.63
C TYR E 264 16.32 31.03 34.60
N LYS E 265 15.42 31.52 33.76
CA LYS E 265 14.14 30.86 33.59
C LYS E 265 14.34 29.40 33.22
N ASP E 266 13.64 28.51 33.91
CA ASP E 266 13.57 27.08 33.63
C ASP E 266 14.83 26.36 34.10
N HIS E 267 15.85 27.07 34.57
CA HIS E 267 17.03 26.46 35.19
C HIS E 267 16.99 26.71 36.69
N ASP E 268 16.25 25.86 37.39
CA ASP E 268 16.06 26.00 38.83
C ASP E 268 16.49 24.78 39.62
N LEU E 269 16.60 23.62 39.00
CA LEU E 269 16.94 22.37 39.68
C LEU E 269 18.15 21.77 39.00
N ASP E 270 19.22 21.57 39.77
CA ASP E 270 20.47 20.99 39.25
C ASP E 270 20.48 19.50 39.58
N LEU E 271 20.08 18.68 38.61
CA LEU E 271 20.07 17.23 38.78
C LEU E 271 21.38 16.58 38.33
N CYS E 272 22.31 17.35 37.78
CA CYS E 272 23.57 16.81 37.31
C CYS E 272 23.38 15.90 36.11
N VAL E 273 22.69 14.78 36.29
CA VAL E 273 22.46 13.82 35.20
C VAL E 273 21.24 14.28 34.40
N PRO E 274 21.38 14.46 33.08
CA PRO E 274 20.24 14.85 32.22
C PRO E 274 19.36 13.66 31.85
N ILE E 275 18.44 13.32 32.77
CA ILE E 275 17.64 12.10 32.62
C ILE E 275 16.81 12.15 31.34
N PHE E 276 16.11 13.26 31.13
CA PHE E 276 15.20 13.33 29.99
C PHE E 276 15.95 13.52 28.69
N THR E 277 17.07 14.26 28.71
CA THR E 277 17.91 14.35 27.52
C THR E 277 18.46 12.98 27.16
N LEU E 278 18.90 12.21 28.15
CA LEU E 278 19.36 10.86 27.90
C LEU E 278 18.24 9.97 27.36
N LEU E 279 17.03 10.10 27.88
CA LEU E 279 15.91 9.31 27.37
C LEU E 279 15.58 9.69 25.94
N GLN E 280 15.58 10.98 25.62
CA GLN E 280 15.32 11.42 24.26
C GLN E 280 16.39 10.90 23.29
N PHE E 281 17.66 10.97 23.70
CA PHE E 281 18.71 10.40 22.88
C PHE E 281 18.50 8.91 22.71
N PHE E 282 18.16 8.21 23.80
CA PHE E 282 17.91 6.78 23.71
C PHE E 282 16.86 6.50 22.64
N PHE E 283 15.74 7.21 22.68
CA PHE E 283 14.65 6.92 21.75
C PHE E 283 15.03 7.25 20.32
N TYR E 284 15.58 8.44 20.07
CA TYR E 284 15.86 8.85 18.69
C TYR E 284 17.01 8.05 18.08
N ALA E 285 18.12 7.93 18.82
CA ALA E 285 19.23 7.12 18.36
C ALA E 285 18.83 5.66 18.22
N GLY E 286 17.94 5.17 19.08
CA GLY E 286 17.48 3.80 18.92
C GLY E 286 16.64 3.60 17.68
N TRP E 287 15.80 4.59 17.36
CA TRP E 287 15.05 4.54 16.10
C TRP E 287 16.01 4.46 14.92
N LEU E 288 17.01 5.32 14.91
CA LEU E 288 17.99 5.28 13.83
C LEU E 288 18.79 3.99 13.83
N LYS E 289 19.05 3.40 15.00
CA LYS E 289 19.80 2.15 15.05
C LYS E 289 18.97 0.98 14.54
N VAL E 290 17.66 0.98 14.81
CA VAL E 290 16.80 -0.02 14.19
C VAL E 290 16.82 0.13 12.68
N ALA E 291 16.76 1.38 12.19
CA ALA E 291 16.90 1.58 10.75
C ALA E 291 18.22 1.04 10.24
N GLU E 292 19.31 1.28 10.97
CA GLU E 292 20.63 0.81 10.57
C GLU E 292 20.69 -0.71 10.48
N GLN E 293 20.11 -1.38 11.47
CA GLN E 293 20.14 -2.84 11.49
C GLN E 293 19.25 -3.41 10.39
N LEU E 294 18.09 -2.81 10.13
CA LEU E 294 17.16 -3.35 9.16
C LEU E 294 17.49 -2.96 7.73
N ILE E 295 18.35 -1.97 7.52
CA ILE E 295 18.57 -1.45 6.17
C ILE E 295 19.16 -2.53 5.28
N ASN E 296 20.07 -3.34 5.81
CA ASN E 296 20.61 -4.51 5.11
C ASN E 296 20.29 -5.73 5.97
N PRO E 297 19.15 -6.39 5.74
CA PRO E 297 18.74 -7.51 6.59
C PRO E 297 19.48 -8.81 6.32
N PHE E 298 20.48 -8.80 5.45
CA PHE E 298 21.26 -9.99 5.13
C PHE E 298 22.66 -9.94 5.73
N GLY E 299 22.88 -9.05 6.70
CA GLY E 299 24.13 -9.00 7.43
C GLY E 299 24.20 -10.06 8.49
N GLU E 300 24.88 -9.73 9.60
CA GLU E 300 25.06 -10.66 10.70
C GLU E 300 24.54 -10.09 12.01
N ASP E 301 23.56 -9.20 11.94
CA ASP E 301 22.90 -8.71 13.14
C ASP E 301 22.04 -9.82 13.74
N ASP E 302 21.67 -9.64 15.00
CA ASP E 302 20.85 -10.63 15.68
C ASP E 302 19.48 -10.77 15.00
N ASP E 303 18.90 -9.65 14.57
CA ASP E 303 17.59 -9.64 13.94
C ASP E 303 17.65 -9.77 12.43
N ASP E 304 18.83 -9.98 11.86
CA ASP E 304 18.92 -10.22 10.43
C ASP E 304 18.39 -11.61 10.07
N PHE E 305 17.99 -11.77 8.82
CA PHE E 305 17.41 -13.03 8.38
C PHE E 305 18.43 -14.16 8.48
N GLU E 306 17.96 -15.34 8.83
CA GLU E 306 18.80 -16.53 8.94
C GLU E 306 18.90 -17.20 7.58
N THR E 307 19.78 -16.66 6.75
CA THR E 307 19.88 -17.11 5.37
C THR E 307 20.50 -18.50 5.27
N ASN E 308 21.51 -18.80 6.09
CA ASN E 308 22.13 -20.12 6.04
C ASN E 308 21.17 -21.20 6.51
N PHE E 309 20.44 -20.93 7.58
CA PHE E 309 19.41 -21.86 8.03
C PHE E 309 18.38 -22.10 6.94
N LEU E 310 17.96 -21.04 6.26
CA LEU E 310 16.97 -21.18 5.20
C LEU E 310 17.52 -21.98 4.03
N ILE E 311 18.78 -21.77 3.67
CA ILE E 311 19.40 -22.56 2.61
C ILE E 311 19.37 -24.04 2.98
N ASP E 312 19.81 -24.37 4.19
CA ASP E 312 19.84 -25.76 4.61
C ASP E 312 18.44 -26.38 4.62
N ARG E 313 17.48 -25.66 5.21
CA ARG E 313 16.12 -26.16 5.30
C ARG E 313 15.53 -26.38 3.92
N ASN E 314 15.72 -25.41 3.02
CA ASN E 314 15.14 -25.52 1.69
C ASN E 314 15.72 -26.70 0.94
N PHE E 315 17.04 -26.87 0.99
CA PHE E 315 17.64 -28.00 0.28
C PHE E 315 17.14 -29.33 0.84
N GLN E 316 17.15 -29.46 2.17
CA GLN E 316 16.73 -30.71 2.78
C GLN E 316 15.29 -31.04 2.44
N VAL E 317 14.39 -30.05 2.58
CA VAL E 317 12.98 -30.27 2.33
C VAL E 317 12.72 -30.59 0.86
N SER E 318 13.38 -29.87 -0.06
CA SER E 318 13.18 -30.13 -1.48
C SER E 318 13.62 -31.53 -1.85
N MET E 319 14.81 -31.93 -1.39
CA MET E 319 15.29 -33.27 -1.71
C MET E 319 14.36 -34.33 -1.15
N LEU E 320 13.92 -34.15 0.10
CA LEU E 320 12.99 -35.10 0.70
C LEU E 320 11.71 -35.20 -0.12
N ALA E 321 11.10 -34.06 -0.43
CA ALA E 321 9.80 -34.03 -1.10
C ALA E 321 9.88 -34.67 -2.48
N VAL E 322 10.95 -34.39 -3.24
CA VAL E 322 10.99 -34.89 -4.61
C VAL E 322 11.61 -36.27 -4.75
N ASP E 323 12.31 -36.77 -3.72
CA ASP E 323 12.94 -38.08 -3.82
C ASP E 323 12.28 -39.11 -2.92
N GLU E 324 12.24 -38.86 -1.60
CA GLU E 324 11.71 -39.87 -0.69
C GLU E 324 10.18 -39.93 -0.75
N MET E 325 9.54 -38.80 -0.96
CA MET E 325 8.09 -38.70 -0.91
C MET E 325 7.43 -38.91 -2.27
N TYR E 326 8.19 -39.17 -3.32
CA TYR E 326 7.59 -39.33 -4.64
C TYR E 326 6.85 -40.65 -4.74
N ASP E 327 5.58 -40.58 -5.14
CA ASP E 327 4.75 -41.76 -5.36
C ASP E 327 4.81 -42.69 -4.14
N ASP E 328 4.80 -42.09 -2.96
CA ASP E 328 4.92 -42.80 -1.69
C ASP E 328 3.74 -42.48 -0.79
N LEU E 329 2.54 -42.64 -1.33
CA LEU E 329 1.33 -42.36 -0.58
C LEU E 329 0.89 -43.59 0.20
N ALA E 330 0.19 -43.35 1.31
CA ALA E 330 -0.53 -44.42 1.99
C ALA E 330 -1.76 -44.80 1.19
N VAL E 331 -2.12 -46.08 1.25
CA VAL E 331 -3.28 -46.56 0.50
C VAL E 331 -4.49 -45.69 0.81
N LEU E 332 -5.38 -45.56 -0.16
CA LEU E 332 -6.62 -44.82 0.08
C LEU E 332 -7.48 -45.53 1.10
N GLU E 333 -7.56 -44.96 2.31
CA GLU E 333 -8.40 -45.52 3.37
C GLU E 333 -9.53 -44.55 3.67
N LYS E 334 -10.70 -45.12 3.99
CA LYS E 334 -11.81 -44.31 4.48
C LYS E 334 -11.42 -43.63 5.78
N ASP E 335 -11.78 -42.35 5.90
CA ASP E 335 -11.38 -41.56 7.06
C ASP E 335 -12.35 -41.79 8.21
N LEU E 336 -12.14 -41.02 9.29
CA LEU E 336 -12.95 -41.18 10.49
C LEU E 336 -14.42 -40.88 10.21
N TYR E 337 -14.70 -39.80 9.46
CA TYR E 337 -16.05 -39.31 9.27
C TYR E 337 -16.67 -39.77 7.96
N TRP E 338 -16.28 -40.96 7.50
CA TRP E 338 -16.81 -41.48 6.24
C TRP E 338 -18.33 -41.62 6.29
N ASP E 339 -18.86 -42.10 7.41
CA ASP E 339 -20.29 -42.32 7.55
C ASP E 339 -21.02 -41.14 8.20
N ALA E 340 -20.31 -40.16 8.74
CA ALA E 340 -20.94 -39.02 9.39
C ALA E 340 -21.81 -38.26 8.40
N TYR E 347 -11.88 -31.34 20.49
CA TYR E 347 -11.46 -30.34 21.47
C TYR E 347 -10.94 -31.01 22.74
N THR E 348 -9.95 -30.37 23.36
CA THR E 348 -9.40 -30.86 24.62
C THR E 348 -10.09 -30.18 25.80
N PHE E 360 -21.08 -18.22 13.96
CA PHE E 360 -21.30 -16.93 13.30
C PHE E 360 -21.77 -17.12 11.86
N GLN E 361 -22.88 -16.47 11.51
CA GLN E 361 -23.46 -16.56 10.19
C GLN E 361 -23.39 -15.26 9.41
N GLY E 362 -23.30 -14.13 10.10
CA GLY E 362 -23.32 -12.83 9.45
C GLY E 362 -23.77 -11.76 10.42
N SER E 363 -23.68 -10.52 9.97
CA SER E 363 -24.08 -9.40 10.82
C SER E 363 -25.60 -9.29 10.90
N THR E 364 -26.30 -9.63 9.82
CA THR E 364 -27.75 -9.50 9.78
C THR E 364 -28.48 -10.69 10.36
N PHE E 365 -27.76 -11.72 10.82
CA PHE E 365 -28.39 -12.91 11.38
C PHE E 365 -28.22 -12.96 12.90
#